data_5ZZJ
#
_entry.id   5ZZJ
#
_cell.length_a   122.512
_cell.length_b   155.112
_cell.length_c   164.245
_cell.angle_alpha   90.000
_cell.angle_beta   90.000
_cell.angle_gamma   90.000
#
_symmetry.space_group_name_H-M   'P 21 21 21'
#
loop_
_entity.id
_entity.type
_entity.pdbx_description
1 polymer 'Santalene synthase'
2 water water
#
_entity_poly.entity_id   1
_entity_poly.type   'polypeptide(L)'
_entity_poly.pdbx_seq_one_letter_code
;MDSSTATAMTAPFIDPTDHVNLKTDTDASENRRMGNYKPSIWNYDFLQSLATHHNIVEERHLKLAEKLKGQVKFMFGAPM
EPLAKLELVDVVQRLGLNHLFETEIKEALFSIYKDGSNGWWFGHLHATSLRFRLLRQCGLFIPQDVFKTFQNKTGEFDMK
LCDNVKGLLSLYEASYLGWKGENILDEAKAFTTKCLKSAWENISEKWLAKRVKHALALPLHWRVPRIEARWFIEAYEQEA
NMNPTLLKLAKLDFNMVQSIHQKEIGELARWWVTTGLDKLAFARNNLLQSYMWSCAIASDPKFKLARETIVEIGSVLTVV
DDGYDVYGSIDELDLYTSSVERWSCVEIDKLPNTLKLIFMSMFNKTNEVGLRVQHERGYNSIPTFIKAWVEQCKSYQKEA
RWFHGGHTPPLEEYSLNGLVSIGFPLLLITGYVAIAENEAALDKVHPLPDLLHYSSLLSRLINDIGTSPDEMARGDNLKS
IHCYMNETGASEEVAREHIKGVIEENWKILNQCCFDQSQFQEPFITFNLNSVRGSHFFYEFGDGFGVTDSWTKVDMKSVL
IDPIPLGEE
;
_entity_poly.pdbx_strand_id   A,B,C,D
#
# COMPACT_ATOMS: atom_id res chain seq x y z
N PRO A 39 12.48 -21.64 -7.63
CA PRO A 39 13.66 -20.77 -7.76
C PRO A 39 13.25 -19.46 -8.43
N SER A 40 13.59 -18.34 -7.83
CA SER A 40 13.19 -17.02 -8.38
C SER A 40 14.34 -16.43 -9.19
N ILE A 41 14.09 -15.36 -9.92
CA ILE A 41 15.14 -14.69 -10.73
C ILE A 41 15.87 -13.69 -9.85
N TRP A 42 15.38 -13.43 -8.65
CA TRP A 42 16.06 -12.48 -7.74
C TRP A 42 16.92 -13.26 -6.74
N ASN A 43 16.99 -14.56 -6.91
CA ASN A 43 17.85 -15.45 -6.10
C ASN A 43 19.19 -15.53 -6.81
N TYR A 44 20.19 -14.86 -6.28
CA TYR A 44 21.51 -14.77 -6.96
C TYR A 44 22.31 -16.05 -6.73
N ASP A 45 21.93 -16.87 -5.79
CA ASP A 45 22.64 -18.09 -5.59
C ASP A 45 22.30 -18.95 -6.76
N PHE A 46 21.03 -18.95 -7.09
CA PHE A 46 20.54 -19.74 -8.23
C PHE A 46 21.11 -19.21 -9.54
N LEU A 47 21.24 -17.89 -9.67
CA LEU A 47 21.76 -17.29 -10.93
C LEU A 47 23.23 -17.65 -11.07
N GLN A 48 23.98 -17.72 -9.99
CA GLN A 48 25.42 -18.03 -10.07
C GLN A 48 25.60 -19.50 -10.42
N SER A 49 24.57 -20.29 -10.21
CA SER A 49 24.64 -21.75 -10.42
C SER A 49 24.49 -22.10 -11.90
N LEU A 50 24.13 -21.14 -12.71
CA LEU A 50 23.88 -21.40 -14.15
C LEU A 50 25.21 -21.49 -14.89
N ALA A 51 26.28 -21.05 -14.28
CA ALA A 51 27.57 -21.15 -14.98
C ALA A 51 27.94 -22.62 -15.11
N THR A 52 27.48 -23.46 -14.21
CA THR A 52 27.83 -24.89 -14.34
C THR A 52 26.55 -25.70 -14.49
N HIS A 53 25.41 -25.17 -14.11
CA HIS A 53 24.16 -25.97 -14.23
C HIS A 53 23.28 -25.42 -15.35
N HIS A 54 23.77 -25.33 -16.56
CA HIS A 54 22.94 -24.80 -17.67
C HIS A 54 22.44 -25.94 -18.55
N ASN A 55 21.69 -25.65 -19.59
CA ASN A 55 21.18 -26.73 -20.48
C ASN A 55 22.38 -27.40 -21.13
N ILE A 56 22.38 -28.71 -21.20
CA ILE A 56 23.51 -29.42 -21.83
C ILE A 56 23.07 -29.71 -23.27
N VAL A 57 23.83 -29.31 -24.26
CA VAL A 57 23.37 -29.64 -25.63
C VAL A 57 24.07 -30.93 -26.05
N GLU A 58 23.31 -31.98 -26.27
CA GLU A 58 23.90 -33.28 -26.65
C GLU A 58 24.37 -33.23 -28.09
N GLU A 59 25.31 -34.07 -28.45
CA GLU A 59 25.85 -34.12 -29.83
C GLU A 59 24.73 -34.56 -30.77
N ARG A 60 23.72 -35.23 -30.26
CA ARG A 60 22.60 -35.68 -31.12
C ARG A 60 21.75 -34.46 -31.48
N HIS A 61 21.74 -33.47 -30.62
CA HIS A 61 20.98 -32.22 -30.87
C HIS A 61 21.76 -31.39 -31.86
N LEU A 62 23.08 -31.41 -31.78
CA LEU A 62 23.96 -30.67 -32.71
C LEU A 62 23.72 -31.25 -34.11
N LYS A 63 23.63 -32.55 -34.19
CA LYS A 63 23.45 -33.25 -35.48
C LYS A 63 22.04 -33.03 -36.02
N LEU A 64 21.04 -33.12 -35.17
CA LEU A 64 19.64 -32.96 -35.64
C LEU A 64 19.42 -31.53 -36.10
N ALA A 65 20.00 -30.58 -35.42
CA ALA A 65 19.87 -29.16 -35.82
C ALA A 65 20.52 -28.99 -37.18
N GLU A 66 21.60 -29.67 -37.44
CA GLU A 66 22.28 -29.54 -38.76
C GLU A 66 21.36 -30.15 -39.81
N LYS A 67 20.75 -31.27 -39.51
CA LYS A 67 19.85 -31.89 -40.50
C LYS A 67 18.67 -30.96 -40.79
N LEU A 68 18.02 -30.44 -39.75
CA LEU A 68 16.85 -29.56 -39.93
C LEU A 68 17.26 -28.27 -40.63
N LYS A 69 18.40 -27.74 -40.31
CA LYS A 69 18.88 -26.50 -40.95
C LYS A 69 18.89 -26.73 -42.47
N GLY A 70 19.36 -27.87 -42.92
CA GLY A 70 19.45 -28.17 -44.36
C GLY A 70 18.10 -28.33 -44.98
N GLN A 71 17.17 -28.97 -44.30
CA GLN A 71 15.82 -29.12 -44.86
C GLN A 71 15.17 -27.75 -44.98
N VAL A 72 15.47 -26.84 -44.07
CA VAL A 72 14.85 -25.48 -44.14
C VAL A 72 15.52 -24.72 -45.29
N LYS A 73 16.80 -24.90 -45.48
CA LYS A 73 17.52 -24.23 -46.58
C LYS A 73 16.90 -24.71 -47.89
N PHE A 74 16.50 -25.95 -47.96
CA PHE A 74 15.89 -26.48 -49.20
C PHE A 74 14.55 -25.78 -49.40
N MET A 75 13.87 -25.48 -48.33
CA MET A 75 12.56 -24.78 -48.40
C MET A 75 12.77 -23.39 -49.01
N PHE A 76 13.84 -22.73 -48.67
CA PHE A 76 14.09 -21.37 -49.20
C PHE A 76 14.44 -21.44 -50.69
N GLY A 77 15.18 -22.45 -51.11
CA GLY A 77 15.58 -22.53 -52.52
C GLY A 77 14.50 -23.10 -53.42
N ALA A 78 13.58 -23.87 -52.89
CA ALA A 78 12.53 -24.49 -53.73
C ALA A 78 11.57 -23.42 -54.26
N PRO A 79 11.09 -23.59 -55.46
CA PRO A 79 10.16 -22.69 -56.13
C PRO A 79 8.88 -22.63 -55.30
N MET A 80 8.53 -21.47 -54.83
CA MET A 80 7.33 -21.29 -54.00
C MET A 80 6.52 -20.13 -54.56
N GLU A 81 5.23 -20.10 -54.37
CA GLU A 81 4.51 -18.89 -54.85
C GLU A 81 5.01 -17.74 -53.99
N PRO A 82 5.19 -16.56 -54.56
CA PRO A 82 5.72 -15.38 -53.89
C PRO A 82 5.16 -15.16 -52.48
N LEU A 83 3.85 -15.19 -52.32
CA LEU A 83 3.27 -14.95 -50.99
C LEU A 83 3.66 -16.07 -50.04
N ALA A 84 3.84 -17.27 -50.54
CA ALA A 84 4.21 -18.40 -49.66
C ALA A 84 5.67 -18.24 -49.23
N LYS A 85 6.45 -17.52 -50.00
CA LYS A 85 7.88 -17.29 -49.71
C LYS A 85 7.98 -16.22 -48.64
N LEU A 86 7.13 -15.21 -48.74
CA LEU A 86 7.09 -14.10 -47.76
C LEU A 86 6.68 -14.69 -46.41
N GLU A 87 5.77 -15.63 -46.43
CA GLU A 87 5.26 -16.25 -45.18
C GLU A 87 6.32 -17.15 -44.59
N LEU A 88 7.21 -17.68 -45.38
CA LEU A 88 8.28 -18.54 -44.83
C LEU A 88 9.27 -17.64 -44.10
N VAL A 89 9.53 -16.48 -44.65
CA VAL A 89 10.48 -15.50 -44.05
C VAL A 89 9.87 -14.97 -42.75
N ASP A 90 8.60 -14.66 -42.76
CA ASP A 90 7.91 -14.14 -41.62
C ASP A 90 7.93 -15.10 -40.46
N VAL A 91 7.61 -16.36 -40.68
CA VAL A 91 7.62 -17.31 -39.53
C VAL A 91 9.06 -17.65 -39.13
N VAL A 92 10.00 -17.61 -40.05
CA VAL A 92 11.41 -17.90 -39.68
C VAL A 92 11.94 -16.73 -38.86
N GLN A 93 11.52 -15.53 -39.15
CA GLN A 93 11.95 -14.36 -38.34
C GLN A 93 11.26 -14.41 -36.99
N ARG A 94 9.97 -14.65 -36.98
CA ARG A 94 9.16 -14.66 -35.74
C ARG A 94 9.58 -15.79 -34.81
N LEU A 95 10.08 -16.89 -35.33
CA LEU A 95 10.47 -18.06 -34.51
C LEU A 95 11.86 -17.86 -33.94
N GLY A 96 12.54 -16.80 -34.34
CA GLY A 96 13.89 -16.49 -33.87
C GLY A 96 14.95 -17.24 -34.64
N LEU A 97 14.60 -17.87 -35.74
CA LEU A 97 15.57 -18.68 -36.51
C LEU A 97 16.24 -17.81 -37.58
N ASN A 98 15.84 -16.58 -37.72
CA ASN A 98 16.38 -15.72 -38.80
C ASN A 98 17.90 -15.56 -38.68
N HIS A 99 18.50 -15.80 -37.54
CA HIS A 99 19.98 -15.64 -37.48
C HIS A 99 20.66 -16.82 -38.15
N LEU A 100 19.94 -17.83 -38.58
CA LEU A 100 20.59 -19.00 -39.21
C LEU A 100 20.43 -18.92 -40.72
N PHE A 101 19.58 -18.05 -41.21
CA PHE A 101 19.31 -17.97 -42.67
C PHE A 101 19.28 -16.51 -43.12
N GLU A 102 20.28 -15.73 -42.76
CA GLU A 102 20.25 -14.30 -43.18
C GLU A 102 20.52 -14.19 -44.67
N THR A 103 21.34 -15.05 -45.22
CA THR A 103 21.62 -14.97 -46.67
C THR A 103 20.37 -15.39 -47.44
N GLU A 104 19.69 -16.43 -46.99
CA GLU A 104 18.48 -16.93 -47.67
C GLU A 104 17.37 -15.90 -47.58
N ILE A 105 17.15 -15.32 -46.41
CA ILE A 105 16.05 -14.32 -46.23
C ILE A 105 16.29 -13.12 -47.14
N LYS A 106 17.53 -12.67 -47.25
CA LYS A 106 17.86 -11.51 -48.09
C LYS A 106 17.58 -11.85 -49.55
N GLU A 107 18.04 -12.99 -50.02
CA GLU A 107 17.80 -13.39 -51.43
C GLU A 107 16.30 -13.48 -51.67
N ALA A 108 15.58 -14.14 -50.81
CA ALA A 108 14.13 -14.25 -50.99
C ALA A 108 13.51 -12.85 -51.01
N LEU A 109 13.81 -12.02 -50.04
CA LEU A 109 13.19 -10.67 -49.98
C LEU A 109 13.59 -9.83 -51.19
N PHE A 110 14.83 -9.92 -51.62
CA PHE A 110 15.29 -9.08 -52.77
C PHE A 110 14.64 -9.59 -54.06
N SER A 111 14.47 -10.89 -54.17
CA SER A 111 13.83 -11.44 -55.38
C SER A 111 12.37 -11.00 -55.43
N ILE A 112 11.73 -10.84 -54.30
CA ILE A 112 10.31 -10.38 -54.32
C ILE A 112 10.31 -8.88 -54.57
N TYR A 113 11.38 -8.19 -54.29
CA TYR A 113 11.43 -6.72 -54.46
C TYR A 113 11.55 -6.37 -55.94
N LYS A 114 11.80 -7.31 -56.83
CA LYS A 114 11.93 -6.91 -58.24
C LYS A 114 11.06 -7.78 -59.14
N ASP A 115 9.94 -8.26 -58.65
CA ASP A 115 9.16 -9.13 -59.45
C ASP A 115 8.73 -8.47 -60.71
N GLY A 116 8.18 -7.29 -60.58
CA GLY A 116 7.65 -6.57 -61.75
C GLY A 116 6.18 -6.91 -61.92
N SER A 117 5.82 -8.16 -61.77
CA SER A 117 4.41 -8.55 -61.86
C SER A 117 3.77 -8.37 -60.48
N ASN A 118 2.75 -7.55 -60.35
CA ASN A 118 2.15 -7.33 -59.01
C ASN A 118 0.79 -7.99 -58.94
N GLY A 119 0.50 -8.93 -59.80
CA GLY A 119 -0.83 -9.54 -59.83
C GLY A 119 -1.08 -10.48 -58.67
N TRP A 120 -0.05 -10.97 -58.03
CA TRP A 120 -0.25 -11.93 -56.93
C TRP A 120 -0.55 -11.19 -55.62
N TRP A 121 -0.46 -9.87 -55.59
CA TRP A 121 -0.72 -9.14 -54.33
C TRP A 121 -1.64 -7.94 -54.54
N PHE A 122 -1.56 -7.26 -55.67
CA PHE A 122 -2.39 -6.06 -55.89
C PHE A 122 -3.87 -6.38 -55.66
N GLY A 123 -4.48 -5.63 -54.76
CA GLY A 123 -5.89 -5.85 -54.41
C GLY A 123 -6.00 -6.87 -53.31
N HIS A 124 -4.89 -7.42 -52.89
CA HIS A 124 -4.89 -8.41 -51.78
C HIS A 124 -4.33 -7.75 -50.52
N LEU A 125 -5.12 -7.66 -49.48
CA LEU A 125 -4.68 -6.96 -48.26
C LEU A 125 -3.54 -7.71 -47.58
N HIS A 126 -3.77 -8.93 -47.15
CA HIS A 126 -2.70 -9.68 -46.45
C HIS A 126 -1.42 -9.66 -47.28
N ALA A 127 -1.51 -9.98 -48.55
CA ALA A 127 -0.31 -10.04 -49.40
C ALA A 127 0.34 -8.67 -49.50
N THR A 128 -0.45 -7.63 -49.68
CA THR A 128 0.11 -6.26 -49.82
C THR A 128 0.70 -5.83 -48.49
N SER A 129 0.08 -6.17 -47.40
CA SER A 129 0.57 -5.76 -46.07
C SER A 129 1.90 -6.45 -45.74
N LEU A 130 1.97 -7.76 -45.88
CA LEU A 130 3.19 -8.51 -45.56
C LEU A 130 4.32 -8.09 -46.49
N ARG A 131 4.02 -7.85 -47.75
CA ARG A 131 5.08 -7.43 -48.70
C ARG A 131 5.67 -6.11 -48.25
N PHE A 132 4.81 -5.16 -47.93
CA PHE A 132 5.25 -3.82 -47.49
C PHE A 132 6.05 -3.93 -46.19
N ARG A 133 5.66 -4.78 -45.28
CA ARG A 133 6.37 -4.89 -44.00
C ARG A 133 7.72 -5.57 -44.16
N LEU A 134 7.74 -6.72 -44.76
CA LEU A 134 8.99 -7.51 -44.89
C LEU A 134 10.03 -6.74 -45.70
N LEU A 135 9.64 -6.03 -46.74
CA LEU A 135 10.62 -5.31 -47.57
C LEU A 135 11.09 -4.06 -46.86
N ARG A 136 10.24 -3.34 -46.17
CA ARG A 136 10.64 -2.11 -45.46
C ARG A 136 11.49 -2.50 -44.24
N GLN A 137 11.22 -3.63 -43.64
CA GLN A 137 12.02 -4.06 -42.47
C GLN A 137 13.45 -4.37 -42.92
N CYS A 138 13.74 -4.66 -44.17
CA CYS A 138 15.17 -4.89 -44.51
C CYS A 138 15.74 -3.71 -45.28
N GLY A 139 15.08 -2.58 -45.37
CA GLY A 139 15.72 -1.44 -46.05
C GLY A 139 15.20 -1.21 -47.44
N LEU A 140 14.31 -2.04 -47.93
CA LEU A 140 13.76 -1.84 -49.30
C LEU A 140 12.52 -0.96 -49.16
N PHE A 141 12.52 0.21 -49.76
CA PHE A 141 11.37 1.12 -49.62
C PHE A 141 10.19 0.70 -50.48
N ILE A 142 9.02 0.78 -49.91
CA ILE A 142 7.73 0.51 -50.60
C ILE A 142 6.82 1.65 -50.21
N PRO A 143 6.35 2.42 -51.18
CA PRO A 143 5.51 3.58 -51.01
C PRO A 143 4.24 3.24 -50.23
N GLN A 144 3.65 4.19 -49.55
CA GLN A 144 2.42 3.93 -48.76
C GLN A 144 1.24 3.81 -49.73
N ASP A 145 1.46 4.28 -50.94
CA ASP A 145 0.49 4.31 -52.01
C ASP A 145 -0.05 2.97 -52.39
N VAL A 146 0.63 1.91 -51.97
CA VAL A 146 0.17 0.53 -52.34
C VAL A 146 -1.13 0.22 -51.61
N PHE A 147 -1.55 1.04 -50.68
CA PHE A 147 -2.77 0.73 -49.89
C PHE A 147 -3.93 1.62 -50.35
N LYS A 148 -3.65 2.53 -51.26
CA LYS A 148 -4.65 3.47 -51.80
C LYS A 148 -5.82 2.67 -52.37
N THR A 149 -5.54 1.49 -52.88
CA THR A 149 -6.58 0.66 -53.52
C THR A 149 -7.54 0.08 -52.49
N PHE A 150 -7.27 0.14 -51.21
CA PHE A 150 -8.26 -0.41 -50.26
C PHE A 150 -9.04 0.72 -49.61
N GLN A 151 -8.88 1.91 -50.15
CA GLN A 151 -9.54 3.10 -49.58
C GLN A 151 -10.65 3.58 -50.51
N ASN A 152 -11.47 4.50 -50.03
CA ASN A 152 -12.53 5.09 -50.89
C ASN A 152 -11.99 6.43 -51.43
N LYS A 153 -12.84 7.31 -51.93
CA LYS A 153 -12.28 8.57 -52.47
C LYS A 153 -12.01 9.55 -51.33
N THR A 154 -12.52 9.29 -50.14
CA THR A 154 -12.30 10.23 -49.03
C THR A 154 -11.13 9.75 -48.18
N GLY A 155 -10.42 8.74 -48.63
CA GLY A 155 -9.29 8.22 -47.85
C GLY A 155 -9.77 7.36 -46.71
N GLU A 156 -10.91 6.73 -46.87
CA GLU A 156 -11.43 5.84 -45.80
C GLU A 156 -11.18 4.40 -46.26
N PHE A 157 -10.64 3.56 -45.42
CA PHE A 157 -10.44 2.16 -45.86
C PHE A 157 -11.83 1.55 -46.00
N ASP A 158 -12.07 0.80 -47.06
CA ASP A 158 -13.37 0.20 -47.23
C ASP A 158 -13.67 -0.70 -46.08
N MET A 159 -14.91 -0.67 -45.59
CA MET A 159 -15.30 -1.46 -44.40
C MET A 159 -15.64 -2.92 -44.74
N LYS A 160 -15.49 -3.34 -45.99
CA LYS A 160 -15.76 -4.74 -46.44
C LYS A 160 -14.60 -5.65 -46.01
N LEU A 161 -13.47 -5.10 -45.62
CA LEU A 161 -12.27 -5.86 -45.19
C LEU A 161 -12.43 -6.47 -43.79
N CYS A 162 -13.52 -6.36 -43.06
CA CYS A 162 -13.55 -6.98 -41.71
C CYS A 162 -13.77 -8.49 -41.77
N ASP A 163 -14.13 -9.08 -42.90
CA ASP A 163 -14.28 -10.53 -42.86
C ASP A 163 -12.87 -11.07 -42.83
N ASN A 164 -12.00 -10.46 -43.64
CA ASN A 164 -10.58 -10.88 -43.69
C ASN A 164 -9.85 -10.34 -42.47
N VAL A 165 -9.96 -10.97 -41.33
CA VAL A 165 -9.26 -10.47 -40.12
C VAL A 165 -7.76 -10.65 -40.29
N LYS A 166 -7.34 -11.77 -40.86
CA LYS A 166 -5.89 -12.00 -41.08
C LYS A 166 -5.35 -10.86 -41.93
N GLY A 167 -6.13 -10.36 -42.85
CA GLY A 167 -5.66 -9.25 -43.71
C GLY A 167 -5.60 -7.97 -42.91
N LEU A 168 -6.47 -7.78 -41.94
CA LEU A 168 -6.45 -6.57 -41.10
C LEU A 168 -5.26 -6.67 -40.16
N LEU A 169 -5.00 -7.85 -39.65
CA LEU A 169 -3.83 -8.04 -38.77
C LEU A 169 -2.58 -7.64 -39.55
N SER A 170 -2.41 -8.17 -40.75
CA SER A 170 -1.20 -7.86 -41.53
C SER A 170 -1.10 -6.36 -41.79
N LEU A 171 -2.21 -5.70 -42.06
CA LEU A 171 -2.19 -4.24 -42.33
C LEU A 171 -1.86 -3.52 -41.02
N TYR A 172 -2.41 -3.97 -39.93
CA TYR A 172 -2.11 -3.37 -38.61
C TYR A 172 -0.60 -3.44 -38.41
N GLU A 173 -0.04 -4.61 -38.59
CA GLU A 173 1.41 -4.82 -38.40
C GLU A 173 2.20 -3.94 -39.36
N ALA A 174 1.77 -3.81 -40.60
CA ALA A 174 2.51 -3.03 -41.60
C ALA A 174 2.39 -1.54 -41.33
N SER A 175 1.30 -1.12 -40.71
CA SER A 175 1.06 0.31 -40.43
C SER A 175 2.11 0.88 -39.48
N TYR A 176 2.80 0.05 -38.75
CA TYR A 176 3.78 0.53 -37.76
C TYR A 176 5.16 0.70 -38.40
N LEU A 177 5.25 0.50 -39.69
CA LEU A 177 6.55 0.70 -40.37
C LEU A 177 6.50 2.06 -41.08
N GLY A 178 5.47 2.83 -40.83
CA GLY A 178 5.27 4.12 -41.48
C GLY A 178 6.27 5.18 -41.09
N TRP A 179 6.36 6.22 -41.90
CA TRP A 179 7.28 7.36 -41.65
C TRP A 179 6.46 8.61 -41.33
N LYS A 180 7.14 9.70 -41.10
CA LYS A 180 6.42 10.97 -40.80
C LYS A 180 5.79 11.47 -42.10
N GLY A 181 4.51 11.77 -42.08
CA GLY A 181 3.87 12.30 -43.29
C GLY A 181 3.18 11.22 -44.09
N GLU A 182 3.28 9.97 -43.69
CA GLU A 182 2.59 8.91 -44.45
C GLU A 182 1.20 8.75 -43.83
N ASN A 183 0.32 9.67 -44.13
CA ASN A 183 -1.06 9.70 -43.57
C ASN A 183 -1.85 8.44 -43.95
N ILE A 184 -1.50 7.75 -45.01
CA ILE A 184 -2.30 6.53 -45.33
C ILE A 184 -1.98 5.47 -44.29
N LEU A 185 -0.75 5.42 -43.82
CA LEU A 185 -0.36 4.40 -42.83
C LEU A 185 -0.99 4.75 -41.47
N ASP A 186 -1.18 6.01 -41.17
CA ASP A 186 -1.78 6.38 -39.91
C ASP A 186 -3.19 5.94 -39.88
N GLU A 187 -3.88 6.19 -40.97
CA GLU A 187 -5.33 5.86 -41.08
C GLU A 187 -5.49 4.36 -41.00
N ALA A 188 -4.58 3.63 -41.60
CA ALA A 188 -4.63 2.16 -41.59
C ALA A 188 -4.49 1.69 -40.15
N LYS A 189 -3.56 2.29 -39.43
CA LYS A 189 -3.35 1.91 -38.02
C LYS A 189 -4.65 2.16 -37.25
N ALA A 190 -5.23 3.32 -37.40
CA ALA A 190 -6.47 3.64 -36.68
C ALA A 190 -7.58 2.70 -37.16
N PHE A 191 -7.66 2.47 -38.44
CA PHE A 191 -8.72 1.61 -39.00
C PHE A 191 -8.56 0.18 -38.50
N THR A 192 -7.37 -0.37 -38.50
CA THR A 192 -7.18 -1.79 -38.09
C THR A 192 -7.36 -1.95 -36.58
N THR A 193 -6.86 -1.04 -35.79
CA THR A 193 -7.03 -1.16 -34.31
C THR A 193 -8.52 -1.23 -33.99
N LYS A 194 -9.33 -0.38 -34.61
CA LYS A 194 -10.78 -0.38 -34.35
C LYS A 194 -11.39 -1.72 -34.77
N CYS A 195 -11.28 -2.10 -36.03
CA CYS A 195 -11.90 -3.37 -36.48
C CYS A 195 -11.34 -4.56 -35.70
N LEU A 196 -10.05 -4.62 -35.47
CA LEU A 196 -9.49 -5.78 -34.75
C LEU A 196 -10.07 -5.81 -33.33
N LYS A 197 -10.16 -4.69 -32.66
CA LYS A 197 -10.71 -4.68 -31.28
C LYS A 197 -12.16 -5.16 -31.33
N SER A 198 -12.95 -4.60 -32.21
CA SER A 198 -14.39 -4.92 -32.32
C SER A 198 -14.59 -6.37 -32.78
N ALA A 199 -13.79 -6.82 -33.73
CA ALA A 199 -13.97 -8.18 -34.30
C ALA A 199 -13.33 -9.27 -33.45
N TRP A 200 -12.58 -8.95 -32.43
CA TRP A 200 -11.84 -9.99 -31.67
C TRP A 200 -12.72 -11.11 -31.11
N GLU A 201 -13.89 -10.82 -30.59
CA GLU A 201 -14.70 -11.89 -29.96
C GLU A 201 -15.38 -12.74 -31.02
N ASN A 202 -15.38 -12.29 -32.25
CA ASN A 202 -16.05 -13.06 -33.34
C ASN A 202 -15.04 -13.94 -34.05
N ILE A 203 -13.82 -14.07 -33.57
CA ILE A 203 -12.85 -14.91 -34.31
C ILE A 203 -13.02 -16.36 -33.90
N SER A 204 -13.31 -17.21 -34.88
CA SER A 204 -13.56 -18.65 -34.64
C SER A 204 -12.25 -19.42 -34.58
N GLU A 205 -11.29 -19.07 -35.41
CA GLU A 205 -9.99 -19.78 -35.37
C GLU A 205 -9.25 -19.33 -34.12
N LYS A 206 -9.11 -20.18 -33.13
CA LYS A 206 -8.46 -19.83 -31.84
C LYS A 206 -7.06 -19.24 -32.06
N TRP A 207 -6.27 -19.78 -32.97
CA TRP A 207 -4.89 -19.28 -33.20
C TRP A 207 -4.92 -17.85 -33.75
N LEU A 208 -5.98 -17.45 -34.42
CA LEU A 208 -5.97 -16.08 -34.96
C LEU A 208 -6.40 -15.15 -33.85
N ALA A 209 -7.21 -15.62 -32.94
CA ALA A 209 -7.62 -14.74 -31.84
C ALA A 209 -6.38 -14.46 -31.00
N LYS A 210 -5.59 -15.48 -30.72
CA LYS A 210 -4.35 -15.32 -29.92
C LYS A 210 -3.43 -14.30 -30.59
N ARG A 211 -3.30 -14.33 -31.82
CA ARG A 211 -2.38 -13.45 -32.57
C ARG A 211 -2.90 -12.03 -32.54
N VAL A 212 -4.21 -11.93 -32.65
CA VAL A 212 -4.84 -10.59 -32.66
C VAL A 212 -4.73 -9.98 -31.27
N LYS A 213 -4.95 -10.74 -30.22
CA LYS A 213 -4.83 -10.17 -28.88
C LYS A 213 -3.38 -9.76 -28.66
N HIS A 214 -2.43 -10.57 -29.04
CA HIS A 214 -0.99 -10.27 -28.86
C HIS A 214 -0.62 -9.00 -29.62
N ALA A 215 -1.10 -8.84 -30.83
CA ALA A 215 -0.79 -7.68 -31.69
C ALA A 215 -1.41 -6.40 -31.14
N LEU A 216 -2.60 -6.48 -30.58
CA LEU A 216 -3.24 -5.24 -30.07
C LEU A 216 -2.48 -4.76 -28.85
N ALA A 217 -1.98 -5.68 -28.05
CA ALA A 217 -1.18 -5.32 -26.87
C ALA A 217 0.06 -4.58 -27.33
N LEU A 218 0.80 -5.15 -28.26
CA LEU A 218 2.02 -4.50 -28.82
C LEU A 218 2.16 -4.94 -30.27
N PRO A 219 2.48 -4.04 -31.16
CA PRO A 219 2.65 -4.52 -32.52
C PRO A 219 4.00 -5.25 -32.62
N LEU A 220 4.13 -6.12 -33.59
CA LEU A 220 5.34 -6.96 -33.77
C LEU A 220 6.57 -6.10 -34.00
N HIS A 221 6.42 -4.91 -34.53
CA HIS A 221 7.59 -4.03 -34.79
C HIS A 221 8.14 -3.51 -33.46
N TRP A 222 7.38 -3.56 -32.39
CA TRP A 222 7.81 -3.03 -31.08
C TRP A 222 8.15 -4.17 -30.12
N ARG A 223 8.15 -5.41 -30.53
CA ARG A 223 8.45 -6.48 -29.55
C ARG A 223 9.90 -6.90 -29.70
N VAL A 224 10.56 -7.34 -28.65
CA VAL A 224 11.96 -7.77 -28.85
C VAL A 224 11.92 -9.17 -29.46
N PRO A 225 12.58 -9.37 -30.57
CA PRO A 225 12.65 -10.59 -31.35
C PRO A 225 12.93 -11.85 -30.52
N ARG A 226 13.83 -11.78 -29.57
CA ARG A 226 14.20 -12.95 -28.77
C ARG A 226 13.06 -13.36 -27.84
N ILE A 227 12.30 -12.41 -27.35
CA ILE A 227 11.17 -12.68 -26.43
C ILE A 227 9.99 -13.16 -27.27
N GLU A 228 9.79 -12.57 -28.42
CA GLU A 228 8.68 -12.93 -29.32
C GLU A 228 8.95 -14.33 -29.89
N ALA A 229 10.20 -14.70 -30.03
CA ALA A 229 10.59 -16.02 -30.57
C ALA A 229 10.03 -17.11 -29.67
N ARG A 230 10.21 -16.97 -28.38
CA ARG A 230 9.73 -17.97 -27.40
C ARG A 230 8.20 -17.94 -27.38
N TRP A 231 7.60 -16.78 -27.49
CA TRP A 231 6.11 -16.74 -27.49
C TRP A 231 5.61 -17.41 -28.76
N PHE A 232 6.22 -17.09 -29.88
CA PHE A 232 5.78 -17.61 -31.19
C PHE A 232 6.08 -19.11 -31.31
N ILE A 233 7.09 -19.61 -30.64
CA ILE A 233 7.33 -21.06 -30.77
C ILE A 233 6.13 -21.79 -30.19
N GLU A 234 5.60 -21.31 -29.10
CA GLU A 234 4.44 -21.95 -28.43
C GLU A 234 3.17 -21.69 -29.23
N ALA A 235 3.09 -20.58 -29.94
CA ALA A 235 1.87 -20.24 -30.72
C ALA A 235 1.87 -20.95 -32.07
N TYR A 236 3.03 -21.09 -32.69
CA TYR A 236 3.15 -21.69 -34.03
C TYR A 236 2.75 -23.16 -33.99
N GLU A 237 3.06 -23.84 -32.91
CA GLU A 237 2.77 -25.28 -32.77
C GLU A 237 1.27 -25.51 -32.86
N GLN A 238 0.46 -24.50 -32.68
CA GLN A 238 -1.01 -24.70 -32.72
C GLN A 238 -1.58 -23.98 -33.93
N GLU A 239 -0.78 -23.53 -34.86
CA GLU A 239 -1.37 -22.80 -36.00
C GLU A 239 -1.74 -23.77 -37.13
N ALA A 240 -2.50 -23.24 -38.07
CA ALA A 240 -3.09 -23.96 -39.22
C ALA A 240 -2.10 -24.86 -39.96
N ASN A 241 -1.26 -24.31 -40.78
CA ASN A 241 -0.35 -25.18 -41.55
C ASN A 241 1.05 -24.99 -41.00
N MET A 242 1.20 -25.27 -39.74
CA MET A 242 2.47 -25.13 -39.02
C MET A 242 3.42 -26.18 -39.59
N ASN A 243 4.63 -25.80 -39.93
CA ASN A 243 5.60 -26.79 -40.48
C ASN A 243 6.33 -27.39 -39.30
N PRO A 244 6.19 -28.68 -39.06
CA PRO A 244 6.81 -29.34 -37.92
C PRO A 244 8.34 -29.29 -38.01
N THR A 245 8.90 -29.14 -39.19
CA THR A 245 10.37 -29.08 -39.30
C THR A 245 10.84 -27.74 -38.75
N LEU A 246 10.18 -26.67 -39.13
CA LEU A 246 10.54 -25.31 -38.66
C LEU A 246 10.30 -25.24 -37.16
N LEU A 247 9.29 -25.92 -36.68
CA LEU A 247 8.95 -25.88 -35.24
C LEU A 247 10.01 -26.62 -34.43
N LYS A 248 10.52 -27.74 -34.90
CA LYS A 248 11.53 -28.50 -34.12
C LYS A 248 12.86 -27.76 -34.20
N LEU A 249 13.16 -27.14 -35.32
CA LEU A 249 14.44 -26.39 -35.44
C LEU A 249 14.37 -25.18 -34.53
N ALA A 250 13.21 -24.62 -34.31
CA ALA A 250 13.10 -23.41 -33.47
C ALA A 250 13.36 -23.77 -32.01
N LYS A 251 12.77 -24.84 -31.51
CA LYS A 251 12.98 -25.25 -30.10
C LYS A 251 14.44 -25.64 -29.93
N LEU A 252 14.96 -26.41 -30.86
CA LEU A 252 16.36 -26.88 -30.84
C LEU A 252 17.30 -25.69 -30.81
N ASP A 253 17.19 -24.77 -31.76
CA ASP A 253 18.06 -23.64 -31.78
C ASP A 253 17.82 -22.72 -30.61
N PHE A 254 16.60 -22.62 -30.16
CA PHE A 254 16.33 -21.71 -29.03
C PHE A 254 17.08 -22.21 -27.80
N ASN A 255 16.92 -23.48 -27.48
CA ASN A 255 17.61 -24.07 -26.31
C ASN A 255 19.11 -23.97 -26.53
N MET A 256 19.58 -24.23 -27.72
CA MET A 256 21.03 -24.16 -27.97
C MET A 256 21.51 -22.74 -27.64
N VAL A 257 20.84 -21.73 -28.14
CA VAL A 257 21.26 -20.34 -27.88
C VAL A 257 20.98 -19.99 -26.42
N GLN A 258 19.94 -20.53 -25.84
CA GLN A 258 19.60 -20.22 -24.44
C GLN A 258 20.66 -20.81 -23.52
N SER A 259 21.35 -21.84 -23.93
CA SER A 259 22.38 -22.43 -23.04
C SER A 259 23.58 -21.50 -22.96
N ILE A 260 23.77 -20.70 -23.97
CA ILE A 260 24.94 -19.77 -24.00
C ILE A 260 24.65 -18.57 -23.11
N HIS A 261 23.39 -18.20 -22.98
CA HIS A 261 22.98 -17.06 -22.14
C HIS A 261 23.11 -17.46 -20.68
N GLN A 262 22.59 -18.61 -20.32
CA GLN A 262 22.65 -19.12 -18.93
C GLN A 262 24.09 -19.05 -18.41
N LYS A 263 25.05 -19.48 -19.19
CA LYS A 263 26.46 -19.46 -18.74
C LYS A 263 26.89 -18.03 -18.48
N GLU A 264 26.61 -17.12 -19.38
CA GLU A 264 26.99 -15.69 -19.19
C GLU A 264 26.21 -15.14 -18.00
N ILE A 265 24.96 -15.52 -17.85
CA ILE A 265 24.13 -15.03 -16.73
C ILE A 265 24.78 -15.47 -15.42
N GLY A 266 25.16 -16.72 -15.31
CA GLY A 266 25.81 -17.22 -14.09
C GLY A 266 27.14 -16.54 -13.88
N GLU A 267 27.87 -16.26 -14.93
CA GLU A 267 29.17 -15.57 -14.78
C GLU A 267 28.93 -14.11 -14.43
N LEU A 268 27.79 -13.55 -14.79
CA LEU A 268 27.49 -12.15 -14.46
C LEU A 268 27.12 -12.07 -12.99
N ALA A 269 26.30 -12.98 -12.52
CA ALA A 269 25.87 -13.01 -11.11
C ALA A 269 27.08 -13.22 -10.20
N ARG A 270 28.06 -13.97 -10.63
CA ARG A 270 29.25 -14.21 -9.79
C ARG A 270 30.07 -12.92 -9.73
N TRP A 271 30.17 -12.18 -10.81
CA TRP A 271 30.95 -10.93 -10.79
C TRP A 271 30.22 -9.89 -9.94
N TRP A 272 28.92 -9.82 -10.05
CA TRP A 272 28.10 -8.83 -9.32
C TRP A 272 28.28 -9.00 -7.82
N VAL A 273 28.13 -10.22 -7.34
CA VAL A 273 28.19 -10.56 -5.89
C VAL A 273 29.62 -10.51 -5.38
N THR A 274 30.58 -10.91 -6.18
CA THR A 274 31.99 -10.95 -5.76
C THR A 274 32.53 -9.54 -5.60
N THR A 275 32.12 -8.61 -6.44
CA THR A 275 32.65 -7.23 -6.38
C THR A 275 31.88 -6.43 -5.33
N GLY A 276 30.87 -7.00 -4.73
CA GLY A 276 30.13 -6.29 -3.69
C GLY A 276 29.25 -5.19 -4.25
N LEU A 277 29.04 -5.21 -5.55
CA LEU A 277 28.13 -4.25 -6.23
C LEU A 277 26.70 -4.53 -5.80
N ASP A 278 26.54 -5.69 -5.23
CA ASP A 278 25.35 -6.23 -4.70
C ASP A 278 24.87 -5.33 -3.60
N LYS A 279 25.80 -4.76 -2.88
CA LYS A 279 25.47 -3.93 -1.70
C LYS A 279 25.44 -2.45 -2.04
N LEU A 280 25.83 -2.06 -3.24
CA LEU A 280 25.77 -0.63 -3.62
C LEU A 280 24.42 -0.35 -4.27
N ALA A 281 23.78 -1.38 -4.80
CA ALA A 281 22.45 -1.26 -5.43
C ALA A 281 21.45 -0.93 -4.33
N PHE A 282 20.62 0.07 -4.54
CA PHE A 282 19.71 0.51 -3.46
C PHE A 282 18.35 -0.16 -3.51
N ALA A 283 18.05 -1.02 -2.56
CA ALA A 283 16.75 -1.72 -2.44
C ALA A 283 16.36 -2.38 -3.76
N ARG A 284 17.27 -3.09 -4.39
CA ARG A 284 16.99 -3.72 -5.70
C ARG A 284 17.62 -5.11 -5.75
N ASN A 285 17.00 -5.99 -6.46
CA ASN A 285 17.59 -7.31 -6.77
C ASN A 285 17.19 -7.54 -8.21
N ASN A 286 17.55 -6.62 -9.08
CA ASN A 286 17.11 -6.77 -10.48
C ASN A 286 18.31 -6.89 -11.41
N LEU A 287 19.17 -7.87 -11.21
CA LEU A 287 20.37 -8.03 -12.05
C LEU A 287 19.98 -8.73 -13.35
N LEU A 288 19.16 -9.74 -13.28
CA LEU A 288 18.78 -10.49 -14.49
C LEU A 288 18.05 -9.57 -15.44
N GLN A 289 17.34 -8.59 -14.95
CA GLN A 289 16.61 -7.65 -15.84
C GLN A 289 17.62 -6.97 -16.73
N SER A 290 18.75 -6.60 -16.16
CA SER A 290 19.86 -5.95 -16.90
C SER A 290 20.37 -6.91 -17.99
N TYR A 291 20.46 -8.20 -17.72
CA TYR A 291 20.95 -9.14 -18.75
C TYR A 291 19.86 -9.33 -19.80
N MET A 292 18.62 -9.31 -19.40
CA MET A 292 17.51 -9.47 -20.36
C MET A 292 17.56 -8.32 -21.36
N TRP A 293 17.84 -7.12 -20.90
CA TRP A 293 17.89 -5.96 -21.81
C TRP A 293 19.08 -6.13 -22.77
N SER A 294 20.21 -6.52 -22.24
CA SER A 294 21.43 -6.68 -23.06
C SER A 294 21.17 -7.77 -24.10
N CYS A 295 20.55 -8.83 -23.68
CA CYS A 295 20.22 -9.98 -24.55
C CYS A 295 19.18 -9.55 -25.57
N ALA A 296 18.33 -8.62 -25.23
CA ALA A 296 17.31 -8.14 -26.17
C ALA A 296 17.99 -7.37 -27.29
N ILE A 297 19.06 -6.67 -26.98
CA ILE A 297 19.78 -5.88 -28.00
C ILE A 297 20.58 -6.84 -28.90
N ALA A 298 21.25 -7.82 -28.34
CA ALA A 298 22.06 -8.78 -29.11
C ALA A 298 21.94 -10.17 -28.49
N SER A 299 21.13 -11.05 -29.08
CA SER A 299 20.93 -12.40 -28.52
C SER A 299 21.78 -13.46 -29.22
N ASP A 300 22.10 -13.29 -30.49
CA ASP A 300 22.87 -14.29 -31.15
C ASP A 300 24.10 -14.49 -30.35
N PRO A 301 24.55 -15.73 -30.27
CA PRO A 301 25.71 -16.17 -29.51
C PRO A 301 27.00 -15.53 -29.99
N LYS A 302 27.04 -15.09 -31.23
CA LYS A 302 28.26 -14.48 -31.82
C LYS A 302 28.46 -13.07 -31.28
N PHE A 303 27.47 -12.49 -30.65
CA PHE A 303 27.57 -11.12 -30.10
C PHE A 303 27.91 -11.20 -28.62
N LYS A 304 28.69 -12.17 -28.22
CA LYS A 304 29.07 -12.34 -26.81
C LYS A 304 29.64 -11.03 -26.24
N LEU A 305 30.60 -10.45 -26.92
CA LEU A 305 31.27 -9.21 -26.46
C LEU A 305 30.28 -8.07 -26.30
N ALA A 306 29.45 -7.81 -27.28
CA ALA A 306 28.50 -6.69 -27.15
C ALA A 306 27.53 -6.97 -26.01
N ARG A 307 27.01 -8.15 -25.87
CA ARG A 307 26.01 -8.53 -24.85
C ARG A 307 26.63 -8.48 -23.46
N GLU A 308 27.81 -9.08 -23.28
CA GLU A 308 28.42 -9.06 -21.93
C GLU A 308 28.91 -7.65 -21.62
N THR A 309 29.41 -6.98 -22.62
CA THR A 309 29.93 -5.62 -22.44
C THR A 309 28.79 -4.70 -22.06
N ILE A 310 27.65 -4.85 -22.69
CA ILE A 310 26.50 -3.97 -22.40
C ILE A 310 25.90 -4.31 -21.04
N VAL A 311 25.83 -5.55 -20.63
CA VAL A 311 25.25 -5.85 -19.30
C VAL A 311 26.23 -5.40 -18.22
N GLU A 312 27.52 -5.47 -18.45
CA GLU A 312 28.45 -5.02 -17.41
C GLU A 312 28.38 -3.50 -17.26
N ILE A 313 28.36 -2.77 -18.34
CA ILE A 313 28.31 -1.28 -18.23
C ILE A 313 26.92 -0.87 -17.73
N GLY A 314 25.86 -1.48 -18.20
CA GLY A 314 24.49 -1.12 -17.78
C GLY A 314 24.26 -1.43 -16.32
N SER A 315 24.69 -2.57 -15.87
CA SER A 315 24.56 -2.98 -14.45
C SER A 315 25.23 -1.94 -13.56
N VAL A 316 26.45 -1.58 -13.91
CA VAL A 316 27.25 -0.56 -13.17
C VAL A 316 26.56 0.78 -13.28
N LEU A 317 25.86 1.03 -14.38
CA LEU A 317 25.19 2.34 -14.60
C LEU A 317 23.97 2.46 -13.70
N THR A 318 23.35 1.34 -13.36
CA THR A 318 22.18 1.39 -12.45
C THR A 318 22.66 1.80 -11.07
N VAL A 319 23.93 1.59 -10.81
CA VAL A 319 24.50 1.93 -9.48
C VAL A 319 24.98 3.37 -9.51
N VAL A 320 25.37 3.90 -10.65
CA VAL A 320 25.72 5.35 -10.60
C VAL A 320 24.40 6.11 -10.62
N ASP A 321 23.36 5.52 -11.17
CA ASP A 321 22.04 6.10 -11.20
C ASP A 321 21.61 6.21 -9.76
N ASP A 322 21.74 5.12 -9.04
CA ASP A 322 21.38 5.08 -7.64
C ASP A 322 22.19 6.07 -6.87
N GLY A 323 23.37 6.35 -7.37
CA GLY A 323 24.26 7.29 -6.67
C GLY A 323 23.83 8.72 -6.88
N TYR A 324 23.36 9.11 -8.04
CA TYR A 324 22.94 10.51 -8.23
C TYR A 324 21.53 10.69 -7.69
N ASP A 325 20.81 9.61 -7.55
CA ASP A 325 19.46 9.68 -7.11
C ASP A 325 19.23 9.43 -5.65
N VAL A 326 20.14 8.79 -4.97
CA VAL A 326 19.82 8.47 -3.56
C VAL A 326 21.01 8.72 -2.64
N TYR A 327 22.22 8.49 -3.08
CA TYR A 327 23.36 8.56 -2.14
C TYR A 327 24.07 9.91 -2.11
N GLY A 328 24.00 10.76 -3.09
CA GLY A 328 24.83 11.96 -2.97
C GLY A 328 24.06 13.26 -2.91
N SER A 329 24.74 14.27 -2.42
CA SER A 329 24.21 15.65 -2.35
C SER A 329 24.68 16.40 -3.59
N ILE A 330 24.02 17.48 -3.92
CA ILE A 330 24.32 18.26 -5.14
C ILE A 330 25.81 18.57 -5.24
N ASP A 331 26.45 18.93 -4.15
CA ASP A 331 27.84 19.29 -4.20
C ASP A 331 28.72 18.09 -4.35
N GLU A 332 28.29 16.99 -3.75
CA GLU A 332 29.05 15.72 -3.81
C GLU A 332 29.03 15.20 -5.25
N LEU A 333 27.89 15.27 -5.90
CA LEU A 333 27.74 14.77 -7.29
C LEU A 333 28.43 15.72 -8.27
N ASP A 334 28.78 16.92 -7.84
CA ASP A 334 29.43 17.82 -8.76
C ASP A 334 30.88 17.39 -8.83
N LEU A 335 31.38 16.93 -7.70
CA LEU A 335 32.76 16.42 -7.60
C LEU A 335 32.81 15.13 -8.42
N TYR A 336 31.81 14.30 -8.28
CA TYR A 336 31.73 13.04 -9.05
C TYR A 336 31.75 13.40 -10.54
N THR A 337 30.87 14.28 -10.93
CA THR A 337 30.75 14.68 -12.34
C THR A 337 32.08 15.25 -12.85
N SER A 338 32.75 16.11 -12.11
CA SER A 338 34.01 16.69 -12.62
C SER A 338 35.13 15.64 -12.56
N SER A 339 35.01 14.68 -11.67
CA SER A 339 36.00 13.60 -11.58
C SER A 339 35.82 12.69 -12.79
N VAL A 340 34.62 12.63 -13.30
CA VAL A 340 34.35 11.80 -14.50
C VAL A 340 34.88 12.57 -15.71
N GLU A 341 34.80 13.89 -15.74
CA GLU A 341 35.31 14.63 -16.91
C GLU A 341 36.83 14.51 -16.96
N ARG A 342 37.46 14.47 -15.82
CA ARG A 342 38.92 14.33 -15.79
C ARG A 342 39.28 12.86 -15.98
N TRP A 343 38.29 12.00 -15.76
CA TRP A 343 38.49 10.52 -15.82
C TRP A 343 39.73 10.18 -15.02
N SER A 344 39.74 10.50 -13.75
CA SER A 344 40.90 10.19 -12.90
C SER A 344 40.43 9.72 -11.54
N CYS A 345 41.20 8.89 -10.88
CA CYS A 345 40.86 8.39 -9.54
C CYS A 345 41.84 9.02 -8.54
N VAL A 346 42.42 10.13 -8.94
CA VAL A 346 43.44 10.84 -8.13
C VAL A 346 42.76 11.77 -7.14
N GLU A 347 42.12 12.82 -7.61
CA GLU A 347 41.47 13.79 -6.69
C GLU A 347 40.09 13.29 -6.31
N ILE A 348 39.99 12.09 -5.77
CA ILE A 348 38.66 11.50 -5.44
C ILE A 348 38.54 11.28 -3.95
N ASP A 349 39.52 11.75 -3.19
CA ASP A 349 39.51 11.58 -1.74
C ASP A 349 38.43 12.43 -1.14
N LYS A 350 38.10 13.47 -1.88
CA LYS A 350 37.09 14.48 -1.49
C LYS A 350 35.70 13.97 -1.84
N LEU A 351 35.48 12.67 -1.84
CA LEU A 351 34.14 12.13 -2.17
C LEU A 351 33.67 11.28 -1.01
N PRO A 352 32.38 11.23 -0.73
CA PRO A 352 31.90 10.40 0.38
C PRO A 352 32.10 8.89 0.11
N ASN A 353 32.19 8.13 1.19
CA ASN A 353 32.44 6.67 1.15
C ASN A 353 31.62 5.97 0.07
N THR A 354 30.31 5.98 0.14
CA THR A 354 29.53 5.24 -0.87
C THR A 354 29.79 5.78 -2.28
N LEU A 355 29.96 7.06 -2.49
CA LEU A 355 30.24 7.56 -3.87
C LEU A 355 31.67 7.21 -4.27
N LYS A 356 32.58 7.04 -3.32
CA LYS A 356 33.97 6.68 -3.65
C LYS A 356 33.97 5.29 -4.26
N LEU A 357 33.26 4.37 -3.65
CA LEU A 357 33.18 2.98 -4.14
C LEU A 357 32.45 2.93 -5.47
N ILE A 358 31.33 3.62 -5.59
CA ILE A 358 30.57 3.62 -6.86
C ILE A 358 31.45 4.18 -7.97
N PHE A 359 32.13 5.29 -7.73
CA PHE A 359 32.96 5.89 -8.80
C PHE A 359 34.05 4.91 -9.22
N MET A 360 34.68 4.28 -8.27
CA MET A 360 35.77 3.34 -8.58
C MET A 360 35.19 2.10 -9.27
N SER A 361 33.99 1.68 -8.93
CA SER A 361 33.39 0.51 -9.60
C SER A 361 33.17 0.84 -11.07
N MET A 362 32.71 2.05 -11.35
CA MET A 362 32.41 2.50 -12.73
C MET A 362 33.70 2.74 -13.49
N PHE A 363 34.68 3.27 -12.82
CA PHE A 363 35.99 3.59 -13.44
C PHE A 363 36.72 2.29 -13.78
N ASN A 364 36.80 1.40 -12.82
CA ASN A 364 37.53 0.12 -13.02
C ASN A 364 36.86 -0.71 -14.10
N LYS A 365 35.59 -1.01 -13.95
CA LYS A 365 34.89 -1.87 -14.94
C LYS A 365 35.02 -1.30 -16.34
N THR A 366 34.98 0.00 -16.51
CA THR A 366 35.10 0.60 -17.85
C THR A 366 36.53 0.46 -18.35
N ASN A 367 37.49 0.62 -17.47
CA ASN A 367 38.91 0.50 -17.87
C ASN A 367 39.17 -0.95 -18.19
N GLU A 368 38.60 -1.83 -17.41
CA GLU A 368 38.75 -3.28 -17.63
C GLU A 368 38.10 -3.63 -18.96
N VAL A 369 37.01 -3.01 -19.32
CA VAL A 369 36.38 -3.30 -20.64
C VAL A 369 37.30 -2.73 -21.72
N GLY A 370 37.90 -1.59 -21.49
CA GLY A 370 38.82 -1.02 -22.50
C GLY A 370 39.97 -1.95 -22.77
N LEU A 371 40.52 -2.58 -21.75
CA LEU A 371 41.62 -3.53 -21.92
C LEU A 371 41.10 -4.76 -22.66
N ARG A 372 39.93 -5.24 -22.31
CA ARG A 372 39.38 -6.43 -22.99
C ARG A 372 39.19 -6.12 -24.47
N VAL A 373 38.76 -4.93 -24.80
CA VAL A 373 38.53 -4.58 -26.22
C VAL A 373 39.87 -4.38 -26.93
N GLN A 374 40.88 -3.91 -26.24
CA GLN A 374 42.20 -3.72 -26.92
C GLN A 374 42.74 -5.11 -27.27
N HIS A 375 42.53 -6.07 -26.41
CA HIS A 375 42.99 -7.45 -26.61
C HIS A 375 42.19 -8.13 -27.72
N GLU A 376 40.89 -8.00 -27.70
CA GLU A 376 40.04 -8.71 -28.70
C GLU A 376 39.98 -7.95 -30.03
N ARG A 377 39.96 -6.64 -30.08
CA ARG A 377 39.79 -6.03 -31.42
C ARG A 377 41.01 -5.19 -31.80
N GLY A 378 41.93 -4.98 -30.89
CA GLY A 378 43.13 -4.21 -31.23
C GLY A 378 42.89 -2.72 -31.39
N TYR A 379 42.01 -2.13 -30.62
CA TYR A 379 41.80 -0.66 -30.74
C TYR A 379 41.47 -0.09 -29.36
N ASN A 380 41.64 1.21 -29.19
CA ASN A 380 41.39 1.86 -27.88
C ASN A 380 39.99 2.47 -27.84
N SER A 381 39.16 2.00 -26.92
CA SER A 381 37.76 2.51 -26.82
C SER A 381 37.63 3.46 -25.63
N ILE A 382 38.60 3.44 -24.74
CA ILE A 382 38.64 4.26 -23.50
C ILE A 382 38.27 5.70 -23.82
N PRO A 383 38.84 6.30 -24.85
CA PRO A 383 38.46 7.67 -25.14
C PRO A 383 36.99 7.74 -25.54
N THR A 384 36.47 6.74 -26.21
CA THR A 384 35.05 6.78 -26.62
C THR A 384 34.20 6.54 -25.38
N PHE A 385 34.67 5.76 -24.45
CA PHE A 385 33.89 5.46 -23.22
C PHE A 385 33.88 6.67 -22.31
N ILE A 386 34.96 7.40 -22.26
CA ILE A 386 35.03 8.58 -21.36
C ILE A 386 34.01 9.62 -21.82
N LYS A 387 33.96 9.90 -23.10
CA LYS A 387 33.02 10.92 -23.60
C LYS A 387 31.60 10.47 -23.30
N ALA A 388 31.33 9.18 -23.37
CA ALA A 388 29.98 8.64 -23.12
C ALA A 388 29.66 8.71 -21.63
N TRP A 389 30.64 8.44 -20.80
CA TRP A 389 30.37 8.50 -19.35
C TRP A 389 30.25 9.96 -18.92
N VAL A 390 30.88 10.91 -19.58
CA VAL A 390 30.72 12.31 -19.11
C VAL A 390 29.39 12.86 -19.61
N GLU A 391 28.92 12.45 -20.77
CA GLU A 391 27.60 12.93 -21.20
C GLU A 391 26.57 12.35 -20.23
N GLN A 392 26.73 11.09 -19.90
CA GLN A 392 25.82 10.37 -18.98
C GLN A 392 25.76 11.07 -17.64
N CYS A 393 26.89 11.30 -17.02
CA CYS A 393 26.94 11.93 -15.68
C CYS A 393 26.55 13.40 -15.77
N LYS A 394 26.79 14.06 -16.88
CA LYS A 394 26.37 15.47 -16.97
C LYS A 394 24.84 15.50 -17.04
N SER A 395 24.24 14.54 -17.70
CA SER A 395 22.77 14.46 -17.81
C SER A 395 22.17 14.13 -16.43
N TYR A 396 22.85 13.33 -15.65
CA TYR A 396 22.36 12.97 -14.31
C TYR A 396 22.53 14.20 -13.41
N GLN A 397 23.53 15.00 -13.68
CA GLN A 397 23.81 16.21 -12.90
C GLN A 397 22.76 17.28 -13.19
N LYS A 398 22.31 17.40 -14.42
CA LYS A 398 21.25 18.40 -14.69
C LYS A 398 19.99 17.96 -13.96
N GLU A 399 19.67 16.70 -13.99
CA GLU A 399 18.45 16.20 -13.32
C GLU A 399 18.59 16.44 -11.81
N ALA A 400 19.72 16.13 -11.24
CA ALA A 400 19.91 16.32 -9.79
C ALA A 400 19.79 17.80 -9.44
N ARG A 401 20.43 18.69 -10.17
CA ARG A 401 20.35 20.13 -9.86
C ARG A 401 18.90 20.58 -9.99
N TRP A 402 18.24 20.23 -11.07
CA TRP A 402 16.82 20.61 -11.24
C TRP A 402 16.07 20.13 -10.01
N PHE A 403 16.23 18.88 -9.66
CA PHE A 403 15.49 18.31 -8.52
C PHE A 403 15.82 19.09 -7.24
N HIS A 404 17.06 19.45 -7.05
CA HIS A 404 17.47 20.16 -5.82
C HIS A 404 16.84 21.54 -5.76
N GLY A 405 16.83 22.28 -6.84
CA GLY A 405 16.30 23.65 -6.80
C GLY A 405 14.82 23.68 -7.12
N GLY A 406 14.15 22.55 -7.11
CA GLY A 406 12.72 22.50 -7.42
C GLY A 406 12.39 23.15 -8.75
N HIS A 407 13.17 22.91 -9.78
CA HIS A 407 12.88 23.54 -11.10
C HIS A 407 12.26 22.51 -12.03
N THR A 408 11.34 22.91 -12.86
CA THR A 408 10.76 21.97 -13.85
C THR A 408 10.91 22.66 -15.20
N PRO A 409 11.85 22.21 -16.01
CA PRO A 409 12.14 22.85 -17.30
C PRO A 409 11.10 22.57 -18.38
N PRO A 410 11.29 23.18 -19.54
CA PRO A 410 10.39 22.93 -20.65
C PRO A 410 10.59 21.47 -21.06
N LEU A 411 9.59 20.90 -21.68
CA LEU A 411 9.65 19.47 -22.09
C LEU A 411 10.76 19.28 -23.12
N GLU A 412 11.02 20.23 -23.98
CA GLU A 412 12.05 19.97 -25.00
C GLU A 412 13.42 19.97 -24.34
N GLU A 413 13.67 20.85 -23.41
CA GLU A 413 15.00 20.90 -22.77
C GLU A 413 15.17 19.64 -21.93
N TYR A 414 14.12 19.18 -21.31
CA TYR A 414 14.19 17.97 -20.47
C TYR A 414 14.37 16.75 -21.37
N SER A 415 13.85 16.83 -22.56
CA SER A 415 13.89 15.68 -23.49
C SER A 415 15.28 15.53 -24.08
N LEU A 416 15.95 16.61 -24.37
CA LEU A 416 17.30 16.51 -24.98
C LEU A 416 18.26 15.95 -23.94
N ASN A 417 18.04 16.23 -22.69
CA ASN A 417 18.92 15.74 -21.61
C ASN A 417 18.48 14.33 -21.24
N GLY A 418 17.19 14.09 -21.31
CA GLY A 418 16.55 12.83 -20.94
C GLY A 418 16.88 11.71 -21.89
N LEU A 419 17.18 12.00 -23.13
CA LEU A 419 17.56 10.91 -24.05
C LEU A 419 18.96 10.44 -23.67
N VAL A 420 19.73 11.27 -23.01
CA VAL A 420 21.11 10.88 -22.61
C VAL A 420 21.05 10.18 -21.24
N SER A 421 20.31 10.76 -20.31
CA SER A 421 20.18 10.29 -18.91
C SER A 421 19.56 8.90 -18.85
N ILE A 422 18.79 8.53 -19.85
CA ILE A 422 18.16 7.19 -19.88
C ILE A 422 19.27 6.15 -19.99
N GLY A 423 20.38 6.49 -20.60
CA GLY A 423 21.55 5.60 -20.65
C GLY A 423 21.75 4.88 -21.95
N PHE A 424 20.88 5.03 -22.92
CA PHE A 424 21.07 4.22 -24.14
C PHE A 424 22.17 4.77 -25.03
N PRO A 425 22.45 6.05 -24.95
CA PRO A 425 23.54 6.50 -25.77
C PRO A 425 24.82 5.81 -25.30
N LEU A 426 25.01 5.68 -24.01
CA LEU A 426 26.22 5.01 -23.50
C LEU A 426 26.15 3.52 -23.76
N LEU A 427 25.01 2.90 -23.57
CA LEU A 427 24.89 1.44 -23.79
C LEU A 427 24.97 1.13 -25.28
N LEU A 428 24.36 1.93 -26.12
CA LEU A 428 24.40 1.67 -27.57
C LEU A 428 25.80 1.98 -28.09
N ILE A 429 26.49 2.93 -27.49
CA ILE A 429 27.88 3.22 -27.93
C ILE A 429 28.73 2.02 -27.50
N THR A 430 28.47 1.49 -26.33
CA THR A 430 29.20 0.30 -25.83
C THR A 430 29.00 -0.82 -26.85
N GLY A 431 27.82 -0.98 -27.37
CA GLY A 431 27.58 -2.05 -28.35
C GLY A 431 28.32 -1.75 -29.63
N TYR A 432 28.45 -0.50 -30.00
CA TYR A 432 29.14 -0.14 -31.26
C TYR A 432 30.63 -0.37 -31.10
N VAL A 433 31.11 -0.24 -29.89
CA VAL A 433 32.55 -0.44 -29.58
C VAL A 433 32.89 -1.92 -29.78
N ALA A 434 31.93 -2.80 -29.56
CA ALA A 434 32.19 -4.24 -29.66
C ALA A 434 32.16 -4.72 -31.11
N ILE A 435 31.65 -3.91 -32.01
CA ILE A 435 31.50 -4.39 -33.41
C ILE A 435 32.09 -3.40 -34.40
N ALA A 436 32.81 -2.38 -33.95
CA ALA A 436 33.36 -1.40 -34.89
C ALA A 436 34.39 -2.05 -35.81
N GLU A 437 34.60 -1.51 -36.99
CA GLU A 437 35.55 -2.09 -37.97
C GLU A 437 36.98 -1.75 -37.59
N ASN A 438 37.23 -0.59 -37.01
CA ASN A 438 38.61 -0.22 -36.61
C ASN A 438 38.55 0.87 -35.55
N GLU A 439 39.70 1.34 -35.10
CA GLU A 439 39.75 2.37 -34.04
C GLU A 439 39.22 3.69 -34.57
N ALA A 440 39.32 3.94 -35.86
CA ALA A 440 38.88 5.23 -36.42
C ALA A 440 37.37 5.23 -36.62
N ALA A 441 36.75 4.07 -36.62
CA ALA A 441 35.29 3.97 -36.87
C ALA A 441 34.53 4.36 -35.60
N LEU A 442 35.22 4.51 -34.48
CA LEU A 442 34.59 4.91 -33.21
C LEU A 442 34.27 6.39 -33.26
N ASP A 443 34.67 7.08 -34.32
CA ASP A 443 34.44 8.49 -34.45
C ASP A 443 33.08 8.82 -34.98
N LYS A 444 32.37 7.82 -35.44
CA LYS A 444 31.02 8.05 -36.00
C LYS A 444 30.03 8.22 -34.87
N VAL A 445 30.45 7.93 -33.66
CA VAL A 445 29.56 7.99 -32.48
C VAL A 445 29.60 9.40 -31.87
N HIS A 446 30.49 10.24 -32.35
CA HIS A 446 30.53 11.63 -31.86
C HIS A 446 30.51 12.60 -33.04
N PRO A 447 29.60 13.56 -33.06
CA PRO A 447 28.47 13.86 -32.20
C PRO A 447 27.45 12.72 -32.25
N LEU A 448 26.57 12.60 -31.29
CA LEU A 448 25.59 11.49 -31.29
C LEU A 448 24.78 11.51 -32.57
N PRO A 449 24.77 10.39 -33.29
CA PRO A 449 24.08 10.13 -34.54
C PRO A 449 22.56 10.12 -34.31
N ASP A 450 21.78 10.40 -35.33
CA ASP A 450 20.34 10.43 -35.21
C ASP A 450 19.79 9.11 -34.80
N LEU A 451 20.42 8.04 -35.22
CA LEU A 451 19.94 6.68 -34.87
C LEU A 451 19.88 6.52 -33.36
N LEU A 452 20.96 6.79 -32.67
CA LEU A 452 21.01 6.63 -31.20
C LEU A 452 20.18 7.74 -30.56
N HIS A 453 20.12 8.89 -31.18
CA HIS A 453 19.37 10.03 -30.61
C HIS A 453 17.90 9.65 -30.49
N TYR A 454 17.31 9.23 -31.58
CA TYR A 454 15.87 8.90 -31.60
C TYR A 454 15.63 7.59 -30.84
N SER A 455 16.51 6.64 -30.93
CA SER A 455 16.31 5.38 -30.18
C SER A 455 16.29 5.68 -28.67
N SER A 456 17.15 6.57 -28.23
CA SER A 456 17.28 6.92 -26.79
C SER A 456 16.11 7.79 -26.33
N LEU A 457 15.64 8.68 -27.17
CA LEU A 457 14.50 9.55 -26.82
C LEU A 457 13.29 8.67 -26.55
N LEU A 458 13.05 7.70 -27.42
CA LEU A 458 11.88 6.80 -27.27
C LEU A 458 11.99 6.01 -25.98
N SER A 459 13.18 5.58 -25.64
CA SER A 459 13.39 4.77 -24.42
C SER A 459 13.22 5.65 -23.19
N ARG A 460 13.47 6.92 -23.32
CA ARG A 460 13.33 7.86 -22.18
C ARG A 460 11.85 8.04 -21.90
N LEU A 461 11.08 8.41 -22.90
CA LEU A 461 9.64 8.66 -22.78
C LEU A 461 8.91 7.36 -22.46
N ILE A 462 9.33 6.24 -22.98
CA ILE A 462 8.62 4.97 -22.67
C ILE A 462 8.80 4.67 -21.18
N ASN A 463 9.97 4.94 -20.67
CA ASN A 463 10.24 4.72 -19.24
C ASN A 463 9.41 5.71 -18.43
N ASP A 464 9.36 6.97 -18.84
CA ASP A 464 8.62 7.96 -18.12
C ASP A 464 7.19 7.56 -17.97
N ILE A 465 6.65 7.01 -19.03
CA ILE A 465 5.23 6.57 -19.09
C ILE A 465 5.03 5.37 -18.19
N GLY A 466 6.06 4.60 -17.90
CA GLY A 466 5.88 3.42 -17.03
C GLY A 466 6.28 3.71 -15.60
N THR A 467 6.15 4.94 -15.15
CA THR A 467 6.56 5.28 -13.76
C THR A 467 5.50 6.16 -13.07
N SER A 468 5.27 5.92 -11.78
CA SER A 468 4.33 6.70 -10.94
C SER A 468 4.93 6.90 -9.55
N ASP A 476 8.47 11.67 -6.56
CA ASP A 476 8.70 13.10 -6.70
C ASP A 476 9.78 13.40 -7.72
N ASN A 477 10.22 12.38 -8.45
CA ASN A 477 11.27 12.58 -9.48
C ASN A 477 10.63 13.14 -10.76
N LEU A 478 11.32 14.07 -11.40
CA LEU A 478 10.86 14.81 -12.60
C LEU A 478 10.82 13.94 -13.85
N LYS A 479 9.76 14.00 -14.63
CA LYS A 479 9.64 13.21 -15.88
C LYS A 479 9.13 14.10 -16.99
N SER A 480 8.90 13.56 -18.16
CA SER A 480 8.38 14.40 -19.28
C SER A 480 6.94 14.79 -18.98
N ILE A 481 6.17 13.90 -18.38
CA ILE A 481 4.75 14.16 -18.06
C ILE A 481 4.64 15.45 -17.27
N HIS A 482 5.36 15.58 -16.18
CA HIS A 482 5.31 16.81 -15.36
C HIS A 482 5.77 18.02 -16.17
N CYS A 483 6.74 17.85 -17.05
CA CYS A 483 7.25 18.99 -17.84
C CYS A 483 6.19 19.50 -18.80
N TYR A 484 5.37 18.62 -19.35
CA TYR A 484 4.30 19.04 -20.29
C TYR A 484 3.14 19.62 -19.50
N MET A 485 2.85 19.07 -18.35
CA MET A 485 1.75 19.59 -17.51
C MET A 485 2.06 21.04 -17.19
N ASN A 486 3.25 21.27 -16.71
CA ASN A 486 3.73 22.60 -16.28
C ASN A 486 3.74 23.57 -17.46
N GLU A 487 3.94 23.11 -18.66
CA GLU A 487 4.04 24.04 -19.81
C GLU A 487 2.68 24.29 -20.43
N THR A 488 1.69 23.47 -20.18
CA THR A 488 0.41 23.68 -20.89
C THR A 488 -0.74 23.75 -19.89
N GLY A 489 -0.51 23.36 -18.66
CA GLY A 489 -1.60 23.34 -17.66
C GLY A 489 -2.44 22.10 -17.87
N ALA A 490 -1.90 21.11 -18.54
CA ALA A 490 -2.63 19.86 -18.82
C ALA A 490 -2.64 18.98 -17.58
N SER A 491 -3.60 18.08 -17.49
CA SER A 491 -3.67 17.17 -16.33
C SER A 491 -2.70 16.01 -16.53
N GLU A 492 -2.42 15.28 -15.48
CA GLU A 492 -1.51 14.12 -15.52
C GLU A 492 -2.05 13.11 -16.52
N GLU A 493 -3.34 12.88 -16.55
CA GLU A 493 -3.88 11.88 -17.48
C GLU A 493 -3.73 12.37 -18.92
N VAL A 494 -3.96 13.64 -19.17
CA VAL A 494 -3.87 14.17 -20.55
C VAL A 494 -2.41 14.28 -20.94
N ALA A 495 -1.56 14.66 -20.00
CA ALA A 495 -0.12 14.79 -20.28
C ALA A 495 0.44 13.44 -20.69
N ARG A 496 -0.03 12.39 -20.05
CA ARG A 496 0.45 11.01 -20.32
C ARG A 496 -0.06 10.56 -21.69
N GLU A 497 -1.26 10.93 -22.06
CA GLU A 497 -1.78 10.56 -23.38
C GLU A 497 -1.00 11.32 -24.45
N HIS A 498 -0.54 12.52 -24.14
CA HIS A 498 0.21 13.33 -25.13
C HIS A 498 1.59 12.71 -25.36
N ILE A 499 2.29 12.34 -24.30
CA ILE A 499 3.65 11.75 -24.43
C ILE A 499 3.53 10.42 -25.16
N LYS A 500 2.41 9.73 -25.03
CA LYS A 500 2.23 8.44 -25.75
C LYS A 500 2.23 8.76 -27.24
N GLY A 501 1.73 9.93 -27.57
CA GLY A 501 1.67 10.39 -28.97
C GLY A 501 3.05 10.82 -29.43
N VAL A 502 3.84 11.38 -28.56
CA VAL A 502 5.21 11.80 -28.97
C VAL A 502 6.00 10.54 -29.27
N ILE A 503 5.81 9.49 -28.49
CA ILE A 503 6.51 8.20 -28.68
C ILE A 503 6.14 7.67 -30.06
N GLU A 504 4.88 7.74 -30.38
CA GLU A 504 4.36 7.24 -31.66
C GLU A 504 5.02 8.03 -32.80
N GLU A 505 5.25 9.32 -32.66
CA GLU A 505 5.86 10.10 -33.76
C GLU A 505 7.36 9.91 -33.79
N ASN A 506 8.00 9.60 -32.68
CA ASN A 506 9.46 9.44 -32.73
C ASN A 506 9.79 8.06 -33.28
N TRP A 507 8.82 7.17 -33.27
CA TRP A 507 9.04 5.83 -33.86
C TRP A 507 9.05 6.03 -35.37
N LYS A 508 8.22 6.92 -35.85
CA LYS A 508 8.11 7.22 -37.30
C LYS A 508 9.41 7.85 -37.79
N ILE A 509 10.03 8.68 -36.97
CA ILE A 509 11.32 9.32 -37.39
C ILE A 509 12.38 8.22 -37.44
N LEU A 510 12.46 7.42 -36.40
CA LEU A 510 13.42 6.31 -36.29
C LEU A 510 13.22 5.34 -37.47
N ASN A 511 11.99 5.01 -37.79
CA ASN A 511 11.70 4.10 -38.92
C ASN A 511 12.38 4.59 -40.19
N GLN A 512 12.21 5.85 -40.53
CA GLN A 512 12.77 6.45 -41.76
C GLN A 512 14.27 6.61 -41.58
N CYS A 513 14.68 6.81 -40.36
CA CYS A 513 16.11 7.03 -40.03
C CYS A 513 16.86 5.71 -40.10
N CYS A 514 16.16 4.61 -40.21
CA CYS A 514 16.82 3.29 -40.30
C CYS A 514 17.19 3.03 -41.77
N PHE A 515 16.73 3.87 -42.67
CA PHE A 515 17.03 3.68 -44.10
C PHE A 515 18.35 4.37 -44.43
N ASP A 516 18.76 5.36 -43.65
CA ASP A 516 20.02 5.98 -43.93
C ASP A 516 21.10 5.08 -43.40
N GLN A 517 21.55 4.21 -44.29
CA GLN A 517 22.56 3.17 -44.00
C GLN A 517 23.94 3.72 -44.38
N SER A 518 24.07 5.02 -44.49
CA SER A 518 25.36 5.62 -44.92
C SER A 518 26.43 5.52 -43.85
N GLN A 519 26.12 5.57 -42.57
CA GLN A 519 27.18 5.49 -41.54
C GLN A 519 27.04 4.20 -40.75
N PHE A 520 25.85 3.74 -40.53
CA PHE A 520 25.67 2.51 -39.74
C PHE A 520 24.90 1.51 -40.58
N GLN A 521 25.08 0.24 -40.30
CA GLN A 521 24.38 -0.83 -41.04
C GLN A 521 24.00 -1.94 -40.05
N GLU A 522 23.28 -2.94 -40.48
CA GLU A 522 23.00 -4.05 -39.55
C GLU A 522 24.34 -4.68 -39.18
N PRO A 523 24.48 -5.24 -38.02
CA PRO A 523 23.39 -5.48 -37.10
C PRO A 523 23.25 -4.33 -36.09
N PHE A 524 23.95 -3.23 -36.28
CA PHE A 524 23.89 -2.11 -35.31
C PHE A 524 22.55 -1.39 -35.41
N ILE A 525 21.89 -1.46 -36.54
CA ILE A 525 20.59 -0.74 -36.67
C ILE A 525 19.55 -1.47 -35.84
N THR A 526 19.63 -2.77 -35.79
CA THR A 526 18.64 -3.57 -35.02
C THR A 526 19.11 -3.60 -33.56
N PHE A 527 20.34 -3.28 -33.28
CA PHE A 527 20.74 -3.20 -31.86
C PHE A 527 20.00 -2.01 -31.27
N ASN A 528 19.84 -0.99 -32.09
CA ASN A 528 19.19 0.28 -31.68
C ASN A 528 17.68 0.06 -31.56
N LEU A 529 17.11 -0.61 -32.52
CA LEU A 529 15.66 -0.87 -32.50
C LEU A 529 15.33 -1.78 -31.33
N ASN A 530 16.19 -2.74 -31.05
CA ASN A 530 15.98 -3.74 -29.98
C ASN A 530 16.10 -3.08 -28.62
N SER A 531 16.81 -1.97 -28.50
CA SER A 531 16.92 -1.28 -27.20
C SER A 531 15.60 -0.60 -26.91
N VAL A 532 14.96 -0.07 -27.92
CA VAL A 532 13.66 0.61 -27.74
C VAL A 532 12.60 -0.45 -27.49
N ARG A 533 12.74 -1.59 -28.16
CA ARG A 533 11.78 -2.69 -27.95
C ARG A 533 11.94 -3.22 -26.53
N GLY A 534 13.14 -3.20 -25.99
CA GLY A 534 13.33 -3.62 -24.60
C GLY A 534 12.55 -2.71 -23.67
N SER A 535 12.53 -1.42 -23.96
CA SER A 535 11.79 -0.42 -23.15
C SER A 535 10.30 -0.75 -23.19
N HIS A 536 9.75 -1.03 -24.33
CA HIS A 536 8.31 -1.37 -24.44
C HIS A 536 8.01 -2.61 -23.60
N PHE A 537 8.91 -3.55 -23.55
CA PHE A 537 8.67 -4.79 -22.78
C PHE A 537 8.81 -4.54 -21.28
N PHE A 538 9.73 -3.72 -20.87
CA PHE A 538 9.96 -3.52 -19.42
C PHE A 538 8.96 -2.54 -18.82
N TYR A 539 8.28 -1.76 -19.63
CA TYR A 539 7.33 -0.75 -19.09
C TYR A 539 5.95 -0.94 -19.71
N GLU A 540 5.59 -2.14 -20.05
CA GLU A 540 4.28 -2.37 -20.69
C GLU A 540 3.15 -2.15 -19.69
N PHE A 541 3.35 -2.52 -18.45
CA PHE A 541 2.28 -2.40 -17.44
C PHE A 541 2.78 -1.71 -16.18
N GLY A 542 3.80 -0.89 -16.28
CA GLY A 542 4.36 -0.23 -15.08
C GLY A 542 5.85 -0.42 -15.01
N ASP A 543 6.45 -0.45 -13.84
CA ASP A 543 7.87 -0.64 -13.76
C ASP A 543 8.21 -2.08 -13.71
N GLY A 544 8.59 -2.63 -14.83
CA GLY A 544 8.97 -4.04 -14.91
C GLY A 544 10.47 -4.19 -14.85
N PHE A 545 11.21 -3.10 -14.76
CA PHE A 545 12.68 -3.22 -14.69
C PHE A 545 13.16 -3.00 -13.26
N GLY A 546 12.68 -1.97 -12.60
CA GLY A 546 13.16 -1.66 -11.24
C GLY A 546 12.47 -2.44 -10.16
N VAL A 547 11.30 -2.97 -10.41
CA VAL A 547 10.59 -3.75 -9.37
C VAL A 547 11.15 -5.17 -9.43
N THR A 548 11.65 -5.70 -8.35
CA THR A 548 12.32 -7.02 -8.38
C THR A 548 11.34 -8.15 -8.69
N ASP A 549 10.07 -8.04 -8.37
CA ASP A 549 9.14 -9.10 -8.65
C ASP A 549 7.96 -8.54 -9.42
N SER A 550 8.04 -8.53 -10.73
CA SER A 550 6.91 -8.01 -11.52
C SER A 550 6.47 -9.04 -12.54
N TRP A 551 5.60 -8.65 -13.44
CA TRP A 551 5.06 -9.52 -14.52
C TRP A 551 6.19 -9.88 -15.49
N THR A 552 7.31 -9.27 -15.30
CA THR A 552 8.45 -9.44 -16.23
C THR A 552 9.18 -10.75 -15.97
N LYS A 553 8.98 -11.39 -14.83
CA LYS A 553 9.69 -12.65 -14.51
C LYS A 553 9.14 -13.79 -15.35
N VAL A 554 7.91 -13.72 -15.81
CA VAL A 554 7.37 -14.84 -16.60
C VAL A 554 8.17 -15.00 -17.89
N ASP A 555 8.36 -13.93 -18.65
CA ASP A 555 9.08 -14.01 -19.90
C ASP A 555 10.56 -14.12 -19.70
N MET A 556 11.06 -13.59 -18.62
CA MET A 556 12.52 -13.69 -18.36
C MET A 556 12.84 -15.15 -18.04
N LYS A 557 11.95 -15.83 -17.35
CA LYS A 557 12.19 -17.24 -17.00
C LYS A 557 12.07 -18.11 -18.24
N SER A 558 11.11 -17.86 -19.10
CA SER A 558 10.96 -18.72 -20.29
C SER A 558 11.99 -18.35 -21.35
N VAL A 559 12.64 -17.22 -21.27
CA VAL A 559 13.59 -16.86 -22.34
C VAL A 559 15.01 -17.13 -21.86
N LEU A 560 15.28 -16.96 -20.59
CA LEU A 560 16.67 -17.13 -20.12
C LEU A 560 16.85 -18.39 -19.28
N ILE A 561 15.84 -18.92 -18.61
CA ILE A 561 16.11 -20.05 -17.67
C ILE A 561 15.51 -21.37 -18.15
N ASP A 562 14.25 -21.42 -18.48
CA ASP A 562 13.63 -22.67 -18.84
C ASP A 562 13.70 -23.00 -20.29
N PRO A 563 14.33 -24.12 -20.60
CA PRO A 563 14.49 -24.66 -21.93
C PRO A 563 13.15 -25.21 -22.40
N ILE A 564 12.94 -25.24 -23.69
CA ILE A 564 11.66 -25.77 -24.23
C ILE A 564 11.77 -27.30 -24.25
N PRO A 565 10.68 -28.00 -23.99
CA PRO A 565 10.72 -29.46 -24.00
C PRO A 565 10.66 -30.00 -25.43
N LEU A 566 11.44 -31.00 -25.75
CA LEU A 566 11.41 -31.62 -27.10
C LEU A 566 10.90 -33.06 -26.98
N GLY A 567 11.79 -33.98 -26.67
CA GLY A 567 11.42 -35.40 -26.54
C GLY A 567 12.42 -36.30 -27.24
N PRO B 39 14.37 0.28 50.27
CA PRO B 39 14.70 -0.50 49.08
C PRO B 39 14.25 0.24 47.81
N SER B 40 14.61 1.51 47.70
CA SER B 40 14.22 2.27 46.49
C SER B 40 15.08 1.81 45.33
N ILE B 41 14.57 1.83 44.12
CA ILE B 41 15.40 1.44 42.96
C ILE B 41 16.22 2.66 42.54
N TRP B 42 16.07 3.77 43.21
CA TRP B 42 16.89 4.94 42.84
C TRP B 42 18.04 5.08 43.84
N ASN B 43 17.90 4.49 44.99
CA ASN B 43 18.96 4.64 46.01
C ASN B 43 20.28 4.12 45.43
N TYR B 44 21.33 4.93 45.47
CA TYR B 44 22.66 4.59 44.93
C TYR B 44 23.24 3.43 45.74
N ASP B 45 22.80 3.23 46.95
CA ASP B 45 23.37 2.14 47.69
C ASP B 45 22.78 0.87 47.19
N PHE B 46 21.53 0.93 46.81
CA PHE B 46 20.88 -0.28 46.29
C PHE B 46 21.43 -0.57 44.91
N LEU B 47 21.72 0.46 44.15
CA LEU B 47 22.25 0.28 42.78
C LEU B 47 23.67 -0.23 42.86
N GLN B 48 24.44 0.20 43.82
CA GLN B 48 25.85 -0.25 43.91
C GLN B 48 25.87 -1.71 44.37
N SER B 49 24.85 -2.13 45.11
CA SER B 49 24.81 -3.50 45.67
C SER B 49 24.55 -4.52 44.57
N LEU B 50 24.04 -4.07 43.43
CA LEU B 50 23.69 -4.97 42.31
C LEU B 50 24.95 -5.53 41.67
N ALA B 51 26.09 -4.95 41.95
CA ALA B 51 27.35 -5.46 41.36
C ALA B 51 27.67 -6.83 41.94
N THR B 52 27.18 -7.13 43.12
CA THR B 52 27.51 -8.44 43.75
C THR B 52 26.21 -9.15 44.12
N HIS B 53 25.10 -8.43 44.13
CA HIS B 53 23.80 -9.04 44.51
C HIS B 53 22.84 -9.01 43.32
N HIS B 54 23.18 -9.63 42.22
CA HIS B 54 22.29 -9.64 41.04
C HIS B 54 21.54 -10.98 40.98
N ASN B 55 20.83 -11.25 39.90
CA ASN B 55 20.08 -12.53 39.83
C ASN B 55 21.04 -13.69 39.94
N ILE B 56 20.72 -14.65 40.75
CA ILE B 56 21.54 -15.88 40.85
C ILE B 56 20.98 -16.77 39.76
N VAL B 57 21.72 -17.07 38.72
CA VAL B 57 21.08 -17.96 37.72
C VAL B 57 21.54 -19.39 38.04
N GLU B 58 20.64 -20.23 38.53
CA GLU B 58 20.99 -21.61 38.94
C GLU B 58 21.51 -22.39 37.75
N GLU B 59 22.45 -23.30 37.93
CA GLU B 59 23.01 -24.09 36.79
C GLU B 59 21.93 -24.97 36.16
N ARG B 60 20.95 -25.44 36.90
CA ARG B 60 19.90 -26.24 36.24
C ARG B 60 19.17 -25.35 35.24
N HIS B 61 19.03 -24.06 35.53
CA HIS B 61 18.29 -23.17 34.61
C HIS B 61 19.20 -22.86 33.41
N LEU B 62 20.50 -22.98 33.56
CA LEU B 62 21.43 -22.68 32.45
C LEU B 62 21.44 -23.85 31.48
N LYS B 63 21.50 -25.05 31.99
CA LYS B 63 21.56 -26.26 31.15
C LYS B 63 20.20 -26.46 30.48
N LEU B 64 19.14 -26.02 31.13
CA LEU B 64 17.76 -26.14 30.61
C LEU B 64 17.61 -25.17 29.44
N ALA B 65 18.23 -24.01 29.55
CA ALA B 65 18.17 -22.96 28.52
C ALA B 65 19.04 -23.37 27.34
N GLU B 66 20.05 -24.14 27.60
CA GLU B 66 20.93 -24.60 26.51
C GLU B 66 20.22 -25.74 25.79
N LYS B 67 19.30 -26.38 26.46
CA LYS B 67 18.57 -27.52 25.87
C LYS B 67 17.43 -26.95 25.03
N LEU B 68 16.70 -25.99 25.55
CA LEU B 68 15.60 -25.37 24.79
C LEU B 68 16.18 -24.63 23.59
N LYS B 69 17.30 -23.98 23.76
CA LYS B 69 17.94 -23.25 22.65
C LYS B 69 18.18 -24.24 21.50
N GLY B 70 18.72 -25.40 21.80
CA GLY B 70 19.01 -26.41 20.76
C GLY B 70 17.75 -26.93 20.11
N GLN B 71 16.66 -27.00 20.85
CA GLN B 71 15.37 -27.50 20.32
C GLN B 71 14.81 -26.45 19.38
N VAL B 72 14.87 -25.18 19.74
CA VAL B 72 14.35 -24.11 18.84
C VAL B 72 15.23 -24.07 17.60
N LYS B 73 16.50 -24.36 17.72
CA LYS B 73 17.33 -24.41 16.49
C LYS B 73 16.81 -25.55 15.62
N PHE B 74 16.41 -26.66 16.21
CA PHE B 74 15.86 -27.78 15.42
C PHE B 74 14.56 -27.33 14.77
N MET B 75 13.76 -26.53 15.45
CA MET B 75 12.47 -26.06 14.90
C MET B 75 12.71 -25.15 13.70
N PHE B 76 13.72 -24.33 13.74
CA PHE B 76 14.00 -23.43 12.61
C PHE B 76 14.50 -24.28 11.45
N GLY B 77 15.11 -25.40 11.77
CA GLY B 77 15.67 -26.28 10.74
C GLY B 77 14.63 -27.14 10.08
N ALA B 78 13.46 -27.27 10.67
CA ALA B 78 12.42 -28.10 10.04
C ALA B 78 11.92 -27.40 8.79
N PRO B 79 11.69 -28.14 7.73
CA PRO B 79 11.19 -27.56 6.50
C PRO B 79 9.70 -27.31 6.69
N MET B 80 9.32 -26.29 7.41
CA MET B 80 7.87 -26.06 7.61
C MET B 80 7.33 -25.14 6.53
N GLU B 81 6.09 -24.73 6.66
CA GLU B 81 5.46 -23.81 5.69
C GLU B 81 6.06 -22.42 5.90
N PRO B 82 6.18 -21.64 4.84
CA PRO B 82 6.73 -20.31 4.82
C PRO B 82 6.00 -19.39 5.80
N LEU B 83 4.69 -19.49 5.86
CA LEU B 83 3.97 -18.61 6.79
C LEU B 83 4.31 -19.02 8.21
N ALA B 84 4.54 -20.29 8.44
CA ALA B 84 4.85 -20.76 9.81
C ALA B 84 6.26 -20.30 10.18
N LYS B 85 7.18 -20.28 9.24
CA LYS B 85 8.57 -19.84 9.52
C LYS B 85 8.53 -18.35 9.85
N LEU B 86 7.60 -17.63 9.26
CA LEU B 86 7.43 -16.17 9.49
C LEU B 86 6.87 -15.99 10.90
N GLU B 87 5.88 -16.78 11.22
CA GLU B 87 5.23 -16.70 12.54
C GLU B 87 6.24 -17.15 13.59
N LEU B 88 7.20 -17.96 13.20
CA LEU B 88 8.20 -18.40 14.21
C LEU B 88 9.24 -17.30 14.37
N VAL B 89 9.49 -16.52 13.35
CA VAL B 89 10.49 -15.42 13.46
C VAL B 89 9.86 -14.28 14.24
N ASP B 90 8.57 -14.09 14.12
CA ASP B 90 7.92 -13.03 14.81
C ASP B 90 7.93 -13.23 16.31
N VAL B 91 7.57 -14.41 16.78
CA VAL B 91 7.56 -14.63 18.26
C VAL B 91 8.99 -14.65 18.76
N VAL B 92 9.91 -15.19 18.01
CA VAL B 92 11.31 -15.23 18.51
C VAL B 92 11.79 -13.79 18.71
N GLN B 93 11.57 -12.90 17.77
CA GLN B 93 12.02 -11.49 17.92
C GLN B 93 11.22 -10.79 19.01
N ARG B 94 9.92 -10.97 19.05
CA ARG B 94 9.05 -10.30 20.04
C ARG B 94 9.39 -10.76 21.46
N LEU B 95 9.79 -12.00 21.66
CA LEU B 95 10.11 -12.52 23.01
C LEU B 95 11.49 -12.09 23.46
N GLY B 96 12.31 -11.54 22.58
CA GLY B 96 13.65 -11.03 22.92
C GLY B 96 14.70 -12.09 22.71
N LEU B 97 14.34 -13.14 22.02
CA LEU B 97 15.24 -14.30 21.83
C LEU B 97 15.97 -14.21 20.50
N ASN B 98 15.75 -13.19 19.73
CA ASN B 98 16.39 -13.13 18.39
C ASN B 98 17.90 -13.09 18.49
N HIS B 99 18.47 -12.72 19.62
CA HIS B 99 19.94 -12.61 19.69
C HIS B 99 20.57 -14.00 19.81
N LEU B 100 19.77 -15.03 20.03
CA LEU B 100 20.29 -16.40 20.13
C LEU B 100 20.18 -17.08 18.77
N PHE B 101 19.39 -16.55 17.85
CA PHE B 101 19.17 -17.22 16.56
C PHE B 101 19.35 -16.24 15.41
N GLU B 102 20.39 -15.45 15.43
CA GLU B 102 20.59 -14.45 14.37
C GLU B 102 20.84 -15.15 13.03
N THR B 103 21.57 -16.22 13.04
CA THR B 103 21.89 -16.94 11.78
C THR B 103 20.63 -17.61 11.25
N GLU B 104 19.84 -18.18 12.13
CA GLU B 104 18.63 -18.93 11.73
C GLU B 104 17.55 -17.96 11.24
N ILE B 105 17.41 -16.80 11.87
CA ILE B 105 16.38 -15.82 11.42
C ILE B 105 16.84 -15.22 10.09
N LYS B 106 18.12 -15.00 9.92
CA LYS B 106 18.61 -14.41 8.67
C LYS B 106 18.36 -15.40 7.54
N GLU B 107 18.70 -16.64 7.74
CA GLU B 107 18.52 -17.69 6.71
C GLU B 107 17.03 -17.88 6.43
N ALA B 108 16.18 -17.79 7.41
CA ALA B 108 14.74 -18.00 7.15
C ALA B 108 14.18 -16.83 6.34
N LEU B 109 14.54 -15.62 6.67
CA LEU B 109 13.96 -14.46 5.94
C LEU B 109 14.54 -14.39 4.54
N PHE B 110 15.82 -14.65 4.37
CA PHE B 110 16.39 -14.58 3.01
C PHE B 110 15.79 -15.69 2.16
N SER B 111 15.54 -16.83 2.73
CA SER B 111 14.95 -17.97 1.98
C SER B 111 13.50 -17.67 1.63
N ILE B 112 12.75 -17.06 2.53
CA ILE B 112 11.34 -16.70 2.22
C ILE B 112 11.35 -15.56 1.23
N TYR B 113 12.36 -14.71 1.27
CA TYR B 113 12.42 -13.59 0.32
C TYR B 113 12.78 -14.13 -1.06
N LYS B 114 13.48 -15.23 -1.14
CA LYS B 114 13.88 -15.77 -2.46
C LYS B 114 12.78 -16.67 -3.04
N ASP B 115 11.75 -16.95 -2.30
CA ASP B 115 10.74 -17.89 -2.74
C ASP B 115 10.40 -18.01 -4.20
N GLY B 116 9.70 -17.07 -4.77
CA GLY B 116 9.33 -17.27 -6.18
C GLY B 116 7.86 -17.66 -6.27
N SER B 117 7.41 -18.55 -5.41
CA SER B 117 5.98 -18.92 -5.37
C SER B 117 5.30 -17.99 -4.36
N ASN B 118 4.25 -17.31 -4.74
CA ASN B 118 3.64 -16.31 -3.82
C ASN B 118 2.19 -16.67 -3.52
N GLY B 119 1.75 -17.87 -3.84
CA GLY B 119 0.34 -18.23 -3.61
C GLY B 119 0.00 -18.38 -2.15
N TRP B 120 0.98 -18.56 -1.29
CA TRP B 120 0.69 -18.76 0.16
C TRP B 120 0.39 -17.43 0.85
N TRP B 121 0.64 -16.30 0.22
CA TRP B 121 0.36 -15.01 0.90
C TRP B 121 -0.42 -14.08 -0.01
N PHE B 122 -0.50 -14.36 -1.28
CA PHE B 122 -1.24 -13.42 -2.18
C PHE B 122 -2.72 -13.50 -1.87
N GLY B 123 -3.33 -12.40 -1.48
CA GLY B 123 -4.77 -12.43 -1.17
C GLY B 123 -4.99 -12.66 0.30
N HIS B 124 -3.96 -12.96 1.06
CA HIS B 124 -4.12 -13.17 2.52
C HIS B 124 -3.51 -11.97 3.25
N LEU B 125 -4.32 -11.26 3.99
CA LEU B 125 -3.88 -10.00 4.65
C LEU B 125 -2.84 -10.25 5.73
N HIS B 126 -3.04 -11.20 6.60
CA HIS B 126 -2.04 -11.39 7.67
C HIS B 126 -0.74 -11.86 7.05
N ALA B 127 -0.81 -12.81 6.14
CA ALA B 127 0.40 -13.33 5.49
C ALA B 127 1.07 -12.23 4.70
N THR B 128 0.32 -11.45 3.97
CA THR B 128 0.92 -10.36 3.17
C THR B 128 1.53 -9.33 4.10
N SER B 129 0.85 -8.95 5.15
CA SER B 129 1.33 -7.90 6.08
C SER B 129 2.48 -8.40 6.94
N LEU B 130 2.41 -9.59 7.48
CA LEU B 130 3.53 -10.08 8.32
C LEU B 130 4.77 -10.18 7.45
N ARG B 131 4.64 -10.77 6.29
CA ARG B 131 5.78 -10.96 5.36
C ARG B 131 6.38 -9.61 5.00
N PHE B 132 5.55 -8.64 4.72
CA PHE B 132 6.03 -7.30 4.33
C PHE B 132 6.83 -6.67 5.47
N ARG B 133 6.32 -6.73 6.67
CA ARG B 133 7.00 -6.11 7.82
C ARG B 133 8.28 -6.85 8.15
N LEU B 134 8.25 -8.16 8.20
CA LEU B 134 9.45 -8.93 8.59
C LEU B 134 10.54 -8.77 7.54
N LEU B 135 10.22 -8.85 6.27
CA LEU B 135 11.28 -8.73 5.23
C LEU B 135 11.75 -7.27 5.16
N ARG B 136 10.91 -6.31 5.41
CA ARG B 136 11.36 -4.91 5.31
C ARG B 136 12.23 -4.56 6.52
N GLN B 137 12.03 -5.21 7.65
CA GLN B 137 12.83 -4.89 8.85
C GLN B 137 14.25 -5.40 8.65
N CYS B 138 14.49 -6.36 7.79
CA CYS B 138 15.89 -6.80 7.66
C CYS B 138 16.51 -6.23 6.39
N GLY B 139 15.89 -5.26 5.78
CA GLY B 139 16.47 -4.57 4.62
C GLY B 139 16.09 -5.19 3.29
N LEU B 140 15.10 -6.04 3.23
CA LEU B 140 14.70 -6.64 1.93
C LEU B 140 13.46 -5.88 1.45
N PHE B 141 13.58 -5.13 0.38
CA PHE B 141 12.46 -4.27 -0.07
C PHE B 141 11.27 -5.04 -0.65
N ILE B 142 10.11 -4.76 -0.09
CA ILE B 142 8.80 -5.29 -0.54
C ILE B 142 7.96 -4.06 -0.89
N PRO B 143 7.56 -3.92 -2.13
CA PRO B 143 6.80 -2.76 -2.53
C PRO B 143 5.46 -2.68 -1.80
N GLN B 144 4.90 -1.49 -1.70
CA GLN B 144 3.62 -1.27 -1.02
C GLN B 144 2.49 -1.76 -1.91
N ASP B 145 2.82 -2.15 -3.12
CA ASP B 145 1.84 -2.58 -4.08
C ASP B 145 1.28 -3.90 -3.78
N VAL B 146 1.85 -4.58 -2.82
CA VAL B 146 1.34 -5.94 -2.47
C VAL B 146 -0.02 -5.80 -1.80
N PHE B 147 -0.34 -4.60 -1.36
CA PHE B 147 -1.60 -4.38 -0.62
C PHE B 147 -2.71 -3.92 -1.55
N LYS B 148 -2.42 -3.75 -2.82
CA LYS B 148 -3.41 -3.25 -3.81
C LYS B 148 -4.52 -4.29 -3.97
N THR B 149 -4.22 -5.52 -3.63
CA THR B 149 -5.20 -6.62 -3.76
C THR B 149 -6.33 -6.42 -2.76
N PHE B 150 -6.12 -5.64 -1.73
CA PHE B 150 -7.15 -5.45 -0.69
C PHE B 150 -7.84 -4.11 -0.87
N GLN B 151 -7.64 -3.48 -1.98
CA GLN B 151 -8.30 -2.17 -2.17
C GLN B 151 -9.31 -2.27 -3.31
N ASN B 152 -10.07 -1.22 -3.51
CA ASN B 152 -11.02 -1.14 -4.65
C ASN B 152 -10.41 -0.22 -5.71
N LYS B 153 -11.11 0.03 -6.79
CA LYS B 153 -10.56 0.92 -7.84
C LYS B 153 -10.16 2.22 -7.16
N THR B 154 -11.06 2.75 -6.36
CA THR B 154 -10.89 4.04 -5.66
C THR B 154 -9.63 4.03 -4.80
N GLY B 155 -9.23 2.90 -4.27
CA GLY B 155 -8.02 2.88 -3.42
C GLY B 155 -8.41 2.74 -1.96
N GLU B 156 -9.66 2.54 -1.67
CA GLU B 156 -10.05 2.34 -0.25
C GLU B 156 -10.03 0.85 0.05
N PHE B 157 -9.60 0.49 1.24
CA PHE B 157 -9.53 -0.95 1.58
C PHE B 157 -10.94 -1.50 1.63
N ASP B 158 -11.10 -2.72 1.15
CA ASP B 158 -12.34 -3.40 1.14
C ASP B 158 -12.80 -3.39 2.55
N MET B 159 -14.03 -2.96 2.81
CA MET B 159 -14.48 -2.83 4.22
C MET B 159 -14.92 -4.15 4.86
N LYS B 160 -14.72 -5.30 4.23
CA LYS B 160 -15.01 -6.63 4.82
C LYS B 160 -13.83 -7.03 5.71
N LEU B 161 -12.69 -6.36 5.54
CA LEU B 161 -11.46 -6.58 6.33
C LEU B 161 -11.50 -5.78 7.63
N CYS B 162 -12.59 -5.08 7.98
CA CYS B 162 -12.63 -4.37 9.28
C CYS B 162 -13.34 -5.27 10.32
N ASP B 163 -13.47 -6.55 10.02
CA ASP B 163 -14.03 -7.57 10.85
C ASP B 163 -12.89 -8.51 11.22
N ASN B 164 -11.97 -8.71 10.29
CA ASN B 164 -10.80 -9.61 10.45
C ASN B 164 -9.73 -8.92 11.31
N VAL B 165 -9.85 -8.97 12.62
CA VAL B 165 -8.93 -8.27 13.56
C VAL B 165 -7.47 -8.70 13.36
N LYS B 166 -7.18 -9.98 13.39
CA LYS B 166 -5.76 -10.43 13.26
C LYS B 166 -5.12 -9.80 12.01
N GLY B 167 -5.79 -9.81 10.89
CA GLY B 167 -5.21 -9.24 9.65
C GLY B 167 -5.05 -7.74 9.72
N LEU B 168 -6.01 -7.06 10.32
CA LEU B 168 -5.95 -5.58 10.44
C LEU B 168 -4.78 -5.24 11.34
N LEU B 169 -4.51 -6.05 12.34
CA LEU B 169 -3.40 -5.80 13.26
C LEU B 169 -2.10 -6.07 12.51
N SER B 170 -2.08 -7.04 11.63
CA SER B 170 -0.82 -7.31 10.91
C SER B 170 -0.57 -6.19 9.91
N LEU B 171 -1.62 -5.64 9.33
CA LEU B 171 -1.44 -4.54 8.35
C LEU B 171 -1.01 -3.27 9.08
N TYR B 172 -1.64 -2.98 10.20
CA TYR B 172 -1.31 -1.79 11.02
C TYR B 172 0.17 -1.83 11.39
N GLU B 173 0.67 -2.93 11.88
CA GLU B 173 2.09 -3.02 12.32
C GLU B 173 3.01 -2.80 11.13
N ALA B 174 2.65 -3.37 10.00
CA ALA B 174 3.41 -3.30 8.75
C ALA B 174 3.39 -1.88 8.19
N SER B 175 2.28 -1.18 8.33
CA SER B 175 2.11 0.18 7.78
C SER B 175 3.12 1.19 8.35
N TYR B 176 3.76 0.88 9.45
CA TYR B 176 4.72 1.82 10.06
C TYR B 176 6.11 1.58 9.51
N LEU B 177 6.24 0.72 8.53
CA LEU B 177 7.56 0.45 7.93
C LEU B 177 7.59 1.18 6.58
N GLY B 178 6.70 2.12 6.38
CA GLY B 178 6.57 2.81 5.10
C GLY B 178 7.53 3.96 4.89
N TRP B 179 7.70 4.38 3.67
CA TRP B 179 8.60 5.51 3.31
C TRP B 179 7.75 6.72 2.92
N LYS B 180 8.41 7.81 2.58
CA LYS B 180 7.69 9.02 2.12
C LYS B 180 7.11 8.71 0.74
N GLY B 181 5.85 8.94 0.52
CA GLY B 181 5.29 8.71 -0.81
C GLY B 181 4.57 7.39 -0.91
N GLU B 182 4.67 6.56 0.09
CA GLU B 182 3.98 5.26 0.04
C GLU B 182 2.54 5.50 0.52
N ASN B 183 1.75 6.07 -0.37
CA ASN B 183 0.35 6.44 -0.14
C ASN B 183 -0.48 5.22 0.24
N ILE B 184 -0.15 4.05 -0.22
CA ILE B 184 -1.00 2.88 0.13
C ILE B 184 -0.80 2.54 1.60
N LEU B 185 0.38 2.75 2.15
CA LEU B 185 0.62 2.41 3.57
C LEU B 185 0.02 3.50 4.44
N ASP B 186 0.00 4.73 3.96
CA ASP B 186 -0.55 5.82 4.71
C ASP B 186 -2.01 5.60 4.90
N GLU B 187 -2.67 5.13 3.86
CA GLU B 187 -4.12 4.89 3.92
C GLU B 187 -4.37 3.61 4.73
N ALA B 188 -3.48 2.65 4.66
CA ALA B 188 -3.62 1.39 5.41
C ALA B 188 -3.59 1.72 6.91
N LYS B 189 -2.69 2.58 7.30
CA LYS B 189 -2.53 2.98 8.72
C LYS B 189 -3.83 3.61 9.22
N ALA B 190 -4.47 4.40 8.41
CA ALA B 190 -5.70 5.09 8.82
C ALA B 190 -6.86 4.10 8.82
N PHE B 191 -6.87 3.19 7.88
CA PHE B 191 -7.97 2.21 7.78
C PHE B 191 -7.90 1.23 8.95
N THR B 192 -6.73 0.76 9.31
CA THR B 192 -6.62 -0.23 10.40
C THR B 192 -6.81 0.45 11.75
N THR B 193 -6.35 1.65 11.90
CA THR B 193 -6.53 2.35 13.19
C THR B 193 -8.02 2.45 13.47
N LYS B 194 -8.77 2.96 12.52
CA LYS B 194 -10.24 3.15 12.67
C LYS B 194 -10.92 1.79 12.85
N CYS B 195 -10.57 0.80 12.06
CA CYS B 195 -11.23 -0.53 12.17
C CYS B 195 -10.82 -1.20 13.47
N LEU B 196 -9.58 -1.08 13.88
CA LEU B 196 -9.15 -1.72 15.14
C LEU B 196 -9.78 -0.95 16.30
N LYS B 197 -9.89 0.35 16.22
CA LYS B 197 -10.48 1.10 17.35
C LYS B 197 -11.95 0.72 17.48
N SER B 198 -12.62 0.50 16.37
CA SER B 198 -14.06 0.18 16.40
C SER B 198 -14.31 -1.28 16.78
N ALA B 199 -13.35 -2.15 16.63
CA ALA B 199 -13.61 -3.58 16.91
C ALA B 199 -13.13 -3.96 18.30
N TRP B 200 -12.45 -3.08 18.99
CA TRP B 200 -11.88 -3.43 20.30
C TRP B 200 -12.92 -3.96 21.28
N GLU B 201 -13.97 -3.21 21.54
CA GLU B 201 -14.96 -3.62 22.57
C GLU B 201 -15.48 -5.03 22.32
N ASN B 202 -15.69 -5.41 21.08
CA ASN B 202 -16.34 -6.71 20.84
C ASN B 202 -15.35 -7.80 20.41
N ILE B 203 -14.06 -7.62 20.64
CA ILE B 203 -13.14 -8.74 20.29
C ILE B 203 -13.48 -9.91 21.22
N SER B 204 -13.56 -11.12 20.71
CA SER B 204 -13.90 -12.30 21.56
C SER B 204 -12.68 -12.72 22.39
N GLU B 205 -11.63 -13.13 21.70
CA GLU B 205 -10.36 -13.54 22.33
C GLU B 205 -9.78 -12.35 23.09
N LYS B 206 -9.74 -12.39 24.40
CA LYS B 206 -9.25 -11.23 25.16
C LYS B 206 -7.74 -11.06 24.98
N TRP B 207 -7.02 -12.08 24.57
CA TRP B 207 -5.55 -11.92 24.40
C TRP B 207 -5.30 -11.05 23.18
N LEU B 208 -6.12 -11.21 22.17
CA LEU B 208 -6.01 -10.44 20.91
C LEU B 208 -6.39 -9.00 21.20
N ALA B 209 -7.37 -8.80 22.05
CA ALA B 209 -7.81 -7.44 22.43
C ALA B 209 -6.65 -6.73 23.12
N LYS B 210 -5.85 -7.47 23.87
CA LYS B 210 -4.71 -6.90 24.61
C LYS B 210 -3.65 -6.47 23.59
N ARG B 211 -3.49 -7.25 22.55
CA ARG B 211 -2.47 -6.95 21.52
C ARG B 211 -2.91 -5.73 20.72
N VAL B 212 -4.19 -5.56 20.51
CA VAL B 212 -4.71 -4.41 19.72
C VAL B 212 -4.56 -3.13 20.53
N LYS B 213 -4.86 -3.18 21.82
CA LYS B 213 -4.74 -1.98 22.68
C LYS B 213 -3.28 -1.57 22.70
N HIS B 214 -2.42 -2.51 23.00
CA HIS B 214 -0.96 -2.27 23.08
C HIS B 214 -0.47 -1.67 21.77
N ALA B 215 -0.87 -2.22 20.65
CA ALA B 215 -0.41 -1.75 19.32
C ALA B 215 -1.05 -0.42 18.97
N LEU B 216 -2.25 -0.18 19.42
CA LEU B 216 -2.92 1.10 19.09
C LEU B 216 -2.23 2.21 19.87
N ALA B 217 -1.68 1.88 21.01
CA ALA B 217 -0.98 2.86 21.86
C ALA B 217 0.38 3.18 21.23
N LEU B 218 1.04 2.18 20.69
CA LEU B 218 2.34 2.38 20.03
C LEU B 218 2.53 1.24 19.04
N PRO B 219 2.89 1.52 17.82
CA PRO B 219 3.09 0.38 16.96
C PRO B 219 4.37 -0.34 17.39
N LEU B 220 4.49 -1.60 17.04
CA LEU B 220 5.65 -2.45 17.41
C LEU B 220 6.92 -1.88 16.80
N HIS B 221 6.83 -1.13 15.73
CA HIS B 221 8.04 -0.56 15.08
C HIS B 221 8.60 0.59 15.91
N TRP B 222 7.81 1.18 16.78
CA TRP B 222 8.31 2.30 17.63
C TRP B 222 8.52 1.82 19.06
N ARG B 223 8.54 0.53 19.33
CA ARG B 223 8.69 0.05 20.72
C ARG B 223 10.11 -0.44 20.94
N VAL B 224 10.62 -0.28 22.14
CA VAL B 224 11.98 -0.78 22.50
C VAL B 224 11.90 -2.30 22.53
N PRO B 225 12.72 -2.97 21.74
CA PRO B 225 12.72 -4.43 21.67
C PRO B 225 12.83 -5.09 23.05
N ARG B 226 13.79 -4.69 23.85
CA ARG B 226 14.02 -5.29 25.18
C ARG B 226 12.85 -4.97 26.10
N ILE B 227 12.22 -3.83 25.98
CA ILE B 227 11.10 -3.53 26.90
C ILE B 227 9.87 -4.28 26.41
N GLU B 228 9.74 -4.48 25.12
CA GLU B 228 8.59 -5.20 24.55
C GLU B 228 8.74 -6.70 24.83
N ALA B 229 9.97 -7.17 24.90
CA ALA B 229 10.18 -8.60 25.19
C ALA B 229 9.60 -8.93 26.55
N ARG B 230 9.78 -8.08 27.53
CA ARG B 230 9.24 -8.33 28.88
C ARG B 230 7.71 -8.24 28.84
N TRP B 231 7.15 -7.39 28.01
CA TRP B 231 5.66 -7.30 27.94
C TRP B 231 5.14 -8.53 27.22
N PHE B 232 5.74 -8.89 26.12
CA PHE B 232 5.24 -10.01 25.30
C PHE B 232 5.40 -11.34 26.04
N ILE B 233 6.43 -11.47 26.84
CA ILE B 233 6.61 -12.75 27.57
C ILE B 233 5.38 -12.98 28.42
N GLU B 234 4.88 -11.95 29.05
CA GLU B 234 3.69 -12.12 29.92
C GLU B 234 2.46 -12.29 29.03
N ALA B 235 2.39 -11.59 27.91
CA ALA B 235 1.23 -11.65 27.01
C ALA B 235 1.18 -12.98 26.27
N TYR B 236 2.31 -13.44 25.76
CA TYR B 236 2.40 -14.71 25.01
C TYR B 236 1.96 -15.88 25.86
N GLU B 237 2.19 -15.80 27.16
CA GLU B 237 1.88 -16.90 28.08
C GLU B 237 0.40 -17.26 28.05
N GLN B 238 -0.47 -16.32 27.82
CA GLN B 238 -1.92 -16.62 27.82
C GLN B 238 -2.44 -16.62 26.39
N GLU B 239 -1.60 -16.66 25.39
CA GLU B 239 -2.13 -16.61 24.02
C GLU B 239 -2.56 -18.00 23.58
N ALA B 240 -3.40 -18.07 22.56
CA ALA B 240 -3.95 -19.33 22.03
C ALA B 240 -2.86 -20.20 21.45
N ASN B 241 -1.94 -19.64 20.69
CA ASN B 241 -0.91 -20.50 20.08
C ASN B 241 0.41 -20.37 20.83
N MET B 242 0.35 -20.19 22.13
CA MET B 242 1.57 -20.08 22.96
C MET B 242 2.35 -21.38 22.79
N ASN B 243 3.65 -21.32 22.78
CA ASN B 243 4.49 -22.54 22.64
C ASN B 243 5.30 -22.71 23.91
N PRO B 244 5.07 -23.76 24.67
CA PRO B 244 5.74 -24.05 25.92
C PRO B 244 7.27 -23.95 25.86
N THR B 245 7.88 -24.38 24.78
CA THR B 245 9.36 -24.36 24.69
C THR B 245 9.83 -22.93 24.46
N LEU B 246 9.11 -22.16 23.67
CA LEU B 246 9.52 -20.76 23.37
C LEU B 246 9.25 -19.90 24.60
N LEU B 247 8.15 -20.12 25.28
CA LEU B 247 7.85 -19.31 26.47
C LEU B 247 8.86 -19.60 27.57
N LYS B 248 9.17 -20.84 27.83
CA LYS B 248 10.13 -21.14 28.91
C LYS B 248 11.51 -20.64 28.52
N LEU B 249 11.90 -20.76 27.27
CA LEU B 249 13.22 -20.26 26.85
C LEU B 249 13.23 -18.74 26.95
N ALA B 250 12.12 -18.08 26.77
CA ALA B 250 12.17 -16.60 26.83
C ALA B 250 12.36 -16.17 28.28
N LYS B 251 11.78 -16.89 29.21
CA LYS B 251 11.89 -16.54 30.63
C LYS B 251 13.33 -16.76 31.08
N LEU B 252 13.90 -17.91 30.80
CA LEU B 252 15.29 -18.19 31.23
C LEU B 252 16.21 -17.12 30.65
N ASP B 253 16.32 -17.03 29.35
CA ASP B 253 17.20 -16.07 28.69
C ASP B 253 17.00 -14.64 29.12
N PHE B 254 15.77 -14.24 29.31
CA PHE B 254 15.53 -12.85 29.76
C PHE B 254 16.18 -12.69 31.14
N ASN B 255 15.98 -13.63 32.03
CA ASN B 255 16.57 -13.52 33.37
C ASN B 255 18.08 -13.64 33.25
N MET B 256 18.56 -14.39 32.29
CA MET B 256 20.03 -14.53 32.13
C MET B 256 20.62 -13.22 31.61
N VAL B 257 19.96 -12.56 30.68
CA VAL B 257 20.53 -11.30 30.11
C VAL B 257 20.36 -10.19 31.14
N GLN B 258 19.27 -10.22 31.88
CA GLN B 258 18.98 -9.20 32.91
C GLN B 258 20.02 -9.32 34.03
N SER B 259 20.55 -10.50 34.23
CA SER B 259 21.56 -10.72 35.29
C SER B 259 22.86 -10.02 34.88
N ILE B 260 23.13 -9.92 33.61
CA ILE B 260 24.36 -9.24 33.14
C ILE B 260 24.14 -7.73 33.28
N HIS B 261 22.96 -7.26 32.96
CA HIS B 261 22.64 -5.82 33.08
C HIS B 261 22.78 -5.36 34.52
N GLN B 262 22.28 -6.12 35.47
CA GLN B 262 22.35 -5.72 36.88
C GLN B 262 23.80 -5.53 37.31
N LYS B 263 24.69 -6.40 36.92
CA LYS B 263 26.10 -6.24 37.33
C LYS B 263 26.67 -4.99 36.67
N GLU B 264 26.31 -4.72 35.43
CA GLU B 264 26.80 -3.51 34.74
C GLU B 264 26.22 -2.30 35.46
N ILE B 265 24.94 -2.33 35.77
CA ILE B 265 24.31 -1.21 36.52
C ILE B 265 25.08 -1.05 37.84
N GLY B 266 25.34 -2.11 38.54
CA GLY B 266 26.06 -1.98 39.81
C GLY B 266 27.42 -1.36 39.62
N GLU B 267 28.14 -1.76 38.61
CA GLU B 267 29.49 -1.19 38.40
C GLU B 267 29.35 0.26 37.93
N LEU B 268 28.28 0.61 37.26
CA LEU B 268 28.11 1.99 36.76
C LEU B 268 27.89 2.94 37.92
N ALA B 269 27.05 2.57 38.86
CA ALA B 269 26.75 3.40 40.04
C ALA B 269 28.00 3.51 40.89
N ARG B 270 28.84 2.51 40.91
CA ARG B 270 30.08 2.56 41.71
C ARG B 270 30.98 3.64 41.13
N TRP B 271 31.12 3.67 39.84
CA TRP B 271 31.98 4.70 39.20
C TRP B 271 31.31 6.07 39.38
N TRP B 272 30.01 6.14 39.26
CA TRP B 272 29.30 7.43 39.39
C TRP B 272 29.56 8.07 40.75
N VAL B 273 29.42 7.33 41.81
CA VAL B 273 29.60 7.90 43.18
C VAL B 273 31.09 8.05 43.44
N THR B 274 31.80 6.96 43.27
CA THR B 274 33.25 6.82 43.53
C THR B 274 34.04 7.95 42.87
N THR B 275 33.66 8.40 41.69
CA THR B 275 34.42 9.46 40.99
C THR B 275 33.89 10.84 41.36
N GLY B 276 32.91 10.92 42.23
CA GLY B 276 32.38 12.23 42.68
C GLY B 276 31.47 12.87 41.68
N LEU B 277 30.93 12.12 40.75
CA LEU B 277 30.04 12.70 39.72
C LEU B 277 28.67 12.98 40.32
N ASP B 278 28.38 12.43 41.49
CA ASP B 278 27.09 12.69 42.10
C ASP B 278 27.09 14.08 42.73
N LYS B 279 28.27 14.61 42.91
CA LYS B 279 28.42 15.94 43.53
C LYS B 279 28.30 17.01 42.46
N LEU B 280 28.55 16.66 41.22
CA LEU B 280 28.46 17.66 40.12
C LEU B 280 27.04 17.62 39.54
N ALA B 281 26.39 16.48 39.55
CA ALA B 281 25.02 16.39 39.00
C ALA B 281 24.12 17.43 39.65
N PHE B 282 23.59 18.33 38.86
CA PHE B 282 22.76 19.42 39.42
C PHE B 282 21.37 18.87 39.76
N ALA B 283 21.16 18.55 41.03
CA ALA B 283 19.87 18.02 41.55
C ALA B 283 19.29 16.97 40.62
N ARG B 284 20.04 15.97 40.23
CA ARG B 284 19.48 14.96 39.31
C ARG B 284 20.05 13.59 39.67
N ASN B 285 19.19 12.61 39.90
CA ASN B 285 19.66 11.25 40.23
C ASN B 285 19.08 10.29 39.19
N ASN B 286 19.56 10.34 37.95
CA ASN B 286 18.96 9.54 36.86
C ASN B 286 19.91 8.46 36.33
N LEU B 287 20.47 7.63 37.18
CA LEU B 287 21.40 6.56 36.73
C LEU B 287 20.61 5.40 36.12
N LEU B 288 19.54 4.97 36.74
CA LEU B 288 18.78 3.83 36.17
C LEU B 288 18.14 4.23 34.86
N GLN B 289 17.62 5.44 34.75
CA GLN B 289 16.98 5.86 33.47
C GLN B 289 18.05 5.93 32.40
N SER B 290 19.22 6.41 32.75
CA SER B 290 20.34 6.52 31.81
C SER B 290 20.73 5.14 31.32
N TYR B 291 20.90 4.19 32.24
CA TYR B 291 21.29 2.81 31.87
C TYR B 291 20.17 2.15 31.07
N MET B 292 18.94 2.48 31.38
CA MET B 292 17.80 1.88 30.65
C MET B 292 17.81 2.39 29.22
N TRP B 293 18.31 3.58 28.99
CA TRP B 293 18.36 4.09 27.61
C TRP B 293 19.48 3.37 26.86
N SER B 294 20.62 3.19 27.50
CA SER B 294 21.74 2.50 26.83
C SER B 294 21.31 1.07 26.50
N CYS B 295 20.63 0.44 27.43
CA CYS B 295 20.15 -0.95 27.28
C CYS B 295 19.09 -0.99 26.20
N ALA B 296 18.32 0.07 26.06
CA ALA B 296 17.27 0.12 25.01
C ALA B 296 17.96 0.12 23.65
N ILE B 297 19.12 0.71 23.56
CA ILE B 297 19.85 0.78 22.28
C ILE B 297 20.56 -0.54 22.05
N ALA B 298 21.16 -1.13 23.06
CA ALA B 298 21.86 -2.42 22.89
C ALA B 298 21.73 -3.26 24.16
N SER B 299 20.80 -4.21 24.20
CA SER B 299 20.56 -5.05 25.40
C SER B 299 21.42 -6.31 25.38
N ASP B 300 21.68 -6.88 24.22
CA ASP B 300 22.48 -8.07 24.11
C ASP B 300 23.76 -8.04 24.89
N PRO B 301 24.14 -9.19 25.42
CA PRO B 301 25.34 -9.46 26.21
C PRO B 301 26.61 -9.21 25.40
N LYS B 302 26.53 -9.36 24.10
CA LYS B 302 27.72 -9.18 23.24
C LYS B 302 27.95 -7.69 22.97
N PHE B 303 27.04 -6.83 23.39
CA PHE B 303 27.22 -5.37 23.17
C PHE B 303 27.61 -4.71 24.50
N LYS B 304 28.31 -5.45 25.32
CA LYS B 304 28.77 -4.94 26.63
C LYS B 304 29.51 -3.62 26.43
N LEU B 305 30.46 -3.59 25.53
CA LEU B 305 31.31 -2.40 25.29
C LEU B 305 30.48 -1.22 24.79
N ALA B 306 29.57 -1.44 23.89
CA ALA B 306 28.76 -0.33 23.36
C ALA B 306 27.84 0.18 24.47
N ARG B 307 27.16 -0.70 25.15
CA ARG B 307 26.22 -0.30 26.21
C ARG B 307 26.96 0.39 27.35
N GLU B 308 28.11 -0.11 27.74
CA GLU B 308 28.83 0.49 28.88
C GLU B 308 29.42 1.84 28.47
N THR B 309 29.94 1.96 27.28
CA THR B 309 30.53 3.25 26.88
C THR B 309 29.43 4.27 26.60
N ILE B 310 28.25 3.83 26.21
CA ILE B 310 27.15 4.79 25.92
C ILE B 310 26.57 5.30 27.22
N VAL B 311 26.45 4.48 28.23
CA VAL B 311 25.86 4.94 29.51
C VAL B 311 26.90 5.81 30.23
N GLU B 312 28.16 5.53 30.00
CA GLU B 312 29.26 6.28 30.65
C GLU B 312 29.38 7.64 30.01
N ILE B 313 29.17 7.74 28.72
CA ILE B 313 29.33 9.02 27.99
C ILE B 313 28.05 9.84 28.14
N GLY B 314 26.90 9.20 28.22
CA GLY B 314 25.66 9.97 28.39
C GLY B 314 25.50 10.40 29.81
N SER B 315 26.16 9.70 30.71
CA SER B 315 26.10 10.03 32.16
C SER B 315 26.88 11.30 32.38
N VAL B 316 28.06 11.33 31.82
CA VAL B 316 29.02 12.45 31.93
C VAL B 316 28.48 13.63 31.11
N LEU B 317 27.72 13.34 30.07
CA LEU B 317 27.14 14.38 29.19
C LEU B 317 26.03 15.12 29.92
N THR B 318 25.31 14.46 30.79
CA THR B 318 24.22 15.12 31.54
C THR B 318 24.83 16.16 32.46
N VAL B 319 26.08 15.98 32.83
CA VAL B 319 26.74 16.92 33.77
C VAL B 319 27.35 18.08 32.97
N VAL B 320 27.81 17.85 31.76
CA VAL B 320 28.32 19.00 30.96
C VAL B 320 27.10 19.81 30.51
N ASP B 321 25.96 19.15 30.44
CA ASP B 321 24.72 19.78 30.08
C ASP B 321 24.35 20.69 31.20
N ASP B 322 24.54 20.24 32.42
CA ASP B 322 24.20 21.03 33.56
C ASP B 322 25.11 22.21 33.65
N GLY B 323 26.33 22.04 33.21
CA GLY B 323 27.33 23.12 33.26
C GLY B 323 27.03 24.22 32.27
N TYR B 324 26.51 23.89 31.12
CA TYR B 324 26.22 24.91 30.09
C TYR B 324 24.89 25.57 30.41
N ASP B 325 23.95 24.80 30.90
CA ASP B 325 22.64 25.27 31.16
C ASP B 325 22.39 25.83 32.55
N VAL B 326 23.33 25.72 33.46
CA VAL B 326 23.01 26.19 34.83
C VAL B 326 24.24 26.72 35.55
N TYR B 327 25.37 26.06 35.45
CA TYR B 327 26.55 26.45 36.25
C TYR B 327 27.46 27.47 35.58
N GLY B 328 27.38 27.73 34.29
CA GLY B 328 28.41 28.64 33.77
C GLY B 328 27.91 29.86 33.04
N SER B 329 28.74 30.88 33.02
CA SER B 329 28.43 32.16 32.34
C SER B 329 28.85 32.05 30.89
N ILE B 330 28.39 32.98 30.07
CA ILE B 330 28.75 32.98 28.62
C ILE B 330 30.27 33.01 28.49
N ASP B 331 30.94 33.81 29.28
CA ASP B 331 32.37 33.92 29.12
C ASP B 331 33.07 32.67 29.56
N GLU B 332 32.55 32.04 30.60
CA GLU B 332 33.18 30.82 31.14
C GLU B 332 32.97 29.69 30.15
N LEU B 333 31.76 29.54 29.66
CA LEU B 333 31.36 28.46 28.72
C LEU B 333 32.05 28.65 27.38
N ASP B 334 32.45 29.87 27.07
CA ASP B 334 33.19 30.09 25.85
C ASP B 334 34.58 29.53 26.07
N LEU B 335 35.02 29.58 27.31
CA LEU B 335 36.35 29.03 27.68
C LEU B 335 36.27 27.50 27.62
N TYR B 336 35.17 26.94 28.06
CA TYR B 336 34.98 25.47 28.06
C TYR B 336 34.98 24.97 26.63
N THR B 337 34.18 25.59 25.80
CA THR B 337 34.07 25.19 24.38
C THR B 337 35.45 25.23 23.74
N SER B 338 36.23 26.25 24.01
CA SER B 338 37.58 26.40 23.41
C SER B 338 38.48 25.28 23.90
N SER B 339 38.36 24.93 25.17
CA SER B 339 39.19 23.83 25.72
C SER B 339 38.72 22.51 25.11
N VAL B 340 37.45 22.41 24.78
CA VAL B 340 36.94 21.17 24.16
C VAL B 340 37.46 21.11 22.73
N GLU B 341 37.51 22.25 22.05
CA GLU B 341 37.95 22.31 20.63
C GLU B 341 39.43 21.96 20.53
N ARG B 342 40.19 22.26 21.55
CA ARG B 342 41.65 21.98 21.56
C ARG B 342 41.89 20.64 22.26
N TRP B 343 40.85 20.05 22.82
CA TRP B 343 40.95 18.79 23.60
C TRP B 343 42.15 18.86 24.53
N SER B 344 42.16 19.83 25.41
CA SER B 344 43.32 20.02 26.31
C SER B 344 42.84 20.35 27.72
N CYS B 345 43.53 19.86 28.71
CA CYS B 345 43.22 20.17 30.12
C CYS B 345 44.35 21.06 30.66
N VAL B 346 45.10 21.68 29.78
CA VAL B 346 46.27 22.51 30.16
C VAL B 346 45.81 23.90 30.60
N GLU B 347 44.72 24.42 30.09
CA GLU B 347 44.27 25.76 30.54
C GLU B 347 42.96 25.64 31.29
N ILE B 348 42.82 24.69 32.20
CA ILE B 348 41.54 24.50 32.95
C ILE B 348 41.56 25.34 34.23
N ASP B 349 42.63 26.10 34.46
CA ASP B 349 42.78 26.99 35.59
C ASP B 349 42.07 28.30 35.30
N LYS B 350 41.70 28.53 34.05
CA LYS B 350 40.92 29.69 33.59
C LYS B 350 39.44 29.50 33.90
N LEU B 351 39.01 28.29 34.24
CA LEU B 351 37.58 28.02 34.55
C LEU B 351 37.37 28.03 36.05
N PRO B 352 36.13 28.16 36.48
CA PRO B 352 35.63 28.16 37.85
C PRO B 352 35.74 26.73 38.38
N ASN B 353 35.96 26.53 39.66
CA ASN B 353 36.12 25.17 40.20
C ASN B 353 35.10 24.19 39.64
N THR B 354 33.82 24.49 39.72
CA THR B 354 32.77 23.54 39.29
C THR B 354 32.94 23.11 37.83
N LEU B 355 33.19 24.04 36.94
CA LEU B 355 33.34 23.72 35.50
C LEU B 355 34.68 23.04 35.29
N LYS B 356 35.56 23.16 36.25
CA LYS B 356 36.90 22.53 36.17
C LYS B 356 36.73 21.06 36.51
N LEU B 357 35.74 20.73 37.30
CA LEU B 357 35.51 19.32 37.66
C LEU B 357 34.71 18.67 36.53
N ILE B 358 33.80 19.41 35.96
CA ILE B 358 32.93 18.87 34.88
C ILE B 358 33.77 18.60 33.64
N PHE B 359 34.70 19.48 33.34
CA PHE B 359 35.54 19.32 32.13
C PHE B 359 36.46 18.12 32.28
N MET B 360 37.06 17.92 33.43
CA MET B 360 37.97 16.77 33.61
C MET B 360 37.14 15.49 33.64
N SER B 361 35.90 15.59 34.03
CA SER B 361 34.99 14.42 34.08
C SER B 361 34.67 13.99 32.65
N MET B 362 34.33 14.94 31.80
CA MET B 362 34.00 14.67 30.38
C MET B 362 35.29 14.28 29.66
N PHE B 363 36.35 14.95 30.01
CA PHE B 363 37.67 14.71 29.39
C PHE B 363 38.18 13.33 29.76
N ASN B 364 38.24 13.03 31.04
CA ASN B 364 38.76 11.74 31.55
C ASN B 364 37.89 10.57 31.12
N LYS B 365 36.59 10.66 31.24
CA LYS B 365 35.73 9.52 30.85
C LYS B 365 35.97 9.22 29.37
N THR B 366 35.96 10.23 28.53
CA THR B 366 36.14 10.06 27.08
C THR B 366 37.50 9.42 26.81
N ASN B 367 38.54 9.91 27.43
CA ASN B 367 39.90 9.37 27.20
C ASN B 367 39.99 7.97 27.79
N GLU B 368 39.17 7.63 28.74
CA GLU B 368 39.22 6.26 29.31
C GLU B 368 38.61 5.32 28.28
N VAL B 369 37.62 5.78 27.57
CA VAL B 369 36.93 4.98 26.53
C VAL B 369 37.89 4.82 25.35
N GLY B 370 38.67 5.82 25.04
CA GLY B 370 39.63 5.71 23.94
C GLY B 370 40.63 4.62 24.25
N LEU B 371 41.14 4.60 25.46
CA LEU B 371 42.12 3.60 25.93
C LEU B 371 41.47 2.22 25.87
N ARG B 372 40.32 2.07 26.47
CA ARG B 372 39.61 0.77 26.46
C ARG B 372 39.34 0.33 25.03
N VAL B 373 39.00 1.24 24.15
CA VAL B 373 38.66 0.87 22.75
C VAL B 373 39.93 0.54 21.99
N GLN B 374 41.05 1.15 22.33
CA GLN B 374 42.32 0.86 21.64
C GLN B 374 42.79 -0.54 22.05
N HIS B 375 42.52 -0.94 23.27
CA HIS B 375 42.89 -2.28 23.76
C HIS B 375 41.99 -3.33 23.10
N GLU B 376 40.71 -3.15 23.13
CA GLU B 376 39.78 -4.18 22.60
C GLU B 376 39.63 -4.10 21.09
N ARG B 377 39.76 -2.95 20.46
CA ARG B 377 39.51 -2.92 18.99
C ARG B 377 40.79 -2.65 18.20
N GLY B 378 41.79 -2.06 18.80
CA GLY B 378 43.06 -1.84 18.10
C GLY B 378 43.11 -0.56 17.32
N TYR B 379 42.18 0.36 17.49
CA TYR B 379 42.26 1.62 16.72
C TYR B 379 42.07 2.80 17.66
N ASN B 380 42.49 3.98 17.24
CA ASN B 380 42.37 5.20 18.07
C ASN B 380 41.06 5.92 17.75
N SER B 381 40.19 6.10 18.71
CA SER B 381 38.87 6.72 18.46
C SER B 381 38.81 8.13 19.07
N ILE B 382 39.87 8.57 19.70
CA ILE B 382 39.84 9.89 20.39
C ILE B 382 39.52 11.02 19.42
N PRO B 383 40.11 11.04 18.24
CA PRO B 383 39.75 12.16 17.37
C PRO B 383 38.27 12.13 17.02
N THR B 384 37.67 10.97 16.97
CA THR B 384 36.24 10.85 16.60
C THR B 384 35.40 11.45 17.71
N PHE B 385 35.81 11.29 18.96
CA PHE B 385 35.06 11.82 20.12
C PHE B 385 35.27 13.33 20.21
N ILE B 386 36.45 13.80 19.90
CA ILE B 386 36.70 15.27 19.95
C ILE B 386 35.71 15.97 19.03
N LYS B 387 35.59 15.51 17.81
CA LYS B 387 34.68 16.16 16.83
C LYS B 387 33.23 16.06 17.31
N ALA B 388 32.83 14.95 17.89
CA ALA B 388 31.45 14.77 18.37
C ALA B 388 31.22 15.60 19.62
N TRP B 389 32.23 15.75 20.45
CA TRP B 389 32.08 16.55 21.68
C TRP B 389 32.12 18.03 21.30
N VAL B 390 32.89 18.42 20.31
CA VAL B 390 32.94 19.86 19.93
C VAL B 390 31.64 20.22 19.21
N GLU B 391 31.10 19.31 18.46
CA GLU B 391 29.82 19.56 17.76
C GLU B 391 28.72 19.66 18.81
N GLN B 392 28.86 18.95 19.90
CA GLN B 392 27.85 18.93 20.99
C GLN B 392 27.91 20.25 21.76
N CYS B 393 29.08 20.60 22.23
CA CYS B 393 29.30 21.83 23.02
C CYS B 393 28.96 23.05 22.18
N LYS B 394 29.22 23.04 20.89
CA LYS B 394 28.87 24.19 20.02
C LYS B 394 27.36 24.28 19.97
N SER B 395 26.67 23.17 20.11
CA SER B 395 25.19 23.17 20.04
C SER B 395 24.61 23.77 21.32
N TYR B 396 25.22 23.53 22.45
CA TYR B 396 24.66 24.12 23.69
C TYR B 396 24.81 25.63 23.61
N GLN B 397 25.95 26.07 23.12
CA GLN B 397 26.25 27.52 23.01
C GLN B 397 25.28 28.20 22.07
N LYS B 398 25.04 27.63 20.91
CA LYS B 398 24.10 28.27 19.97
C LYS B 398 22.77 28.47 20.73
N GLU B 399 22.33 27.45 21.43
CA GLU B 399 21.07 27.55 22.20
C GLU B 399 21.23 28.66 23.24
N ALA B 400 22.42 28.79 23.79
CA ALA B 400 22.66 29.82 24.82
C ALA B 400 22.60 31.20 24.17
N ARG B 401 23.14 31.33 22.98
CA ARG B 401 23.11 32.62 22.27
C ARG B 401 21.65 33.02 22.09
N TRP B 402 20.85 32.15 21.54
CA TRP B 402 19.42 32.46 21.28
C TRP B 402 18.71 32.84 22.59
N PHE B 403 19.02 32.18 23.68
CA PHE B 403 18.35 32.46 24.98
C PHE B 403 18.79 33.83 25.52
N HIS B 404 20.07 34.13 25.50
CA HIS B 404 20.55 35.43 26.02
C HIS B 404 20.20 36.55 25.03
N GLY B 405 20.05 36.27 23.77
CA GLY B 405 19.76 37.38 22.84
C GLY B 405 18.27 37.59 22.75
N GLY B 406 17.49 36.69 23.33
CA GLY B 406 16.02 36.78 23.28
C GLY B 406 15.50 36.32 21.93
N HIS B 407 16.41 35.86 21.10
CA HIS B 407 16.12 35.38 19.73
C HIS B 407 15.42 34.04 19.76
N THR B 408 14.55 33.83 18.80
CA THR B 408 13.80 32.58 18.62
C THR B 408 13.92 32.25 17.14
N PRO B 409 14.81 31.35 16.75
CA PRO B 409 15.01 31.07 15.33
C PRO B 409 13.85 30.30 14.70
N PRO B 410 13.91 30.11 13.40
CA PRO B 410 12.93 29.36 12.63
C PRO B 410 13.10 27.86 12.95
N LEU B 411 12.01 27.13 12.88
CA LEU B 411 12.01 25.68 13.21
C LEU B 411 13.12 24.96 12.49
N GLU B 412 13.29 25.19 11.20
CA GLU B 412 14.33 24.45 10.45
C GLU B 412 15.70 24.69 11.07
N GLU B 413 16.02 25.91 11.45
CA GLU B 413 17.36 26.17 12.02
C GLU B 413 17.43 25.61 13.43
N TYR B 414 16.31 25.53 14.12
CA TYR B 414 16.32 25.00 15.49
C TYR B 414 16.59 23.49 15.44
N SER B 415 15.83 22.84 14.57
CA SER B 415 15.87 21.39 14.38
C SER B 415 17.27 20.94 13.97
N LEU B 416 17.94 21.70 13.15
CA LEU B 416 19.28 21.28 12.70
C LEU B 416 20.24 21.35 13.88
N ASN B 417 19.97 22.23 14.83
CA ASN B 417 20.87 22.38 15.99
C ASN B 417 20.36 21.45 17.10
N GLY B 418 19.06 21.44 17.28
CA GLY B 418 18.39 20.65 18.32
C GLY B 418 18.65 19.17 18.15
N LEU B 419 18.75 18.70 16.93
CA LEU B 419 19.02 17.26 16.72
C LEU B 419 20.43 16.94 17.20
N VAL B 420 21.26 17.94 17.35
CA VAL B 420 22.64 17.65 17.82
C VAL B 420 22.69 17.85 19.33
N SER B 421 21.97 18.84 19.81
CA SER B 421 21.97 19.21 21.25
C SER B 421 21.26 18.15 22.08
N ILE B 422 20.45 17.32 21.46
CA ILE B 422 19.72 16.25 22.21
C ILE B 422 20.72 15.21 22.71
N GLY B 423 21.90 15.15 22.12
CA GLY B 423 22.97 14.26 22.57
C GLY B 423 23.07 12.96 21.81
N PHE B 424 22.15 12.63 20.93
CA PHE B 424 22.19 11.29 20.27
C PHE B 424 23.27 11.17 19.21
N PRO B 425 23.69 12.25 18.61
CA PRO B 425 24.77 12.02 17.66
C PRO B 425 26.02 11.55 18.39
N LEU B 426 26.30 12.13 19.54
CA LEU B 426 27.49 11.76 20.32
C LEU B 426 27.29 10.37 20.91
N LEU B 427 26.09 10.05 21.30
CA LEU B 427 25.83 8.73 21.90
C LEU B 427 25.87 7.67 20.81
N LEU B 428 25.34 7.98 19.64
CA LEU B 428 25.35 7.00 18.52
C LEU B 428 26.75 6.94 17.94
N ILE B 429 27.52 7.99 18.02
CA ILE B 429 28.93 7.90 17.53
C ILE B 429 29.67 7.01 18.53
N THR B 430 29.38 7.14 19.81
CA THR B 430 30.04 6.31 20.84
C THR B 430 29.74 4.85 20.53
N GLY B 431 28.50 4.55 20.23
CA GLY B 431 28.10 3.17 19.92
C GLY B 431 28.76 2.68 18.65
N TYR B 432 28.99 3.55 17.70
CA TYR B 432 29.64 3.12 16.43
C TYR B 432 31.10 2.84 16.70
N VAL B 433 31.67 3.55 17.64
CA VAL B 433 33.11 3.41 17.99
C VAL B 433 33.30 2.03 18.60
N ALA B 434 32.28 1.48 19.21
CA ALA B 434 32.41 0.18 19.89
C ALA B 434 32.16 -0.97 18.93
N ILE B 435 31.73 -0.74 17.71
CA ILE B 435 31.45 -1.90 16.83
C ILE B 435 32.06 -1.67 15.45
N ALA B 436 32.90 -0.66 15.30
CA ALA B 436 33.48 -0.34 13.98
C ALA B 436 34.51 -1.38 13.57
N GLU B 437 34.69 -1.57 12.28
CA GLU B 437 35.60 -2.59 11.72
C GLU B 437 37.05 -2.11 11.84
N ASN B 438 37.31 -0.87 11.50
CA ASN B 438 38.70 -0.35 11.54
C ASN B 438 38.69 1.13 11.92
N GLU B 439 39.85 1.73 11.96
CA GLU B 439 39.98 3.16 12.31
C GLU B 439 39.45 4.00 11.16
N ALA B 440 39.68 3.58 9.93
CA ALA B 440 39.23 4.34 8.75
C ALA B 440 37.72 4.37 8.70
N ALA B 441 37.06 3.35 9.23
CA ALA B 441 35.60 3.27 9.22
C ALA B 441 35.01 4.36 10.12
N LEU B 442 35.79 4.82 11.08
CA LEU B 442 35.35 5.87 12.02
C LEU B 442 35.04 7.15 11.25
N ASP B 443 35.53 7.27 10.04
CA ASP B 443 35.32 8.46 9.24
C ASP B 443 33.94 8.64 8.69
N LYS B 444 33.18 7.58 8.68
CA LYS B 444 31.82 7.56 8.10
C LYS B 444 30.87 8.42 8.92
N VAL B 445 31.29 8.94 10.05
CA VAL B 445 30.39 9.79 10.88
C VAL B 445 31.01 11.17 11.07
N HIS B 446 32.19 11.42 10.50
CA HIS B 446 32.93 12.70 10.68
C HIS B 446 31.99 13.87 10.40
N PRO B 447 31.29 13.85 9.27
CA PRO B 447 30.21 14.78 8.99
C PRO B 447 28.98 13.90 9.23
N LEU B 448 28.03 14.32 10.05
CA LEU B 448 26.85 13.49 10.43
C LEU B 448 26.15 12.88 9.22
N PRO B 449 26.02 11.57 9.18
CA PRO B 449 25.35 10.80 8.15
C PRO B 449 23.82 10.88 8.33
N ASP B 450 23.04 10.54 7.33
CA ASP B 450 21.62 10.69 7.44
C ASP B 450 21.04 9.82 8.50
N LEU B 451 21.63 8.65 8.69
CA LEU B 451 21.10 7.72 9.71
C LEU B 451 21.07 8.40 11.07
N LEU B 452 22.17 8.93 11.53
CA LEU B 452 22.22 9.59 12.86
C LEU B 452 21.43 10.89 12.82
N HIS B 453 21.46 11.58 11.71
CA HIS B 453 20.76 12.88 11.54
C HIS B 453 19.26 12.68 11.76
N TYR B 454 18.65 11.78 11.03
CA TYR B 454 17.20 11.57 11.18
C TYR B 454 16.92 10.84 12.50
N SER B 455 17.85 10.05 12.98
CA SER B 455 17.64 9.39 14.28
C SER B 455 17.60 10.45 15.38
N SER B 456 18.63 11.25 15.46
CA SER B 456 18.75 12.30 16.49
C SER B 456 17.62 13.31 16.32
N LEU B 457 17.33 13.72 15.12
CA LEU B 457 16.24 14.69 14.88
C LEU B 457 14.95 14.13 15.47
N LEU B 458 14.65 12.87 15.24
CA LEU B 458 13.41 12.26 15.77
C LEU B 458 13.46 12.29 17.29
N SER B 459 14.60 11.99 17.85
CA SER B 459 14.71 11.97 19.33
C SER B 459 14.50 13.37 19.89
N ARG B 460 14.95 14.39 19.19
CA ARG B 460 14.81 15.77 19.71
C ARG B 460 13.35 16.21 19.61
N LEU B 461 12.68 15.94 18.52
CA LEU B 461 11.26 16.34 18.40
C LEU B 461 10.42 15.61 19.44
N ILE B 462 10.62 14.32 19.62
CA ILE B 462 9.81 13.55 20.60
C ILE B 462 10.06 14.12 22.00
N ASN B 463 11.28 14.45 22.35
CA ASN B 463 11.58 14.99 23.69
C ASN B 463 10.89 16.35 23.85
N ASP B 464 10.70 17.07 22.77
CA ASP B 464 10.11 18.37 22.87
C ASP B 464 8.62 18.30 23.07
N ILE B 465 8.03 17.26 22.57
CA ILE B 465 6.56 17.11 22.67
C ILE B 465 6.19 16.56 24.04
N GLY B 466 7.11 15.92 24.73
CA GLY B 466 6.73 15.34 26.02
C GLY B 466 7.27 16.13 27.19
N THR B 467 8.04 17.18 26.97
CA THR B 467 8.58 17.94 28.12
C THR B 467 7.84 19.27 28.24
N SER B 468 8.07 19.98 29.33
CA SER B 468 7.41 21.29 29.59
C SER B 468 8.33 22.19 30.42
N LEU B 478 12.59 26.32 25.62
CA LEU B 478 12.57 26.68 24.18
C LEU B 478 12.55 25.40 23.34
N LYS B 479 11.40 24.99 22.88
CA LYS B 479 11.32 23.72 22.11
C LYS B 479 11.03 24.04 20.65
N SER B 480 10.76 23.02 19.87
CA SER B 480 10.42 23.21 18.44
C SER B 480 9.01 23.75 18.36
N ILE B 481 8.23 23.53 19.39
CA ILE B 481 6.83 24.01 19.39
C ILE B 481 6.86 25.53 19.29
N HIS B 482 7.50 26.15 20.25
CA HIS B 482 7.61 27.62 20.27
C HIS B 482 8.12 28.09 18.93
N CYS B 483 9.16 27.47 18.41
CA CYS B 483 9.76 27.92 17.13
C CYS B 483 8.72 27.91 16.00
N TYR B 484 7.84 26.93 15.94
CA TYR B 484 6.84 26.89 14.85
C TYR B 484 5.82 28.00 15.07
N MET B 485 5.40 28.14 16.32
CA MET B 485 4.40 29.14 16.71
C MET B 485 4.83 30.54 16.27
N ASN B 486 6.04 30.91 16.65
CA ASN B 486 6.55 32.27 16.34
C ASN B 486 6.92 32.35 14.86
N GLU B 487 6.87 31.26 14.15
CA GLU B 487 7.26 31.30 12.72
C GLU B 487 5.99 31.36 11.88
N THR B 488 4.92 30.81 12.37
CA THR B 488 3.64 30.81 11.63
C THR B 488 2.57 31.48 12.49
N GLY B 489 2.87 31.66 13.77
CA GLY B 489 1.92 32.28 14.71
C GLY B 489 0.76 31.36 15.01
N ALA B 490 0.93 30.06 14.89
CA ALA B 490 -0.19 29.14 15.16
C ALA B 490 -0.35 28.94 16.66
N SER B 491 -1.44 28.33 17.08
CA SER B 491 -1.62 28.09 18.53
C SER B 491 -0.74 26.92 18.94
N GLU B 492 -0.44 26.82 20.21
CA GLU B 492 0.40 25.71 20.70
C GLU B 492 -0.29 24.40 20.35
N GLU B 493 -1.61 24.36 20.36
CA GLU B 493 -2.31 23.10 20.04
C GLU B 493 -2.04 22.73 18.59
N VAL B 494 -2.03 23.68 17.69
CA VAL B 494 -1.81 23.34 16.26
C VAL B 494 -0.33 23.08 16.05
N ALA B 495 0.52 23.73 16.81
CA ALA B 495 1.96 23.50 16.62
C ALA B 495 2.26 22.05 17.03
N ARG B 496 1.65 21.58 18.11
CA ARG B 496 1.89 20.20 18.57
C ARG B 496 1.48 19.23 17.47
N GLU B 497 0.30 19.42 16.93
CA GLU B 497 -0.15 18.53 15.84
C GLU B 497 0.89 18.60 14.72
N HIS B 498 1.32 19.77 14.33
CA HIS B 498 2.28 19.86 13.21
C HIS B 498 3.59 19.15 13.55
N ILE B 499 4.07 19.28 14.78
CA ILE B 499 5.36 18.62 15.15
C ILE B 499 5.12 17.12 15.19
N LYS B 500 3.95 16.71 15.61
CA LYS B 500 3.65 15.27 15.65
C LYS B 500 3.77 14.75 14.22
N GLY B 501 3.36 15.57 13.27
CA GLY B 501 3.38 15.19 11.86
C GLY B 501 4.78 15.19 11.30
N VAL B 502 5.64 16.02 11.84
CA VAL B 502 7.05 16.07 11.35
C VAL B 502 7.74 14.82 11.86
N ILE B 503 7.33 14.34 13.02
CA ILE B 503 7.90 13.12 13.62
C ILE B 503 7.46 11.95 12.74
N GLU B 504 6.23 11.98 12.33
CA GLU B 504 5.68 10.88 11.49
C GLU B 504 6.37 10.90 10.13
N GLU B 505 6.70 12.05 9.59
CA GLU B 505 7.34 12.06 8.26
C GLU B 505 8.83 11.78 8.39
N ASN B 506 9.42 12.05 9.53
CA ASN B 506 10.87 11.79 9.69
C ASN B 506 11.07 10.30 9.99
N TRP B 507 10.07 9.64 10.52
CA TRP B 507 10.20 8.18 10.79
C TRP B 507 10.23 7.51 9.43
N LYS B 508 9.50 8.05 8.48
CA LYS B 508 9.43 7.52 7.10
C LYS B 508 10.78 7.73 6.43
N ILE B 509 11.46 8.83 6.69
CA ILE B 509 12.80 9.06 6.09
C ILE B 509 13.79 8.12 6.76
N LEU B 510 13.66 7.92 8.05
CA LEU B 510 14.57 7.02 8.79
C LEU B 510 14.41 5.62 8.21
N ASN B 511 13.20 5.19 8.00
CA ASN B 511 12.96 3.83 7.49
C ASN B 511 13.74 3.63 6.20
N GLN B 512 13.68 4.57 5.29
CA GLN B 512 14.33 4.45 3.97
C GLN B 512 15.85 4.55 4.12
N CYS B 513 16.33 5.30 5.10
CA CYS B 513 17.78 5.45 5.37
C CYS B 513 18.36 4.13 5.81
N CYS B 514 17.51 3.32 6.40
CA CYS B 514 17.89 2.01 6.95
C CYS B 514 18.15 1.02 5.82
N PHE B 515 17.81 1.35 4.59
CA PHE B 515 18.03 0.39 3.50
C PHE B 515 19.39 0.61 2.84
N ASP B 516 20.10 1.65 3.22
CA ASP B 516 21.40 1.90 2.66
C ASP B 516 22.37 0.96 3.30
N GLN B 517 22.70 -0.14 2.64
CA GLN B 517 23.64 -1.12 3.19
C GLN B 517 25.06 -0.76 2.74
N SER B 518 25.22 0.40 2.15
CA SER B 518 26.52 0.83 1.58
C SER B 518 27.47 1.32 2.66
N GLN B 519 26.99 2.01 3.66
CA GLN B 519 27.90 2.57 4.68
C GLN B 519 27.73 1.86 6.02
N PHE B 520 26.52 1.72 6.47
CA PHE B 520 26.27 1.08 7.78
C PHE B 520 25.43 -0.17 7.59
N GLN B 521 25.64 -1.12 8.47
CA GLN B 521 24.88 -2.39 8.44
C GLN B 521 24.36 -2.67 9.86
N GLU B 522 23.72 -3.79 10.06
CA GLU B 522 23.33 -4.14 11.44
C GLU B 522 24.58 -4.64 12.13
N PRO B 523 24.70 -4.45 13.44
CA PRO B 523 23.61 -4.06 14.31
C PRO B 523 23.49 -2.55 14.51
N PHE B 524 24.38 -1.77 13.91
CA PHE B 524 24.38 -0.29 14.08
C PHE B 524 23.05 0.31 13.66
N ILE B 525 22.41 -0.21 12.64
CA ILE B 525 21.12 0.36 12.17
C ILE B 525 20.11 0.26 13.32
N THR B 526 20.10 -0.83 14.04
CA THR B 526 19.15 -1.08 15.15
C THR B 526 19.54 -0.21 16.34
N PHE B 527 20.80 0.10 16.49
CA PHE B 527 21.20 1.01 17.58
C PHE B 527 20.49 2.33 17.35
N ASN B 528 20.47 2.78 16.12
CA ASN B 528 19.83 4.05 15.73
C ASN B 528 18.32 3.94 15.92
N LEU B 529 17.69 2.91 15.41
CA LEU B 529 16.23 2.79 15.57
C LEU B 529 15.89 2.70 17.05
N ASN B 530 16.69 1.99 17.81
CA ASN B 530 16.39 1.78 19.24
C ASN B 530 16.49 3.10 20.01
N SER B 531 17.38 3.99 19.62
CA SER B 531 17.50 5.29 20.32
C SER B 531 16.20 6.07 20.18
N VAL B 532 15.61 6.05 19.01
CA VAL B 532 14.31 6.74 18.78
C VAL B 532 13.25 5.97 19.56
N ARG B 533 13.34 4.65 19.60
CA ARG B 533 12.37 3.85 20.37
C ARG B 533 12.48 4.24 21.85
N GLY B 534 13.69 4.41 22.37
CA GLY B 534 13.86 4.84 23.76
C GLY B 534 13.16 6.17 23.99
N SER B 535 13.33 7.11 23.09
CA SER B 535 12.66 8.42 23.18
C SER B 535 11.15 8.21 23.24
N HIS B 536 10.60 7.36 22.41
CA HIS B 536 9.14 7.12 22.43
C HIS B 536 8.73 6.51 23.77
N PHE B 537 9.59 5.73 24.40
CA PHE B 537 9.20 5.06 25.67
C PHE B 537 9.20 6.06 26.81
N PHE B 538 10.23 6.86 26.90
CA PHE B 538 10.39 7.82 28.00
C PHE B 538 9.47 9.04 27.80
N TYR B 539 8.84 9.20 26.66
CA TYR B 539 7.99 10.40 26.49
C TYR B 539 6.61 10.00 25.99
N GLU B 540 6.20 8.79 26.28
CA GLU B 540 4.87 8.29 25.83
C GLU B 540 3.79 9.17 26.44
N PHE B 541 3.88 9.49 27.72
CA PHE B 541 2.83 10.30 28.38
C PHE B 541 3.41 11.51 29.11
N GLY B 542 4.57 12.02 28.75
CA GLY B 542 5.11 13.18 29.48
C GLY B 542 6.59 13.02 29.72
N ASP B 543 7.12 13.66 30.74
CA ASP B 543 8.53 13.54 31.02
C ASP B 543 8.74 12.36 31.90
N GLY B 544 8.98 11.22 31.27
CA GLY B 544 9.22 9.95 31.97
C GLY B 544 10.67 9.77 32.32
N PHE B 545 11.46 10.78 32.00
CA PHE B 545 12.92 10.81 32.29
C PHE B 545 13.15 12.02 33.19
N GLY B 546 14.08 11.98 34.12
CA GLY B 546 14.27 13.18 34.96
C GLY B 546 13.33 13.15 36.14
N VAL B 547 12.03 13.10 35.91
CA VAL B 547 11.06 12.95 37.04
C VAL B 547 11.03 11.45 37.33
N THR B 548 11.63 11.01 38.42
CA THR B 548 11.76 9.56 38.72
C THR B 548 10.48 8.92 39.26
N ASP B 549 9.39 9.61 39.44
CA ASP B 549 8.24 8.88 39.93
C ASP B 549 7.17 8.80 38.88
N SER B 550 7.60 8.75 37.62
CA SER B 550 6.65 8.71 36.49
C SER B 550 6.19 7.28 36.23
N TRP B 551 5.49 7.07 35.13
CA TRP B 551 4.94 5.74 34.78
C TRP B 551 6.05 4.81 34.28
N THR B 552 7.25 5.32 34.07
CA THR B 552 8.33 4.48 33.52
C THR B 552 8.99 3.64 34.61
N LYS B 553 8.70 3.89 35.87
CA LYS B 553 9.36 3.09 36.93
C LYS B 553 8.86 1.65 36.86
N VAL B 554 7.64 1.46 36.43
CA VAL B 554 7.10 0.08 36.41
C VAL B 554 7.90 -0.76 35.42
N ASP B 555 8.07 -0.30 34.19
CA ASP B 555 8.79 -1.08 33.22
C ASP B 555 10.26 -1.16 33.51
N MET B 556 10.79 -0.11 34.08
CA MET B 556 12.23 -0.12 34.42
C MET B 556 12.47 -1.12 35.55
N LYS B 557 11.50 -1.34 36.40
CA LYS B 557 11.66 -2.28 37.53
C LYS B 557 11.62 -3.71 36.98
N SER B 558 10.70 -3.98 36.09
CA SER B 558 10.54 -5.35 35.53
C SER B 558 11.60 -5.64 34.48
N VAL B 559 12.13 -4.65 33.80
CA VAL B 559 13.13 -4.94 32.73
C VAL B 559 14.54 -5.02 33.31
N LEU B 560 14.83 -4.37 34.42
CA LEU B 560 16.22 -4.39 34.92
C LEU B 560 16.29 -4.88 36.36
N ILE B 561 15.19 -4.90 37.08
CA ILE B 561 15.32 -5.23 38.52
C ILE B 561 14.65 -6.56 38.88
N ASP B 562 13.41 -6.78 38.51
CA ASP B 562 12.74 -7.99 38.88
C ASP B 562 12.84 -9.09 37.89
N PRO B 563 13.38 -10.22 38.29
CA PRO B 563 13.54 -11.42 37.47
C PRO B 563 12.18 -12.03 37.17
N ILE B 564 12.02 -12.76 36.10
CA ILE B 564 10.69 -13.37 35.85
C ILE B 564 10.60 -14.66 36.66
N PRO B 565 9.52 -14.86 37.41
CA PRO B 565 9.39 -16.09 38.17
C PRO B 565 9.28 -17.29 37.21
N LEU B 566 9.94 -18.39 37.53
CA LEU B 566 9.87 -19.58 36.64
C LEU B 566 8.86 -20.58 37.20
N GLY B 567 8.86 -20.82 38.50
CA GLY B 567 7.91 -21.78 39.10
C GLY B 567 8.08 -23.17 38.50
N PRO C 39 -29.16 50.77 -26.24
CA PRO C 39 -29.48 49.54 -25.51
C PRO C 39 -28.42 49.29 -24.43
N SER C 40 -28.78 48.68 -23.33
CA SER C 40 -27.78 48.47 -22.25
C SER C 40 -26.83 47.34 -22.66
N ILE C 41 -25.73 47.20 -21.92
CA ILE C 41 -24.75 46.13 -22.25
C ILE C 41 -25.25 44.82 -21.64
N TRP C 42 -26.35 44.81 -20.93
CA TRP C 42 -26.79 43.52 -20.36
C TRP C 42 -27.96 42.99 -21.19
N ASN C 43 -28.33 43.67 -22.26
CA ASN C 43 -29.42 43.19 -23.11
C ASN C 43 -29.06 41.76 -23.54
N TYR C 44 -29.93 40.79 -23.35
CA TYR C 44 -29.61 39.38 -23.66
C TYR C 44 -29.47 39.16 -25.16
N ASP C 45 -30.12 39.95 -25.97
CA ASP C 45 -30.02 39.74 -27.39
C ASP C 45 -28.72 40.23 -27.91
N PHE C 46 -28.20 41.26 -27.29
CA PHE C 46 -26.90 41.82 -27.72
C PHE C 46 -25.78 40.91 -27.22
N LEU C 47 -25.91 40.42 -26.01
CA LEU C 47 -24.87 39.55 -25.43
C LEU C 47 -24.84 38.26 -26.25
N GLN C 48 -25.99 37.77 -26.63
CA GLN C 48 -26.08 36.52 -27.39
C GLN C 48 -25.43 36.72 -28.75
N SER C 49 -25.53 37.90 -29.30
CA SER C 49 -24.99 38.19 -30.66
C SER C 49 -23.48 38.28 -30.64
N LEU C 50 -22.85 38.33 -29.50
CA LEU C 50 -21.38 38.48 -29.44
C LEU C 50 -20.67 37.19 -29.85
N ALA C 51 -21.37 36.09 -29.91
CA ALA C 51 -20.77 34.80 -30.31
C ALA C 51 -20.41 34.83 -31.78
N THR C 52 -21.04 35.65 -32.58
CA THR C 52 -20.75 35.69 -34.02
C THR C 52 -20.20 37.06 -34.42
N HIS C 53 -20.63 38.09 -33.76
CA HIS C 53 -20.26 39.49 -34.12
C HIS C 53 -19.26 40.07 -33.13
N HIS C 54 -18.54 39.22 -32.44
CA HIS C 54 -17.49 39.67 -31.49
C HIS C 54 -16.37 40.33 -32.29
N ASN C 55 -15.57 41.16 -31.66
CA ASN C 55 -14.45 41.86 -32.33
C ASN C 55 -13.46 40.81 -32.84
N ILE C 56 -12.76 41.13 -33.90
CA ILE C 56 -11.74 40.19 -34.43
C ILE C 56 -10.51 41.04 -34.68
N VAL C 57 -9.38 40.74 -34.06
CA VAL C 57 -8.19 41.59 -34.32
C VAL C 57 -7.64 41.25 -35.71
N GLU C 58 -7.41 42.28 -36.49
CA GLU C 58 -6.92 42.18 -37.89
C GLU C 58 -5.62 41.38 -37.91
N GLU C 59 -5.29 40.78 -39.03
CA GLU C 59 -4.08 39.93 -39.12
C GLU C 59 -2.83 40.79 -39.04
N ARG C 60 -2.94 42.07 -39.35
CA ARG C 60 -1.73 42.92 -39.26
C ARG C 60 -1.45 43.19 -37.79
N HIS C 61 -2.48 43.31 -36.99
CA HIS C 61 -2.32 43.57 -35.55
C HIS C 61 -1.84 42.29 -34.87
N LEU C 62 -2.20 41.15 -35.39
CA LEU C 62 -1.75 39.89 -34.78
C LEU C 62 -0.25 39.77 -34.98
N LYS C 63 0.23 40.20 -36.11
CA LYS C 63 1.67 40.07 -36.44
C LYS C 63 2.47 41.07 -35.63
N LEU C 64 2.01 42.30 -35.54
CA LEU C 64 2.74 43.35 -34.79
C LEU C 64 2.90 42.85 -33.35
N ALA C 65 1.86 42.29 -32.78
CA ALA C 65 1.92 41.79 -31.40
C ALA C 65 2.97 40.69 -31.31
N GLU C 66 3.16 39.92 -32.36
CA GLU C 66 4.19 38.85 -32.32
C GLU C 66 5.56 39.53 -32.41
N LYS C 67 5.67 40.55 -33.23
CA LYS C 67 6.94 41.28 -33.37
C LYS C 67 7.25 41.95 -32.04
N LEU C 68 6.33 42.71 -31.50
CA LEU C 68 6.57 43.44 -30.22
C LEU C 68 6.81 42.45 -29.08
N LYS C 69 6.11 41.35 -29.03
CA LYS C 69 6.33 40.39 -27.91
C LYS C 69 7.78 39.95 -27.93
N GLY C 70 8.39 39.84 -29.08
CA GLY C 70 9.79 39.38 -29.15
C GLY C 70 10.73 40.46 -28.66
N GLN C 71 10.46 41.70 -28.97
CA GLN C 71 11.35 42.80 -28.53
C GLN C 71 11.25 42.91 -27.01
N VAL C 72 10.12 42.55 -26.45
CA VAL C 72 9.94 42.69 -24.96
C VAL C 72 10.67 41.54 -24.29
N LYS C 73 10.63 40.34 -24.87
CA LYS C 73 11.35 39.19 -24.29
C LYS C 73 12.84 39.55 -24.34
N PHE C 74 13.21 40.28 -25.37
CA PHE C 74 14.59 40.72 -25.58
C PHE C 74 14.94 41.76 -24.51
N MET C 75 14.03 42.68 -24.26
CA MET C 75 14.26 43.70 -23.21
C MET C 75 14.56 42.98 -21.91
N PHE C 76 13.89 41.89 -21.64
CA PHE C 76 14.10 41.13 -20.38
C PHE C 76 15.49 40.51 -20.37
N GLY C 77 16.02 40.12 -21.51
CA GLY C 77 17.35 39.48 -21.54
C GLY C 77 18.49 40.46 -21.44
N ALA C 78 18.32 41.67 -21.93
CA ALA C 78 19.38 42.69 -21.90
C ALA C 78 19.81 42.98 -20.46
N PRO C 79 21.11 43.10 -20.21
CA PRO C 79 21.61 43.41 -18.87
C PRO C 79 21.12 44.81 -18.47
N MET C 80 20.66 44.98 -17.25
CA MET C 80 20.12 46.29 -16.83
C MET C 80 20.29 46.46 -15.32
N GLU C 81 20.01 47.66 -14.84
CA GLU C 81 20.14 47.94 -13.39
C GLU C 81 18.99 47.20 -12.69
N PRO C 82 19.26 46.55 -11.57
CA PRO C 82 18.28 45.75 -10.85
C PRO C 82 16.98 46.52 -10.60
N LEU C 83 17.05 47.81 -10.32
CA LEU C 83 15.78 48.54 -10.09
C LEU C 83 15.06 48.65 -11.43
N ALA C 84 15.81 48.77 -12.51
CA ALA C 84 15.16 48.88 -13.83
C ALA C 84 14.42 47.58 -14.10
N LYS C 85 14.96 46.47 -13.62
CA LYS C 85 14.33 45.14 -13.80
C LYS C 85 13.03 45.13 -13.01
N LEU C 86 13.05 45.61 -11.78
CA LEU C 86 11.83 45.65 -10.95
C LEU C 86 10.81 46.56 -11.65
N GLU C 87 11.25 47.71 -12.08
CA GLU C 87 10.35 48.67 -12.74
C GLU C 87 9.76 48.05 -14.00
N LEU C 88 10.54 47.31 -14.75
CA LEU C 88 10.01 46.70 -15.98
C LEU C 88 8.95 45.67 -15.62
N VAL C 89 9.18 44.87 -14.59
CA VAL C 89 8.21 43.83 -14.17
C VAL C 89 6.94 44.53 -13.66
N ASP C 90 7.08 45.57 -12.88
CA ASP C 90 5.92 46.25 -12.35
C ASP C 90 5.07 46.80 -13.46
N VAL C 91 5.69 47.41 -14.45
CA VAL C 91 4.90 47.98 -15.57
C VAL C 91 4.23 46.85 -16.36
N VAL C 92 4.97 45.81 -16.67
CA VAL C 92 4.42 44.68 -17.46
C VAL C 92 3.27 44.04 -16.68
N GLN C 93 3.42 43.88 -15.38
CA GLN C 93 2.36 43.24 -14.57
C GLN C 93 1.13 44.13 -14.51
N ARG C 94 1.29 45.43 -14.35
CA ARG C 94 0.11 46.33 -14.19
C ARG C 94 -0.60 46.52 -15.52
N LEU C 95 0.12 46.39 -16.61
CA LEU C 95 -0.46 46.54 -17.97
C LEU C 95 -1.21 45.28 -18.34
N GLY C 96 -1.09 44.23 -17.54
CA GLY C 96 -1.80 42.97 -17.79
C GLY C 96 -1.09 42.10 -18.80
N LEU C 97 0.19 42.30 -19.02
CA LEU C 97 0.93 41.50 -20.03
C LEU C 97 1.73 40.40 -19.34
N ASN C 98 1.58 40.21 -18.05
CA ASN C 98 2.44 39.23 -17.36
C ASN C 98 2.18 37.82 -17.84
N HIS C 99 1.05 37.57 -18.48
CA HIS C 99 0.74 36.19 -18.95
C HIS C 99 1.59 35.85 -20.17
N LEU C 100 2.25 36.81 -20.77
CA LEU C 100 3.08 36.50 -21.95
C LEU C 100 4.53 36.30 -21.53
N PHE C 101 4.91 36.80 -20.36
CA PHE C 101 6.32 36.70 -19.91
C PHE C 101 6.41 36.10 -18.51
N GLU C 102 5.67 35.05 -18.26
CA GLU C 102 5.67 34.43 -16.91
C GLU C 102 7.07 33.91 -16.59
N THR C 103 7.71 33.27 -17.53
CA THR C 103 9.08 32.71 -17.30
C THR C 103 10.06 33.87 -17.15
N GLU C 104 9.96 34.87 -17.99
CA GLU C 104 10.87 36.02 -17.91
C GLU C 104 10.70 36.73 -16.56
N ILE C 105 9.49 36.80 -16.04
CA ILE C 105 9.25 37.50 -14.75
C ILE C 105 9.72 36.61 -13.59
N LYS C 106 9.53 35.31 -13.69
CA LYS C 106 9.98 34.42 -12.62
C LYS C 106 11.50 34.50 -12.53
N GLU C 107 12.17 34.49 -13.66
CA GLU C 107 13.65 34.56 -13.66
C GLU C 107 14.09 35.89 -13.07
N ALA C 108 13.54 36.99 -13.53
CA ALA C 108 13.98 38.31 -13.04
C ALA C 108 13.82 38.42 -11.53
N LEU C 109 12.67 38.12 -11.01
CA LEU C 109 12.40 38.28 -9.56
C LEU C 109 13.24 37.30 -8.73
N PHE C 110 13.35 36.06 -9.13
CA PHE C 110 14.15 35.10 -8.32
C PHE C 110 15.59 35.58 -8.31
N SER C 111 16.09 35.99 -9.45
CA SER C 111 17.49 36.48 -9.52
C SER C 111 17.64 37.64 -8.54
N ILE C 112 16.78 38.62 -8.64
CA ILE C 112 16.85 39.82 -7.76
C ILE C 112 16.73 39.37 -6.31
N TYR C 113 15.96 38.34 -6.05
CA TYR C 113 15.75 37.84 -4.66
C TYR C 113 17.10 37.44 -4.06
N LYS C 114 18.06 37.06 -4.87
CA LYS C 114 19.35 36.64 -4.28
C LYS C 114 20.48 37.55 -4.77
N ASP C 115 20.23 38.84 -4.84
CA ASP C 115 21.22 39.74 -5.35
C ASP C 115 22.42 39.82 -4.47
N GLY C 116 22.24 39.49 -3.20
CA GLY C 116 23.36 39.53 -2.25
C GLY C 116 23.71 40.96 -1.88
N SER C 117 24.06 41.77 -2.86
CA SER C 117 24.37 43.20 -2.63
C SER C 117 23.06 43.92 -2.30
N ASN C 118 23.11 44.98 -1.51
CA ASN C 118 21.85 45.67 -1.13
C ASN C 118 22.08 47.18 -1.18
N GLY C 119 23.06 47.63 -1.91
CA GLY C 119 23.35 49.06 -1.94
C GLY C 119 22.54 49.76 -3.01
N TRP C 120 21.88 49.02 -3.86
CA TRP C 120 21.08 49.70 -4.91
C TRP C 120 19.69 49.99 -4.35
N TRP C 121 19.36 49.48 -3.19
CA TRP C 121 18.01 49.74 -2.64
C TRP C 121 18.07 50.17 -1.17
N PHE C 122 19.11 49.80 -0.42
CA PHE C 122 19.15 50.15 1.01
C PHE C 122 19.05 51.67 1.21
N GLY C 123 18.12 52.11 2.02
CA GLY C 123 17.96 53.55 2.29
C GLY C 123 17.18 54.23 1.18
N HIS C 124 16.61 53.45 0.29
CA HIS C 124 15.78 54.01 -0.81
C HIS C 124 14.35 53.53 -0.59
N LEU C 125 13.42 54.43 -0.39
CA LEU C 125 12.04 54.01 -0.10
C LEU C 125 11.38 53.38 -1.33
N HIS C 126 11.36 54.09 -2.45
CA HIS C 126 10.74 53.54 -3.67
C HIS C 126 11.33 52.18 -3.99
N ALA C 127 12.60 52.12 -4.33
CA ALA C 127 13.24 50.85 -4.68
C ALA C 127 13.06 49.87 -3.53
N THR C 128 13.20 50.35 -2.32
CA THR C 128 13.09 49.45 -1.16
C THR C 128 11.66 48.94 -1.06
N SER C 129 10.68 49.72 -1.43
CA SER C 129 9.27 49.26 -1.32
C SER C 129 8.89 48.42 -2.54
N LEU C 130 9.30 48.80 -3.72
CA LEU C 130 8.95 48.01 -4.92
C LEU C 130 9.50 46.60 -4.73
N ARG C 131 10.75 46.48 -4.32
CA ARG C 131 11.38 45.15 -4.11
C ARG C 131 10.51 44.34 -3.16
N PHE C 132 10.20 44.91 -2.02
CA PHE C 132 9.38 44.21 -1.00
C PHE C 132 8.08 43.71 -1.60
N ARG C 133 7.38 44.53 -2.36
CA ARG C 133 6.07 44.13 -2.91
C ARG C 133 6.22 43.08 -4.01
N LEU C 134 7.08 43.30 -4.97
CA LEU C 134 7.21 42.34 -6.09
C LEU C 134 7.65 40.98 -5.58
N LEU C 135 8.64 40.90 -4.71
CA LEU C 135 9.11 39.57 -4.27
C LEU C 135 8.06 38.94 -3.37
N ARG C 136 7.45 39.71 -2.52
CA ARG C 136 6.42 39.14 -1.62
C ARG C 136 5.22 38.71 -2.46
N GLN C 137 4.89 39.43 -3.49
CA GLN C 137 3.72 39.02 -4.32
C GLN C 137 3.98 37.64 -4.93
N CYS C 138 5.21 37.30 -5.24
CA CYS C 138 5.44 36.00 -5.91
C CYS C 138 5.85 34.92 -4.91
N GLY C 139 5.73 35.15 -3.63
CA GLY C 139 6.02 34.09 -2.64
C GLY C 139 7.42 34.15 -2.07
N LEU C 140 8.27 35.05 -2.50
CA LEU C 140 9.63 35.13 -1.91
C LEU C 140 9.53 36.00 -0.65
N PHE C 141 10.01 35.55 0.49
CA PHE C 141 9.82 36.34 1.74
C PHE C 141 10.84 37.47 1.89
N ILE C 142 10.32 38.59 2.32
CA ILE C 142 11.12 39.80 2.62
C ILE C 142 10.56 40.35 3.93
N PRO C 143 11.40 40.42 4.94
CA PRO C 143 11.05 40.81 6.30
C PRO C 143 10.62 42.27 6.33
N GLN C 144 9.76 42.58 7.29
CA GLN C 144 9.24 43.96 7.48
C GLN C 144 10.38 44.83 7.99
N ASP C 145 11.41 44.19 8.50
CA ASP C 145 12.61 44.82 9.06
C ASP C 145 13.36 45.69 8.13
N VAL C 146 13.09 45.59 6.83
CA VAL C 146 13.83 46.40 5.83
C VAL C 146 13.30 47.82 5.83
N PHE C 147 12.24 48.09 6.56
CA PHE C 147 11.67 49.47 6.55
C PHE C 147 12.08 50.23 7.79
N LYS C 148 12.85 49.59 8.67
CA LYS C 148 13.32 50.21 9.94
C LYS C 148 14.23 51.40 9.60
N THR C 149 14.84 51.37 8.43
CA THR C 149 15.78 52.43 8.01
C THR C 149 15.04 53.75 7.80
N PHE C 150 13.74 53.77 7.77
CA PHE C 150 13.06 55.07 7.57
C PHE C 150 12.29 55.42 8.85
N GLN C 151 12.49 54.64 9.90
CA GLN C 151 11.79 54.83 11.19
C GLN C 151 12.67 55.58 12.18
N ASN C 152 12.15 55.77 13.39
CA ASN C 152 12.79 56.54 14.47
C ASN C 152 12.98 55.66 15.70
N LYS C 153 13.31 56.31 16.80
CA LYS C 153 13.43 55.69 18.14
C LYS C 153 12.15 54.90 18.39
N THR C 154 11.06 55.62 18.51
CA THR C 154 9.71 55.06 18.78
C THR C 154 9.33 54.10 17.67
N GLY C 155 9.32 54.57 16.45
CA GLY C 155 8.92 53.72 15.31
C GLY C 155 8.15 54.56 14.31
N GLU C 156 8.27 55.87 14.40
CA GLU C 156 7.57 56.79 13.47
C GLU C 156 8.41 56.91 12.21
N PHE C 157 7.81 57.05 11.06
CA PHE C 157 8.60 57.15 9.81
C PHE C 157 9.23 58.54 9.69
N ASP C 158 10.43 58.64 9.11
CA ASP C 158 11.13 59.90 8.95
C ASP C 158 10.22 60.82 8.26
N MET C 159 9.88 61.85 8.94
CA MET C 159 8.97 62.89 8.39
C MET C 159 9.60 63.56 7.17
N LYS C 160 10.90 63.40 6.94
CA LYS C 160 11.56 63.95 5.74
C LYS C 160 10.94 63.28 4.51
N LEU C 161 10.66 61.99 4.58
CA LEU C 161 10.03 61.17 3.53
C LEU C 161 8.74 61.81 2.98
N CYS C 162 7.91 62.44 3.80
CA CYS C 162 6.62 63.02 3.32
C CYS C 162 6.75 63.92 2.08
N ASP C 163 7.82 64.65 1.83
CA ASP C 163 7.88 65.37 0.57
C ASP C 163 8.71 64.56 -0.41
N ASN C 164 8.13 63.46 -0.82
CA ASN C 164 8.67 62.48 -1.81
C ASN C 164 7.53 61.52 -2.11
N VAL C 165 6.50 62.07 -2.72
CA VAL C 165 5.23 61.37 -3.05
C VAL C 165 5.49 60.03 -3.77
N LYS C 166 6.39 59.95 -4.71
CA LYS C 166 6.58 58.65 -5.41
C LYS C 166 7.01 57.58 -4.42
N GLY C 167 7.91 57.88 -3.51
CA GLY C 167 8.35 56.85 -2.56
C GLY C 167 7.23 56.40 -1.65
N LEU C 168 6.45 57.33 -1.16
CA LEU C 168 5.33 57.03 -0.24
C LEU C 168 4.35 56.08 -0.95
N LEU C 169 4.04 56.38 -2.19
CA LEU C 169 3.10 55.58 -3.01
C LEU C 169 3.59 54.13 -3.05
N SER C 170 4.84 53.91 -3.41
CA SER C 170 5.35 52.52 -3.46
C SER C 170 5.24 51.88 -2.08
N LEU C 171 5.58 52.62 -1.03
CA LEU C 171 5.55 52.05 0.33
C LEU C 171 4.10 51.77 0.72
N TYR C 172 3.21 52.69 0.40
CA TYR C 172 1.79 52.46 0.72
C TYR C 172 1.35 51.16 0.06
N GLU C 173 1.72 50.99 -1.21
CA GLU C 173 1.32 49.79 -1.97
C GLU C 173 1.96 48.55 -1.37
N ALA C 174 3.15 48.67 -0.82
CA ALA C 174 3.87 47.51 -0.28
C ALA C 174 3.29 47.13 1.09
N SER C 175 2.82 48.11 1.84
CA SER C 175 2.27 47.84 3.20
C SER C 175 1.03 46.96 3.12
N TYR C 176 0.48 46.76 1.94
CA TYR C 176 -0.75 45.94 1.85
C TYR C 176 -0.37 44.48 1.67
N LEU C 177 0.91 44.18 1.63
CA LEU C 177 1.36 42.77 1.51
C LEU C 177 1.76 42.29 2.90
N GLY C 178 1.40 43.02 3.94
CA GLY C 178 1.80 42.68 5.31
C GLY C 178 1.05 41.49 5.86
N TRP C 179 1.56 40.88 6.92
CA TRP C 179 0.89 39.73 7.58
C TRP C 179 0.40 40.16 8.95
N LYS C 180 -0.24 39.27 9.67
CA LYS C 180 -0.71 39.60 11.03
C LYS C 180 0.51 39.76 11.93
N GLY C 181 0.74 40.93 12.49
CA GLY C 181 1.86 41.06 13.42
C GLY C 181 2.97 41.92 12.87
N GLU C 182 2.97 42.19 11.60
CA GLU C 182 4.05 43.05 11.06
C GLU C 182 3.61 44.49 11.29
N ASN C 183 3.55 44.87 12.56
CA ASN C 183 3.11 46.21 13.00
C ASN C 183 3.98 47.28 12.36
N ILE C 184 5.10 46.88 11.82
CA ILE C 184 6.04 47.82 11.16
C ILE C 184 5.36 48.28 9.87
N LEU C 185 4.59 47.38 9.27
CA LEU C 185 3.92 47.64 7.98
C LEU C 185 2.64 48.42 8.23
N ASP C 186 1.98 48.21 9.34
CA ASP C 186 0.75 48.90 9.59
C ASP C 186 1.01 50.34 9.85
N GLU C 187 2.15 50.65 10.42
CA GLU C 187 2.46 52.06 10.71
C GLU C 187 2.76 52.73 9.36
N ALA C 188 3.34 51.98 8.46
CA ALA C 188 3.66 52.52 7.13
C ALA C 188 2.35 52.84 6.40
N LYS C 189 1.39 51.96 6.48
CA LYS C 189 0.09 52.16 5.80
C LYS C 189 -0.53 53.46 6.32
N ALA C 190 -0.62 53.59 7.62
CA ALA C 190 -1.23 54.78 8.25
C ALA C 190 -0.38 55.99 7.90
N PHE C 191 0.91 55.90 8.10
CA PHE C 191 1.81 57.04 7.83
C PHE C 191 1.64 57.48 6.37
N THR C 192 1.86 56.59 5.43
CA THR C 192 1.80 56.92 3.99
C THR C 192 0.40 57.39 3.62
N THR C 193 -0.61 56.79 4.16
CA THR C 193 -1.98 57.24 3.85
C THR C 193 -2.10 58.70 4.24
N LYS C 194 -1.77 59.02 5.47
CA LYS C 194 -1.85 60.41 5.96
C LYS C 194 -1.09 61.33 5.01
N CYS C 195 0.20 61.12 4.84
CA CYS C 195 1.03 62.01 3.99
C CYS C 195 0.47 62.07 2.58
N LEU C 196 0.10 60.94 2.02
CA LEU C 196 -0.42 60.95 0.64
C LEU C 196 -1.71 61.77 0.56
N LYS C 197 -2.60 61.64 1.52
CA LYS C 197 -3.86 62.41 1.41
C LYS C 197 -3.54 63.90 1.52
N SER C 198 -2.48 64.26 2.22
CA SER C 198 -2.13 65.68 2.45
C SER C 198 -1.42 66.30 1.25
N ALA C 199 -0.52 65.59 0.61
CA ALA C 199 0.25 66.17 -0.51
C ALA C 199 -0.47 65.97 -1.83
N TRP C 200 -1.65 65.40 -1.84
CA TRP C 200 -2.33 65.11 -3.14
C TRP C 200 -2.48 66.37 -3.98
N GLU C 201 -3.28 67.31 -3.51
CA GLU C 201 -3.58 68.54 -4.28
C GLU C 201 -2.29 69.24 -4.67
N ASN C 202 -1.23 69.03 -3.93
CA ASN C 202 0.03 69.75 -4.23
C ASN C 202 0.86 68.97 -5.24
N ILE C 203 0.47 67.78 -5.63
CA ILE C 203 1.30 67.02 -6.61
C ILE C 203 1.33 67.76 -7.94
N SER C 204 2.52 68.03 -8.46
CA SER C 204 2.65 68.77 -9.74
C SER C 204 2.51 67.79 -10.90
N GLU C 205 3.27 66.72 -10.89
CA GLU C 205 3.19 65.70 -11.97
C GLU C 205 1.74 65.23 -12.08
N LYS C 206 1.05 65.59 -13.14
CA LYS C 206 -0.38 65.23 -13.27
C LYS C 206 -0.56 63.72 -13.31
N TRP C 207 0.39 62.99 -13.87
CA TRP C 207 0.26 61.51 -13.95
C TRP C 207 0.52 60.89 -12.58
N LEU C 208 1.25 61.56 -11.71
CA LEU C 208 1.54 60.96 -10.38
C LEU C 208 0.36 61.25 -9.44
N ALA C 209 -0.36 62.33 -9.64
CA ALA C 209 -1.51 62.61 -8.77
C ALA C 209 -2.59 61.57 -9.06
N LYS C 210 -2.73 61.24 -10.33
CA LYS C 210 -3.73 60.25 -10.79
C LYS C 210 -3.46 58.92 -10.09
N ARG C 211 -2.25 58.40 -10.21
CA ARG C 211 -1.90 57.11 -9.58
C ARG C 211 -2.29 57.18 -8.10
N VAL C 212 -1.93 58.27 -7.47
CA VAL C 212 -2.20 58.46 -6.01
C VAL C 212 -3.69 58.40 -5.71
N LYS C 213 -4.51 59.16 -6.38
CA LYS C 213 -5.96 59.11 -6.06
C LYS C 213 -6.45 57.67 -6.24
N HIS C 214 -6.07 57.06 -7.34
CA HIS C 214 -6.46 55.67 -7.68
C HIS C 214 -6.04 54.74 -6.55
N ALA C 215 -4.82 54.91 -6.07
CA ALA C 215 -4.28 54.08 -4.98
C ALA C 215 -5.04 54.32 -3.69
N LEU C 216 -5.41 55.55 -3.40
CA LEU C 216 -6.12 55.80 -2.12
C LEU C 216 -7.52 55.21 -2.19
N ALA C 217 -8.11 55.14 -3.35
CA ALA C 217 -9.46 54.53 -3.47
C ALA C 217 -9.31 53.05 -3.14
N LEU C 218 -8.35 52.41 -3.76
CA LEU C 218 -8.08 50.97 -3.51
C LEU C 218 -6.59 50.75 -3.78
N PRO C 219 -5.93 49.95 -2.98
CA PRO C 219 -4.53 49.68 -3.25
C PRO C 219 -4.43 48.64 -4.36
N LEU C 220 -3.31 48.62 -5.07
CA LEU C 220 -3.09 47.71 -6.21
C LEU C 220 -3.21 46.24 -5.79
N HIS C 221 -2.97 45.93 -4.54
CA HIS C 221 -3.06 44.53 -4.07
C HIS C 221 -4.52 44.11 -3.96
N TRP C 222 -5.42 45.08 -3.96
CA TRP C 222 -6.87 44.80 -3.82
C TRP C 222 -7.60 45.04 -5.14
N ARG C 223 -6.90 45.31 -6.21
CA ARG C 223 -7.59 45.61 -7.47
C ARG C 223 -7.56 44.41 -8.40
N VAL C 224 -8.55 44.28 -9.26
CA VAL C 224 -8.60 43.16 -10.24
C VAL C 224 -7.53 43.44 -11.28
N PRO C 225 -6.69 42.48 -11.57
CA PRO C 225 -5.62 42.73 -12.54
C PRO C 225 -6.12 42.99 -13.96
N ARG C 226 -7.22 42.41 -14.35
CA ARG C 226 -7.75 42.59 -15.73
C ARG C 226 -8.37 43.97 -15.85
N ILE C 227 -9.09 44.40 -14.83
CA ILE C 227 -9.73 45.74 -14.83
C ILE C 227 -8.63 46.79 -14.68
N GLU C 228 -7.62 46.52 -13.87
CA GLU C 228 -6.52 47.47 -13.64
C GLU C 228 -5.68 47.60 -14.91
N ALA C 229 -5.58 46.55 -15.70
CA ALA C 229 -4.78 46.63 -16.94
C ALA C 229 -5.41 47.65 -17.88
N ARG C 230 -6.71 47.65 -17.94
CA ARG C 230 -7.43 48.59 -18.81
C ARG C 230 -7.20 50.00 -18.28
N TRP C 231 -7.35 50.18 -16.98
CA TRP C 231 -7.14 51.51 -16.38
C TRP C 231 -5.68 51.94 -16.55
N PHE C 232 -4.75 51.04 -16.32
CA PHE C 232 -3.32 51.38 -16.39
C PHE C 232 -2.86 51.57 -17.83
N ILE C 233 -3.53 50.98 -18.80
CA ILE C 233 -3.05 51.15 -20.20
C ILE C 233 -3.29 52.60 -20.61
N GLU C 234 -4.36 53.19 -20.13
CA GLU C 234 -4.70 54.58 -20.44
C GLU C 234 -3.80 55.50 -19.62
N ALA C 235 -3.63 55.20 -18.35
CA ALA C 235 -2.78 56.04 -17.48
C ALA C 235 -1.33 55.97 -17.94
N TYR C 236 -0.84 54.82 -18.29
CA TYR C 236 0.58 54.67 -18.67
C TYR C 236 0.93 55.56 -19.84
N GLU C 237 0.06 55.70 -20.81
CA GLU C 237 0.38 56.51 -22.02
C GLU C 237 0.74 57.93 -21.62
N GLN C 238 0.17 58.45 -20.56
CA GLN C 238 0.46 59.84 -20.15
C GLN C 238 1.56 59.86 -19.09
N GLU C 239 2.11 58.74 -18.71
CA GLU C 239 3.14 58.76 -17.64
C GLU C 239 4.48 59.23 -18.21
N ALA C 240 5.30 59.83 -17.37
CA ALA C 240 6.62 60.36 -17.76
C ALA C 240 7.50 59.24 -18.32
N ASN C 241 8.10 59.46 -19.48
CA ASN C 241 9.00 58.45 -20.09
C ASN C 241 8.30 57.09 -20.21
N MET C 242 7.08 57.08 -20.70
CA MET C 242 6.33 55.81 -20.91
C MET C 242 7.00 55.06 -22.06
N ASN C 243 7.12 53.76 -22.00
CA ASN C 243 7.77 53.03 -23.12
C ASN C 243 6.70 52.76 -24.18
N PRO C 244 6.88 53.24 -25.38
CA PRO C 244 5.87 53.05 -26.42
C PRO C 244 5.80 51.61 -26.93
N THR C 245 6.75 50.77 -26.59
CA THR C 245 6.67 49.39 -27.12
C THR C 245 5.82 48.56 -26.16
N LEU C 246 5.91 48.83 -24.88
CA LEU C 246 5.09 48.10 -23.89
C LEU C 246 3.66 48.57 -24.03
N LEU C 247 3.48 49.84 -24.34
CA LEU C 247 2.13 50.41 -24.46
C LEU C 247 1.43 49.79 -25.67
N LYS C 248 2.12 49.71 -26.80
CA LYS C 248 1.53 49.15 -28.02
C LYS C 248 1.18 47.69 -27.76
N LEU C 249 2.13 46.91 -27.28
CA LEU C 249 1.90 45.48 -27.01
C LEU C 249 0.72 45.34 -26.04
N ALA C 250 0.64 46.18 -25.05
CA ALA C 250 -0.46 46.09 -24.07
C ALA C 250 -1.79 46.38 -24.75
N LYS C 251 -1.81 47.25 -25.74
CA LYS C 251 -3.07 47.58 -26.45
C LYS C 251 -3.42 46.41 -27.37
N LEU C 252 -2.46 45.88 -28.07
CA LEU C 252 -2.74 44.74 -28.96
C LEU C 252 -3.25 43.58 -28.12
N ASP C 253 -2.44 43.07 -27.22
CA ASP C 253 -2.81 41.94 -26.41
C ASP C 253 -4.13 42.05 -25.74
N PHE C 254 -4.42 43.19 -25.16
CA PHE C 254 -5.70 43.36 -24.44
C PHE C 254 -6.85 43.14 -25.39
N ASN C 255 -6.75 43.64 -26.61
CA ASN C 255 -7.85 43.47 -27.59
C ASN C 255 -7.90 42.00 -28.01
N MET C 256 -6.78 41.35 -28.12
CA MET C 256 -6.77 39.94 -28.53
C MET C 256 -7.45 39.10 -27.46
N VAL C 257 -7.20 39.38 -26.19
CA VAL C 257 -7.79 38.57 -25.10
C VAL C 257 -9.27 38.91 -24.97
N GLN C 258 -9.61 40.16 -25.20
CA GLN C 258 -11.00 40.65 -25.06
C GLN C 258 -11.89 40.03 -26.14
N SER C 259 -11.36 39.73 -27.30
CA SER C 259 -12.20 39.12 -28.36
C SER C 259 -12.52 37.67 -27.96
N ILE C 260 -11.64 37.05 -27.19
CA ILE C 260 -11.90 35.67 -26.71
C ILE C 260 -13.01 35.76 -25.67
N HIS C 261 -12.94 36.72 -24.78
CA HIS C 261 -14.00 36.88 -23.74
C HIS C 261 -15.32 37.14 -24.46
N GLN C 262 -15.34 38.04 -25.42
CA GLN C 262 -16.58 38.40 -26.14
C GLN C 262 -17.21 37.15 -26.74
N LYS C 263 -16.46 36.30 -27.40
CA LYS C 263 -17.09 35.10 -27.99
C LYS C 263 -17.61 34.22 -26.84
N GLU C 264 -16.90 34.14 -25.74
CA GLU C 264 -17.34 33.31 -24.61
C GLU C 264 -18.62 33.89 -24.02
N ILE C 265 -18.68 35.20 -23.88
CA ILE C 265 -19.88 35.90 -23.34
C ILE C 265 -21.06 35.59 -24.25
N GLY C 266 -20.84 35.49 -25.53
CA GLY C 266 -21.95 35.19 -26.44
C GLY C 266 -22.46 33.79 -26.24
N GLU C 267 -21.56 32.84 -26.08
CA GLU C 267 -21.98 31.43 -25.87
C GLU C 267 -22.64 31.30 -24.51
N LEU C 268 -22.21 32.06 -23.54
CA LEU C 268 -22.84 31.98 -22.20
C LEU C 268 -24.27 32.49 -22.28
N ALA C 269 -24.52 33.58 -22.96
CA ALA C 269 -25.89 34.13 -23.06
C ALA C 269 -26.79 33.16 -23.82
N ARG C 270 -26.29 32.49 -24.83
CA ARG C 270 -27.12 31.55 -25.60
C ARG C 270 -27.55 30.38 -24.70
N TRP C 271 -26.66 29.87 -23.89
CA TRP C 271 -27.04 28.75 -22.98
C TRP C 271 -28.03 29.30 -21.96
N TRP C 272 -27.74 30.45 -21.42
CA TRP C 272 -28.63 31.04 -20.40
C TRP C 272 -30.03 31.22 -20.96
N VAL C 273 -30.18 31.78 -22.13
CA VAL C 273 -31.55 32.00 -22.67
C VAL C 273 -32.08 30.69 -23.24
N THR C 274 -31.28 30.01 -24.03
CA THR C 274 -31.70 28.76 -24.69
C THR C 274 -32.15 27.71 -23.68
N THR C 275 -31.50 27.56 -22.54
CA THR C 275 -31.96 26.50 -21.61
C THR C 275 -33.12 27.00 -20.78
N GLY C 276 -33.49 28.25 -20.90
CA GLY C 276 -34.65 28.75 -20.15
C GLY C 276 -34.28 29.26 -18.79
N LEU C 277 -33.03 29.54 -18.54
CA LEU C 277 -32.63 30.02 -17.20
C LEU C 277 -33.07 31.47 -17.03
N ASP C 278 -33.31 32.20 -18.10
CA ASP C 278 -33.70 33.57 -17.98
C ASP C 278 -35.08 33.68 -17.39
N LYS C 279 -35.88 32.66 -17.57
CA LYS C 279 -37.26 32.65 -17.02
C LYS C 279 -37.23 32.22 -15.56
N LEU C 280 -36.09 31.80 -15.05
CA LEU C 280 -36.03 31.33 -13.65
C LEU C 280 -35.42 32.42 -12.77
N ALA C 281 -34.61 33.29 -13.33
CA ALA C 281 -33.99 34.36 -12.52
C ALA C 281 -35.10 35.25 -11.95
N PHE C 282 -35.04 35.56 -10.68
CA PHE C 282 -36.11 36.37 -10.06
C PHE C 282 -35.88 37.87 -10.30
N ALA C 283 -36.57 38.42 -11.28
CA ALA C 283 -36.52 39.85 -11.65
C ALA C 283 -35.10 40.41 -11.63
N ARG C 284 -34.17 39.78 -12.31
CA ARG C 284 -32.80 40.33 -12.35
C ARG C 284 -32.09 39.86 -13.60
N ASN C 285 -31.04 40.55 -13.96
CA ASN C 285 -30.19 40.21 -15.11
C ASN C 285 -28.76 40.50 -14.67
N ASN C 286 -28.03 39.53 -14.21
CA ASN C 286 -26.65 39.83 -13.78
C ASN C 286 -25.70 38.88 -14.50
N LEU C 287 -26.02 38.50 -15.71
CA LEU C 287 -25.19 37.56 -16.49
C LEU C 287 -23.86 38.22 -16.85
N LEU C 288 -23.86 39.44 -17.35
CA LEU C 288 -22.56 40.05 -17.73
C LEU C 288 -21.76 40.37 -16.49
N GLN C 289 -22.40 40.66 -15.38
CA GLN C 289 -21.67 40.95 -14.13
C GLN C 289 -21.06 39.63 -13.68
N SER C 290 -21.81 38.57 -13.86
CA SER C 290 -21.33 37.23 -13.46
C SER C 290 -20.07 36.90 -14.26
N TYR C 291 -20.08 37.22 -15.53
CA TYR C 291 -18.93 36.90 -16.40
C TYR C 291 -17.75 37.79 -16.05
N MET C 292 -18.02 39.04 -15.74
CA MET C 292 -16.94 39.98 -15.38
C MET C 292 -16.23 39.43 -14.15
N TRP C 293 -16.97 38.86 -13.24
CA TRP C 293 -16.38 38.32 -12.00
C TRP C 293 -15.56 37.07 -12.31
N SER C 294 -16.05 36.21 -13.17
CA SER C 294 -15.31 34.97 -13.50
C SER C 294 -14.03 35.37 -14.22
N CYS C 295 -14.15 36.34 -15.10
CA CYS C 295 -13.01 36.87 -15.87
C CYS C 295 -12.07 37.56 -14.90
N ALA C 296 -12.61 38.15 -13.87
CA ALA C 296 -11.76 38.81 -12.86
C ALA C 296 -10.89 37.74 -12.19
N ILE C 297 -11.42 36.57 -11.97
CA ILE C 297 -10.67 35.47 -11.32
C ILE C 297 -9.63 34.92 -12.30
N ALA C 298 -10.02 34.52 -13.48
CA ALA C 298 -9.04 34.00 -14.48
C ALA C 298 -9.32 34.64 -15.84
N SER C 299 -8.47 35.54 -16.31
CA SER C 299 -8.73 36.22 -17.59
C SER C 299 -7.88 35.65 -18.74
N ASP C 300 -6.72 35.08 -18.46
CA ASP C 300 -5.88 34.60 -19.53
C ASP C 300 -6.65 33.66 -20.38
N PRO C 301 -6.33 33.65 -21.66
CA PRO C 301 -6.94 32.84 -22.70
C PRO C 301 -6.78 31.35 -22.39
N LYS C 302 -5.76 30.98 -21.64
CA LYS C 302 -5.52 29.56 -21.33
C LYS C 302 -6.45 29.10 -20.20
N PHE C 303 -7.12 30.00 -19.53
CA PHE C 303 -8.01 29.59 -18.42
C PHE C 303 -9.46 29.54 -18.89
N LYS C 304 -9.71 29.18 -20.12
CA LYS C 304 -11.07 29.08 -20.69
C LYS C 304 -11.94 28.16 -19.84
N LEU C 305 -11.49 26.96 -19.59
CA LEU C 305 -12.22 25.96 -18.78
C LEU C 305 -12.55 26.52 -17.40
N ALA C 306 -11.61 27.14 -16.74
CA ALA C 306 -11.90 27.69 -15.40
C ALA C 306 -12.95 28.78 -15.54
N ARG C 307 -12.65 29.77 -16.34
CA ARG C 307 -13.52 30.95 -16.53
C ARG C 307 -14.92 30.54 -17.00
N GLU C 308 -15.06 29.68 -17.99
CA GLU C 308 -16.40 29.32 -18.48
C GLU C 308 -17.12 28.46 -17.46
N THR C 309 -16.40 27.60 -16.80
CA THR C 309 -16.95 26.66 -15.80
C THR C 309 -17.41 27.43 -14.57
N ILE C 310 -16.67 28.41 -14.14
CA ILE C 310 -17.03 29.19 -12.93
C ILE C 310 -18.25 30.05 -13.24
N VAL C 311 -18.30 30.65 -14.39
CA VAL C 311 -19.45 31.53 -14.73
C VAL C 311 -20.69 30.66 -14.92
N GLU C 312 -20.52 29.47 -15.42
CA GLU C 312 -21.69 28.58 -15.62
C GLU C 312 -22.21 28.15 -14.26
N ILE C 313 -21.33 27.84 -13.34
CA ILE C 313 -21.74 27.36 -11.99
C ILE C 313 -22.29 28.53 -11.19
N GLY C 314 -21.67 29.69 -11.29
CA GLY C 314 -22.17 30.86 -10.54
C GLY C 314 -23.47 31.35 -11.13
N SER C 315 -23.68 31.14 -12.41
CA SER C 315 -24.94 31.60 -13.03
C SER C 315 -26.08 30.74 -12.50
N VAL C 316 -25.84 29.46 -12.39
CA VAL C 316 -26.87 28.52 -11.88
C VAL C 316 -27.01 28.72 -10.38
N LEU C 317 -25.97 29.14 -9.69
CA LEU C 317 -26.06 29.33 -8.22
C LEU C 317 -26.98 30.50 -7.91
N THR C 318 -26.98 31.55 -8.71
CA THR C 318 -27.88 32.69 -8.41
C THR C 318 -29.33 32.22 -8.50
N VAL C 319 -29.60 31.25 -9.32
CA VAL C 319 -30.99 30.76 -9.46
C VAL C 319 -31.31 29.90 -8.25
N VAL C 320 -30.34 29.18 -7.72
CA VAL C 320 -30.59 28.37 -6.50
C VAL C 320 -30.83 29.34 -5.36
N ASP C 321 -30.09 30.43 -5.37
CA ASP C 321 -30.24 31.45 -4.37
C ASP C 321 -31.65 31.95 -4.35
N ASP C 322 -32.22 32.19 -5.51
CA ASP C 322 -33.56 32.68 -5.61
C ASP C 322 -34.53 31.62 -5.19
N GLY C 323 -34.15 30.38 -5.35
CA GLY C 323 -35.06 29.30 -4.96
C GLY C 323 -35.19 29.24 -3.46
N TYR C 324 -34.14 29.52 -2.74
CA TYR C 324 -34.19 29.43 -1.27
C TYR C 324 -34.70 30.74 -0.68
N ASP C 325 -34.45 31.82 -1.37
CA ASP C 325 -34.79 33.13 -0.89
C ASP C 325 -36.17 33.56 -1.26
N VAL C 326 -36.75 33.03 -2.33
CA VAL C 326 -38.07 33.59 -2.72
C VAL C 326 -39.05 32.53 -3.17
N TYR C 327 -38.64 31.47 -3.83
CA TYR C 327 -39.68 30.56 -4.38
C TYR C 327 -40.00 29.37 -3.49
N GLY C 328 -39.30 29.06 -2.43
CA GLY C 328 -39.66 27.79 -1.78
C GLY C 328 -40.18 27.87 -0.36
N SER C 329 -41.03 26.91 -0.04
CA SER C 329 -41.57 26.73 1.32
C SER C 329 -40.51 25.98 2.13
N ILE C 330 -40.43 26.18 3.44
CA ILE C 330 -39.38 25.54 4.27
C ILE C 330 -39.38 24.02 4.04
N ASP C 331 -40.52 23.41 3.88
CA ASP C 331 -40.56 21.99 3.71
C ASP C 331 -39.96 21.60 2.40
N GLU C 332 -40.31 22.37 1.38
CA GLU C 332 -39.86 22.15 -0.02
C GLU C 332 -38.35 22.33 -0.07
N LEU C 333 -37.82 23.28 0.69
CA LEU C 333 -36.36 23.54 0.68
C LEU C 333 -35.67 22.47 1.52
N ASP C 334 -36.41 21.65 2.22
CA ASP C 334 -35.78 20.63 3.01
C ASP C 334 -35.52 19.47 2.11
N LEU C 335 -36.46 19.22 1.24
CA LEU C 335 -36.33 18.09 0.29
C LEU C 335 -35.29 18.46 -0.75
N TYR C 336 -35.19 19.73 -1.09
CA TYR C 336 -34.18 20.16 -2.09
C TYR C 336 -32.81 19.84 -1.54
N THR C 337 -32.52 20.32 -0.35
CA THR C 337 -31.21 20.09 0.29
C THR C 337 -30.96 18.59 0.45
N SER C 338 -32.00 17.82 0.63
CA SER C 338 -31.84 16.36 0.83
C SER C 338 -31.61 15.70 -0.53
N SER C 339 -32.11 16.30 -1.59
CA SER C 339 -31.90 15.75 -2.95
C SER C 339 -30.46 16.04 -3.37
N VAL C 340 -29.95 17.15 -2.91
CA VAL C 340 -28.55 17.53 -3.20
C VAL C 340 -27.65 16.53 -2.47
N GLU C 341 -27.92 16.31 -1.20
CA GLU C 341 -27.14 15.36 -0.37
C GLU C 341 -27.08 14.01 -1.06
N ARG C 342 -28.19 13.53 -1.57
CA ARG C 342 -28.24 12.22 -2.28
C ARG C 342 -27.83 12.44 -3.72
N TRP C 343 -27.73 13.68 -4.14
CA TRP C 343 -27.41 14.06 -5.54
C TRP C 343 -28.25 13.22 -6.48
N SER C 344 -29.55 13.30 -6.36
CA SER C 344 -30.42 12.48 -7.22
C SER C 344 -31.54 13.35 -7.77
N CYS C 345 -32.02 13.06 -8.95
CA CYS C 345 -33.18 13.78 -9.52
C CYS C 345 -34.34 12.80 -9.57
N VAL C 346 -34.21 11.67 -8.91
CA VAL C 346 -35.26 10.61 -8.93
C VAL C 346 -36.44 11.00 -8.05
N GLU C 347 -36.23 11.71 -6.97
CA GLU C 347 -37.38 12.06 -6.10
C GLU C 347 -37.66 13.56 -6.16
N ILE C 348 -37.58 14.19 -7.31
CA ILE C 348 -37.83 15.65 -7.35
C ILE C 348 -39.33 15.88 -7.53
N ASP C 349 -40.10 14.82 -7.67
CA ASP C 349 -41.49 14.98 -7.93
C ASP C 349 -42.28 15.54 -6.81
N LYS C 350 -41.67 15.75 -5.67
CA LYS C 350 -42.46 16.33 -4.57
C LYS C 350 -42.11 17.81 -4.43
N LEU C 351 -41.39 18.34 -5.38
CA LEU C 351 -41.06 19.78 -5.40
C LEU C 351 -42.04 20.43 -6.37
N PRO C 352 -42.40 21.68 -6.16
CA PRO C 352 -43.27 22.40 -7.08
C PRO C 352 -42.52 22.66 -8.39
N ASN C 353 -43.22 22.87 -9.48
CA ASN C 353 -42.61 23.05 -10.81
C ASN C 353 -41.44 24.03 -10.76
N THR C 354 -41.56 25.17 -10.12
CA THR C 354 -40.42 26.12 -10.13
C THR C 354 -39.19 25.46 -9.53
N LEU C 355 -39.33 24.81 -8.40
CA LEU C 355 -38.17 24.18 -7.72
C LEU C 355 -37.69 22.96 -8.51
N LYS C 356 -38.56 22.29 -9.22
CA LYS C 356 -38.07 21.16 -10.04
C LYS C 356 -37.15 21.74 -11.11
N LEU C 357 -37.56 22.83 -11.74
CA LEU C 357 -36.78 23.49 -12.80
C LEU C 357 -35.46 23.97 -12.22
N ILE C 358 -35.50 24.66 -11.11
CA ILE C 358 -34.25 25.17 -10.51
C ILE C 358 -33.36 23.98 -10.15
N PHE C 359 -33.93 22.92 -9.59
CA PHE C 359 -33.07 21.77 -9.19
C PHE C 359 -32.45 21.10 -10.41
N MET C 360 -33.18 20.93 -11.47
CA MET C 360 -32.61 20.24 -12.65
C MET C 360 -31.59 21.16 -13.31
N SER C 361 -31.76 22.45 -13.21
CA SER C 361 -30.77 23.38 -13.82
C SER C 361 -29.44 23.23 -13.10
N MET C 362 -29.45 23.25 -11.79
CA MET C 362 -28.19 23.16 -11.00
C MET C 362 -27.59 21.76 -11.13
N PHE C 363 -28.41 20.75 -11.18
CA PHE C 363 -27.95 19.35 -11.34
C PHE C 363 -27.31 19.18 -12.72
N ASN C 364 -28.04 19.57 -13.73
CA ASN C 364 -27.60 19.43 -15.13
C ASN C 364 -26.33 20.24 -15.38
N LYS C 365 -26.24 21.47 -14.96
CA LYS C 365 -25.00 22.23 -15.28
C LYS C 365 -23.81 21.58 -14.61
N THR C 366 -23.94 21.23 -13.35
CA THR C 366 -22.84 20.58 -12.60
C THR C 366 -22.46 19.27 -13.27
N ASN C 367 -23.41 18.48 -13.66
CA ASN C 367 -23.13 17.17 -14.30
C ASN C 367 -22.55 17.38 -15.70
N GLU C 368 -22.80 18.52 -16.32
CA GLU C 368 -22.29 18.79 -17.67
C GLU C 368 -20.83 19.22 -17.54
N VAL C 369 -20.53 19.93 -16.49
CA VAL C 369 -19.13 20.37 -16.24
C VAL C 369 -18.34 19.12 -15.87
N GLY C 370 -18.92 18.24 -15.10
CA GLY C 370 -18.25 16.99 -14.74
C GLY C 370 -17.90 16.19 -15.98
N LEU C 371 -18.80 16.09 -16.92
CA LEU C 371 -18.53 15.34 -18.17
C LEU C 371 -17.53 16.12 -19.02
N ARG C 372 -17.63 17.41 -19.09
CA ARG C 372 -16.65 18.17 -19.91
C ARG C 372 -15.28 18.04 -19.26
N VAL C 373 -15.21 18.09 -17.94
CA VAL C 373 -13.90 18.01 -17.25
C VAL C 373 -13.35 16.58 -17.34
N GLN C 374 -14.21 15.59 -17.41
CA GLN C 374 -13.76 14.20 -17.56
C GLN C 374 -13.15 14.02 -18.94
N HIS C 375 -13.56 14.79 -19.90
CA HIS C 375 -13.00 14.68 -21.27
C HIS C 375 -11.67 15.44 -21.35
N GLU C 376 -11.66 16.65 -20.87
CA GLU C 376 -10.47 17.53 -20.97
C GLU C 376 -9.46 17.24 -19.88
N ARG C 377 -9.79 16.56 -18.80
CA ARG C 377 -8.73 16.33 -17.80
C ARG C 377 -8.65 14.85 -17.45
N GLY C 378 -9.66 14.08 -17.74
CA GLY C 378 -9.61 12.63 -17.47
C GLY C 378 -9.83 12.26 -16.03
N TYR C 379 -10.60 13.04 -15.29
CA TYR C 379 -10.87 12.66 -13.88
C TYR C 379 -12.34 12.94 -13.54
N ASN C 380 -12.84 12.35 -12.48
CA ASN C 380 -14.25 12.55 -12.09
C ASN C 380 -14.32 13.58 -10.98
N SER C 381 -14.97 14.70 -11.23
CA SER C 381 -15.06 15.81 -10.26
C SER C 381 -16.44 15.88 -9.63
N ILE C 382 -17.38 15.07 -10.09
CA ILE C 382 -18.77 15.13 -9.55
C ILE C 382 -18.78 14.98 -8.04
N PRO C 383 -18.09 14.01 -7.47
CA PRO C 383 -18.09 13.86 -6.02
C PRO C 383 -17.62 15.14 -5.34
N THR C 384 -16.68 15.84 -5.92
CA THR C 384 -16.16 17.10 -5.33
C THR C 384 -17.25 18.17 -5.39
N PHE C 385 -18.02 18.20 -6.46
CA PHE C 385 -19.09 19.21 -6.62
C PHE C 385 -20.22 18.90 -5.64
N ILE C 386 -20.55 17.64 -5.45
CA ILE C 386 -21.65 17.27 -4.53
C ILE C 386 -21.38 17.85 -3.15
N LYS C 387 -20.19 17.71 -2.63
CA LYS C 387 -19.88 18.22 -1.28
C LYS C 387 -19.93 19.75 -1.28
N ALA C 388 -19.51 20.43 -2.32
CA ALA C 388 -19.54 21.90 -2.31
C ALA C 388 -20.99 22.37 -2.42
N TRP C 389 -21.79 21.65 -3.14
CA TRP C 389 -23.22 22.02 -3.32
C TRP C 389 -23.97 21.71 -2.03
N VAL C 390 -23.62 20.68 -1.30
CA VAL C 390 -24.40 20.39 -0.06
C VAL C 390 -24.00 21.42 0.98
N GLU C 391 -22.75 21.82 1.04
CA GLU C 391 -22.38 22.86 2.00
C GLU C 391 -23.11 24.14 1.63
N GLN C 392 -23.18 24.44 0.35
CA GLN C 392 -23.85 25.65 -0.16
C GLN C 392 -25.32 25.65 0.27
N CYS C 393 -26.05 24.59 -0.03
CA CYS C 393 -27.48 24.53 0.32
C CYS C 393 -27.69 24.54 1.83
N LYS C 394 -26.90 23.81 2.57
CA LYS C 394 -27.07 23.79 4.05
C LYS C 394 -26.83 25.19 4.60
N SER C 395 -25.91 25.93 4.03
CA SER C 395 -25.63 27.29 4.52
C SER C 395 -26.81 28.22 4.22
N TYR C 396 -27.53 27.97 3.14
CA TYR C 396 -28.71 28.81 2.81
C TYR C 396 -29.81 28.48 3.83
N GLN C 397 -30.03 27.20 4.06
CA GLN C 397 -31.03 26.70 5.03
C GLN C 397 -30.68 27.23 6.42
N LYS C 398 -29.43 27.14 6.79
CA LYS C 398 -29.01 27.62 8.14
C LYS C 398 -29.31 29.11 8.23
N GLU C 399 -29.24 29.83 7.13
CA GLU C 399 -29.52 31.28 7.15
C GLU C 399 -31.03 31.47 7.22
N ALA C 400 -31.78 30.65 6.51
CA ALA C 400 -33.24 30.77 6.55
C ALA C 400 -33.71 30.52 7.98
N ARG C 401 -33.23 29.43 8.54
CA ARG C 401 -33.58 28.98 9.91
C ARG C 401 -33.45 30.16 10.86
N TRP C 402 -32.27 30.76 10.93
CA TRP C 402 -32.05 31.90 11.85
C TRP C 402 -33.07 32.98 11.53
N PHE C 403 -33.31 33.22 10.26
CA PHE C 403 -34.22 34.32 9.90
C PHE C 403 -35.63 34.02 10.37
N HIS C 404 -36.10 32.79 10.22
CA HIS C 404 -37.50 32.46 10.57
C HIS C 404 -37.70 32.49 12.08
N GLY C 405 -36.81 31.87 12.82
CA GLY C 405 -36.97 31.81 14.27
C GLY C 405 -36.70 33.15 14.89
N GLY C 406 -36.39 34.14 14.08
CA GLY C 406 -36.09 35.49 14.58
C GLY C 406 -34.78 35.54 15.33
N HIS C 407 -34.01 34.47 15.29
CA HIS C 407 -32.71 34.44 15.99
C HIS C 407 -31.66 35.16 15.15
N THR C 408 -30.72 35.82 15.79
CA THR C 408 -29.59 36.50 15.11
C THR C 408 -28.35 36.13 15.88
N PRO C 409 -27.50 35.27 15.33
CA PRO C 409 -26.36 34.79 16.09
C PRO C 409 -25.24 35.81 16.24
N PRO C 410 -24.20 35.42 16.95
CA PRO C 410 -23.01 36.24 17.12
C PRO C 410 -22.28 36.29 15.77
N LEU C 411 -21.41 37.25 15.61
CA LEU C 411 -20.65 37.42 14.34
C LEU C 411 -19.95 36.12 13.99
N GLU C 412 -19.35 35.44 14.95
CA GLU C 412 -18.60 34.20 14.62
C GLU C 412 -19.52 33.17 13.99
N GLU C 413 -20.64 32.84 14.60
CA GLU C 413 -21.50 31.80 13.97
C GLU C 413 -21.92 32.27 12.59
N TYR C 414 -22.28 33.53 12.45
CA TYR C 414 -22.72 34.04 11.14
C TYR C 414 -21.55 33.96 10.17
N SER C 415 -20.42 34.50 10.59
CA SER C 415 -19.16 34.56 9.80
C SER C 415 -18.81 33.17 9.25
N LEU C 416 -18.76 32.17 10.10
CA LEU C 416 -18.40 30.81 9.65
C LEU C 416 -19.44 30.29 8.67
N ASN C 417 -20.63 30.85 8.66
CA ASN C 417 -21.67 30.35 7.73
C ASN C 417 -21.69 31.21 6.49
N GLY C 418 -21.57 32.50 6.71
CA GLY C 418 -21.60 33.50 5.62
C GLY C 418 -20.51 33.29 4.61
N LEU C 419 -19.37 32.76 5.01
CA LEU C 419 -18.28 32.57 4.02
C LEU C 419 -18.64 31.44 3.07
N VAL C 420 -19.55 30.57 3.46
CA VAL C 420 -19.95 29.42 2.59
C VAL C 420 -21.13 29.86 1.73
N SER C 421 -22.08 30.52 2.35
CA SER C 421 -23.34 31.00 1.72
C SER C 421 -23.03 32.07 0.68
N ILE C 422 -21.86 32.67 0.76
CA ILE C 422 -21.46 33.71 -0.22
C ILE C 422 -21.22 33.02 -1.57
N GLY C 423 -20.96 31.74 -1.57
CA GLY C 423 -20.81 30.95 -2.81
C GLY C 423 -19.39 30.84 -3.32
N PHE C 424 -18.42 31.47 -2.70
CA PHE C 424 -17.04 31.42 -3.26
C PHE C 424 -16.37 30.07 -2.99
N PRO C 425 -16.75 29.38 -1.94
CA PRO C 425 -16.12 28.09 -1.75
C PRO C 425 -16.46 27.16 -2.91
N LEU C 426 -17.69 27.19 -3.36
CA LEU C 426 -18.13 26.33 -4.47
C LEU C 426 -17.56 26.87 -5.78
N LEU C 427 -17.43 28.17 -5.89
CA LEU C 427 -16.90 28.80 -7.12
C LEU C 427 -15.39 28.61 -7.17
N LEU C 428 -14.71 28.76 -6.05
CA LEU C 428 -13.25 28.57 -6.06
C LEU C 428 -12.93 27.08 -6.18
N ILE C 429 -13.83 26.22 -5.75
CA ILE C 429 -13.58 24.76 -5.91
C ILE C 429 -13.78 24.45 -7.40
N THR C 430 -14.74 25.11 -8.03
CA THR C 430 -14.98 24.91 -9.47
C THR C 430 -13.70 25.26 -10.21
N GLY C 431 -13.11 26.39 -9.87
CA GLY C 431 -11.86 26.80 -10.49
C GLY C 431 -10.77 25.76 -10.28
N TYR C 432 -10.68 25.23 -9.07
CA TYR C 432 -9.63 24.22 -8.77
C TYR C 432 -9.89 22.95 -9.55
N VAL C 433 -11.14 22.62 -9.80
CA VAL C 433 -11.46 21.39 -10.57
C VAL C 433 -11.00 21.59 -12.01
N ALA C 434 -10.87 22.81 -12.46
CA ALA C 434 -10.50 23.05 -13.86
C ALA C 434 -8.98 23.06 -14.03
N ILE C 435 -8.23 23.00 -12.96
CA ILE C 435 -6.75 23.09 -13.08
C ILE C 435 -6.09 22.06 -12.18
N ALA C 436 -6.83 21.11 -11.65
CA ALA C 436 -6.22 20.11 -10.74
C ALA C 436 -5.21 19.25 -11.50
N GLU C 437 -4.22 18.71 -10.83
CA GLU C 437 -3.21 17.88 -11.55
C GLU C 437 -3.78 16.50 -11.84
N ASN C 438 -4.61 15.97 -10.97
CA ASN C 438 -5.18 14.62 -11.21
C ASN C 438 -6.41 14.41 -10.32
N GLU C 439 -6.98 13.23 -10.34
CA GLU C 439 -8.20 12.95 -9.54
C GLU C 439 -7.90 13.04 -8.05
N ALA C 440 -6.73 12.57 -7.65
CA ALA C 440 -6.40 12.55 -6.21
C ALA C 440 -6.19 13.97 -5.70
N ALA C 441 -5.81 14.90 -6.55
CA ALA C 441 -5.55 16.30 -6.16
C ALA C 441 -6.84 16.97 -5.71
N LEU C 442 -7.96 16.51 -6.19
CA LEU C 442 -9.28 17.10 -5.84
C LEU C 442 -9.53 16.98 -4.34
N ASP C 443 -8.99 15.94 -3.74
CA ASP C 443 -9.17 15.62 -2.33
C ASP C 443 -8.69 16.66 -1.43
N LYS C 444 -7.81 17.50 -1.93
CA LYS C 444 -7.18 18.59 -1.15
C LYS C 444 -8.17 19.72 -0.95
N VAL C 445 -9.40 19.55 -1.36
CA VAL C 445 -10.34 20.69 -1.26
C VAL C 445 -11.40 20.39 -0.20
N HIS C 446 -11.44 19.17 0.29
CA HIS C 446 -12.38 18.84 1.39
C HIS C 446 -11.55 18.31 2.56
N PRO C 447 -11.80 18.76 3.76
CA PRO C 447 -12.60 19.90 4.15
C PRO C 447 -11.96 21.18 3.57
N LEU C 448 -12.68 22.27 3.59
CA LEU C 448 -12.22 23.53 2.97
C LEU C 448 -10.92 24.03 3.60
N PRO C 449 -9.89 24.18 2.80
CA PRO C 449 -8.56 24.66 3.15
C PRO C 449 -8.61 26.12 3.59
N ASP C 450 -7.57 26.60 4.25
CA ASP C 450 -7.54 27.95 4.75
C ASP C 450 -7.54 28.94 3.65
N LEU C 451 -6.93 28.58 2.55
CA LEU C 451 -6.84 29.50 1.41
C LEU C 451 -8.24 29.85 0.91
N LEU C 452 -9.14 28.91 0.83
CA LEU C 452 -10.49 29.25 0.33
C LEU C 452 -11.31 29.79 1.50
N HIS C 453 -10.97 29.37 2.69
CA HIS C 453 -11.70 29.81 3.91
C HIS C 453 -11.48 31.31 4.10
N TYR C 454 -10.30 31.82 3.84
CA TYR C 454 -10.09 33.26 4.09
C TYR C 454 -10.52 34.11 2.89
N SER C 455 -10.35 33.62 1.69
CA SER C 455 -10.81 34.40 0.52
C SER C 455 -12.32 34.49 0.55
N SER C 456 -13.00 33.42 0.88
CA SER C 456 -14.48 33.45 0.90
C SER C 456 -14.98 34.35 2.01
N LEU C 457 -14.34 34.30 3.17
CA LEU C 457 -14.77 35.13 4.31
C LEU C 457 -14.66 36.59 3.91
N LEU C 458 -13.58 36.99 3.29
CA LEU C 458 -13.40 38.40 2.89
C LEU C 458 -14.46 38.77 1.87
N SER C 459 -14.83 37.87 1.01
CA SER C 459 -15.85 38.18 -0.01
C SER C 459 -17.21 38.31 0.65
N ARG C 460 -17.46 37.57 1.70
CA ARG C 460 -18.77 37.65 2.36
C ARG C 460 -18.83 38.94 3.18
N LEU C 461 -17.71 39.45 3.65
CA LEU C 461 -17.73 40.67 4.49
C LEU C 461 -17.70 41.91 3.61
N ILE C 462 -17.07 41.85 2.45
CA ILE C 462 -17.02 43.06 1.58
C ILE C 462 -18.41 43.24 0.98
N ASN C 463 -19.12 42.15 0.81
CA ASN C 463 -20.49 42.22 0.25
C ASN C 463 -21.40 42.84 1.32
N ASP C 464 -21.32 42.33 2.53
CA ASP C 464 -22.12 42.80 3.62
C ASP C 464 -21.95 44.28 3.81
N ILE C 465 -20.72 44.73 3.66
CA ILE C 465 -20.36 46.16 3.87
C ILE C 465 -20.81 46.98 2.68
N GLY C 466 -21.06 46.37 1.54
CA GLY C 466 -21.48 47.16 0.37
C GLY C 466 -22.98 47.17 0.25
N THR C 467 -23.66 46.76 1.29
CA THR C 467 -25.14 46.71 1.25
C THR C 467 -25.76 47.41 2.46
N SER C 468 -25.94 48.72 2.43
CA SER C 468 -26.60 49.38 3.58
C SER C 468 -28.11 49.14 3.53
N LEU C 478 -28.98 39.09 9.35
CA LEU C 478 -28.97 38.97 7.87
C LEU C 478 -27.64 39.51 7.35
N LYS C 479 -26.96 40.31 8.14
CA LYS C 479 -25.65 40.83 7.70
C LYS C 479 -24.68 40.78 8.88
N SER C 480 -23.40 40.88 8.64
CA SER C 480 -22.44 40.82 9.76
C SER C 480 -22.63 42.10 10.59
N ILE C 481 -22.96 43.20 9.95
CA ILE C 481 -23.14 44.47 10.70
C ILE C 481 -24.20 44.27 11.77
N HIS C 482 -25.39 43.93 11.35
CA HIS C 482 -26.51 43.72 12.29
C HIS C 482 -26.07 42.69 13.33
N CYS C 483 -25.19 41.79 12.96
CA CYS C 483 -24.77 40.75 13.92
C CYS C 483 -23.90 41.37 15.02
N TYR C 484 -22.94 42.21 14.66
CA TYR C 484 -22.06 42.84 15.67
C TYR C 484 -22.90 43.70 16.61
N MET C 485 -23.67 44.61 16.04
CA MET C 485 -24.55 45.53 16.81
C MET C 485 -25.38 44.76 17.83
N ASN C 486 -26.06 43.70 17.43
CA ASN C 486 -26.94 42.96 18.36
C ASN C 486 -26.17 42.21 19.44
N GLU C 487 -24.88 41.93 19.28
CA GLU C 487 -24.16 41.17 20.33
C GLU C 487 -23.25 42.09 21.13
N THR C 488 -23.14 43.35 20.76
CA THR C 488 -22.26 44.22 21.59
C THR C 488 -22.92 45.56 21.85
N GLY C 489 -24.03 45.86 21.19
CA GLY C 489 -24.70 47.16 21.40
C GLY C 489 -23.92 48.28 20.74
N ALA C 490 -23.14 47.98 19.71
CA ALA C 490 -22.37 49.05 19.05
C ALA C 490 -23.27 49.77 18.06
N SER C 491 -22.90 50.97 17.66
CA SER C 491 -23.71 51.70 16.65
C SER C 491 -23.37 51.11 15.29
N GLU C 492 -24.29 51.21 14.33
CA GLU C 492 -24.05 50.71 12.95
C GLU C 492 -22.73 51.31 12.44
N GLU C 493 -22.50 52.60 12.56
CA GLU C 493 -21.20 53.19 12.14
C GLU C 493 -20.07 52.47 12.88
N VAL C 494 -20.18 52.26 14.17
CA VAL C 494 -19.13 51.55 14.95
C VAL C 494 -19.00 50.12 14.40
N ALA C 495 -20.12 49.45 14.16
CA ALA C 495 -20.09 48.07 13.64
C ALA C 495 -19.47 48.08 12.24
N ARG C 496 -19.88 48.99 11.37
CA ARG C 496 -19.31 49.06 10.00
C ARG C 496 -17.81 49.29 10.09
N GLU C 497 -17.34 50.16 10.98
CA GLU C 497 -15.88 50.38 11.13
C GLU C 497 -15.23 49.10 11.63
N HIS C 498 -15.87 48.34 12.50
CA HIS C 498 -15.29 47.09 13.03
C HIS C 498 -15.10 46.09 11.89
N ILE C 499 -16.16 45.73 11.20
CA ILE C 499 -16.08 44.75 10.07
C ILE C 499 -15.00 45.23 9.11
N LYS C 500 -14.96 46.51 8.84
CA LYS C 500 -13.94 47.07 7.92
C LYS C 500 -12.58 46.66 8.47
N GLY C 501 -12.50 46.52 9.78
CA GLY C 501 -11.25 46.14 10.44
C GLY C 501 -11.03 44.65 10.35
N VAL C 502 -12.07 43.86 10.43
CA VAL C 502 -11.91 42.39 10.31
C VAL C 502 -11.42 42.12 8.89
N ILE C 503 -11.99 42.83 7.95
CA ILE C 503 -11.62 42.70 6.52
C ILE C 503 -10.13 42.98 6.40
N GLU C 504 -9.69 44.05 7.02
CA GLU C 504 -8.27 44.45 6.96
C GLU C 504 -7.41 43.36 7.59
N GLU C 505 -7.92 42.72 8.63
CA GLU C 505 -7.14 41.69 9.37
C GLU C 505 -7.22 40.37 8.64
N ASN C 506 -8.33 40.04 8.01
CA ASN C 506 -8.42 38.76 7.28
C ASN C 506 -7.57 38.86 6.01
N TRP C 507 -7.27 40.05 5.54
CA TRP C 507 -6.42 40.20 4.34
C TRP C 507 -4.98 39.88 4.72
N LYS C 508 -4.61 40.13 5.96
CA LYS C 508 -3.23 39.85 6.42
C LYS C 508 -3.09 38.33 6.56
N ILE C 509 -4.14 37.69 7.02
CA ILE C 509 -4.13 36.22 7.22
C ILE C 509 -3.98 35.56 5.84
N LEU C 510 -4.69 36.06 4.86
CA LEU C 510 -4.68 35.50 3.48
C LEU C 510 -3.30 35.74 2.85
N ASN C 511 -2.69 36.87 3.12
CA ASN C 511 -1.36 37.13 2.53
C ASN C 511 -0.40 36.03 2.98
N GLN C 512 -0.48 35.64 4.24
CA GLN C 512 0.42 34.60 4.82
C GLN C 512 0.10 33.22 4.24
N CYS C 513 -1.18 32.91 4.06
CA CYS C 513 -1.61 31.60 3.52
C CYS C 513 -1.03 31.40 2.13
N CYS C 514 -0.85 32.47 1.39
CA CYS C 514 -0.32 32.36 0.01
C CYS C 514 1.12 31.88 0.04
N PHE C 515 1.75 31.84 1.18
CA PHE C 515 3.15 31.39 1.21
C PHE C 515 3.18 29.88 1.48
N ASP C 516 2.15 29.33 2.07
CA ASP C 516 2.12 27.92 2.32
C ASP C 516 1.79 27.23 1.05
N GLN C 517 2.80 26.72 0.38
CA GLN C 517 2.59 26.06 -0.92
C GLN C 517 2.71 24.54 -0.76
N SER C 518 2.32 24.00 0.37
CA SER C 518 2.40 22.54 0.56
C SER C 518 1.24 21.88 -0.17
N GLN C 519 0.21 22.64 -0.49
CA GLN C 519 -0.97 22.03 -1.15
C GLN C 519 -1.32 22.80 -2.41
N PHE C 520 -1.22 24.11 -2.41
CA PHE C 520 -1.62 24.86 -3.62
C PHE C 520 -0.52 25.84 -4.01
N GLN C 521 -0.39 26.06 -5.30
CA GLN C 521 0.60 27.03 -5.82
C GLN C 521 -0.11 27.94 -6.81
N GLU C 522 0.62 28.66 -7.61
CA GLU C 522 -0.03 29.46 -8.65
C GLU C 522 -0.47 28.48 -9.74
N PRO C 523 -1.44 28.82 -10.55
CA PRO C 523 -2.13 30.09 -10.64
C PRO C 523 -3.38 30.08 -9.78
N PHE C 524 -3.61 29.00 -9.07
CA PHE C 524 -4.82 28.85 -8.24
C PHE C 524 -4.79 29.81 -7.06
N ILE C 525 -3.63 30.29 -6.69
CA ILE C 525 -3.55 31.22 -5.53
C ILE C 525 -4.06 32.58 -5.99
N THR C 526 -3.77 32.95 -7.21
CA THR C 526 -4.25 34.25 -7.74
C THR C 526 -5.74 34.12 -8.01
N PHE C 527 -6.24 32.93 -8.26
CA PHE C 527 -7.68 32.74 -8.49
C PHE C 527 -8.40 33.22 -7.23
N ASN C 528 -7.91 32.76 -6.10
CA ASN C 528 -8.46 33.08 -4.77
C ASN C 528 -8.30 34.57 -4.50
N LEU C 529 -7.11 35.09 -4.63
CA LEU C 529 -6.89 36.54 -4.40
C LEU C 529 -7.83 37.31 -5.29
N ASN C 530 -7.92 36.92 -6.54
CA ASN C 530 -8.74 37.63 -7.55
C ASN C 530 -10.22 37.57 -7.17
N SER C 531 -10.67 36.50 -6.57
CA SER C 531 -12.09 36.43 -6.19
C SER C 531 -12.39 37.53 -5.18
N VAL C 532 -11.49 37.73 -4.24
CA VAL C 532 -11.65 38.77 -3.18
C VAL C 532 -11.51 40.15 -3.83
N ARG C 533 -10.69 40.27 -4.84
CA ARG C 533 -10.53 41.59 -5.50
C ARG C 533 -11.80 41.87 -6.28
N GLY C 534 -12.46 40.85 -6.77
CA GLY C 534 -13.71 41.04 -7.51
C GLY C 534 -14.75 41.61 -6.58
N SER C 535 -14.79 41.11 -5.37
CA SER C 535 -15.73 41.61 -4.35
C SER C 535 -15.44 43.08 -4.11
N HIS C 536 -14.18 43.45 -4.04
CA HIS C 536 -13.82 44.87 -3.82
C HIS C 536 -14.32 45.73 -4.98
N PHE C 537 -14.32 45.21 -6.19
CA PHE C 537 -14.74 46.02 -7.37
C PHE C 537 -16.25 46.17 -7.42
N PHE C 538 -16.99 45.13 -7.09
CA PHE C 538 -18.47 45.17 -7.20
C PHE C 538 -19.11 45.83 -5.99
N TYR C 539 -18.39 46.05 -4.91
CA TYR C 539 -19.03 46.65 -3.71
C TYR C 539 -18.24 47.85 -3.24
N GLU C 540 -17.46 48.42 -4.12
CA GLU C 540 -16.63 49.59 -3.78
C GLU C 540 -17.54 50.75 -3.41
N PHE C 541 -18.71 50.87 -4.01
CA PHE C 541 -19.57 52.03 -3.69
C PHE C 541 -21.02 51.59 -3.52
N GLY C 542 -21.28 50.40 -3.03
CA GLY C 542 -22.65 49.90 -2.86
C GLY C 542 -22.84 48.59 -3.60
N ASP C 543 -24.06 48.20 -3.90
CA ASP C 543 -24.30 46.96 -4.61
C ASP C 543 -24.13 47.17 -6.08
N GLY C 544 -22.93 46.92 -6.57
CA GLY C 544 -22.64 47.08 -8.00
C GLY C 544 -22.86 45.79 -8.77
N PHE C 545 -23.28 44.75 -8.10
CA PHE C 545 -23.50 43.47 -8.81
C PHE C 545 -25.00 43.23 -8.97
N GLY C 546 -25.75 43.38 -7.89
CA GLY C 546 -27.21 43.14 -7.88
C GLY C 546 -27.98 44.16 -8.68
N VAL C 547 -27.74 45.44 -8.48
CA VAL C 547 -28.46 46.47 -9.27
C VAL C 547 -27.78 46.53 -10.63
N THR C 548 -28.52 46.14 -11.66
CA THR C 548 -28.05 46.04 -13.07
C THR C 548 -27.41 47.34 -13.56
N ASP C 549 -27.89 48.50 -13.20
CA ASP C 549 -27.25 49.68 -13.75
C ASP C 549 -26.56 50.51 -12.71
N SER C 550 -25.38 50.08 -12.31
CA SER C 550 -24.61 50.83 -11.30
C SER C 550 -23.37 51.42 -11.94
N TRP C 551 -22.45 51.90 -11.13
CA TRP C 551 -21.20 52.53 -11.63
C TRP C 551 -20.27 51.46 -12.18
N THR C 552 -20.55 50.18 -11.97
CA THR C 552 -19.62 49.13 -12.44
C THR C 552 -19.73 48.92 -13.94
N LYS C 553 -20.77 49.45 -14.54
CA LYS C 553 -20.95 49.25 -16.00
C LYS C 553 -19.87 50.03 -16.75
N VAL C 554 -19.31 51.07 -16.20
CA VAL C 554 -18.30 51.83 -16.97
C VAL C 554 -17.10 50.92 -17.25
N ASP C 555 -16.63 50.22 -16.25
CA ASP C 555 -15.47 49.39 -16.38
C ASP C 555 -15.79 48.08 -17.01
N MET C 556 -17.01 47.63 -16.87
CA MET C 556 -17.42 46.36 -17.48
C MET C 556 -17.49 46.53 -18.99
N LYS C 557 -17.89 47.68 -19.45
CA LYS C 557 -18.00 47.94 -20.91
C LYS C 557 -16.60 48.11 -21.51
N SER C 558 -15.72 48.80 -20.82
CA SER C 558 -14.38 49.03 -21.40
C SER C 558 -13.54 47.77 -21.30
N VAL C 559 -13.76 46.96 -20.29
CA VAL C 559 -12.96 45.73 -20.12
C VAL C 559 -13.51 44.63 -21.01
N LEU C 560 -14.82 44.53 -21.18
CA LEU C 560 -15.39 43.42 -21.98
C LEU C 560 -15.97 43.89 -23.30
N ILE C 561 -16.38 45.13 -23.46
CA ILE C 561 -17.11 45.47 -24.71
C ILE C 561 -16.28 46.30 -25.68
N ASP C 562 -15.77 47.43 -25.28
CA ASP C 562 -15.06 48.25 -26.23
C ASP C 562 -13.61 47.94 -26.37
N PRO C 563 -13.20 47.63 -27.59
CA PRO C 563 -11.80 47.37 -27.88
C PRO C 563 -11.03 48.69 -27.79
N ILE C 564 -9.74 48.64 -27.54
CA ILE C 564 -8.93 49.87 -27.45
C ILE C 564 -8.61 50.32 -28.87
N PRO C 565 -8.82 51.58 -29.20
CA PRO C 565 -8.51 51.93 -30.58
C PRO C 565 -6.99 51.91 -30.84
N LEU C 566 -6.56 51.38 -31.97
CA LEU C 566 -5.13 51.30 -32.32
C LEU C 566 -4.85 52.21 -33.52
N PRO D 39 -6.29 -15.80 29.53
CA PRO D 39 -6.01 -17.17 29.12
C PRO D 39 -7.00 -17.63 28.06
N SER D 40 -6.47 -17.96 26.90
CA SER D 40 -7.30 -18.47 25.78
C SER D 40 -7.72 -19.89 26.14
N ILE D 41 -8.87 -20.35 25.70
CA ILE D 41 -9.25 -21.75 26.02
C ILE D 41 -8.39 -22.68 25.17
N TRP D 42 -7.65 -22.15 24.23
CA TRP D 42 -6.80 -23.02 23.40
C TRP D 42 -5.41 -23.11 24.04
N ASN D 43 -5.11 -22.18 24.90
CA ASN D 43 -3.80 -22.09 25.59
C ASN D 43 -3.44 -23.46 26.16
N TYR D 44 -2.27 -23.96 25.87
CA TYR D 44 -1.84 -25.30 26.36
C TYR D 44 -1.70 -25.32 27.87
N ASP D 45 -1.38 -24.20 28.49
CA ASP D 45 -1.20 -24.15 29.92
C ASP D 45 -2.50 -24.17 30.59
N PHE D 46 -3.47 -23.51 30.02
CA PHE D 46 -4.81 -23.49 30.66
C PHE D 46 -5.42 -24.88 30.54
N LEU D 47 -5.15 -25.54 29.43
CA LEU D 47 -5.72 -26.89 29.20
C LEU D 47 -5.06 -27.85 30.17
N GLN D 48 -3.76 -27.74 30.32
CA GLN D 48 -3.00 -28.63 31.23
C GLN D 48 -3.52 -28.40 32.64
N SER D 49 -4.04 -27.21 32.89
CA SER D 49 -4.52 -26.86 34.25
C SER D 49 -5.84 -27.54 34.53
N LEU D 50 -6.46 -28.10 33.51
CA LEU D 50 -7.81 -28.70 33.63
C LEU D 50 -7.71 -30.05 34.32
N ALA D 51 -6.55 -30.65 34.27
CA ALA D 51 -6.36 -31.98 34.90
C ALA D 51 -6.45 -31.83 36.40
N THR D 52 -6.58 -30.62 36.92
CA THR D 52 -6.65 -30.48 38.39
C THR D 52 -7.61 -29.36 38.76
N HIS D 53 -7.80 -28.39 37.90
CA HIS D 53 -8.71 -27.27 38.21
C HIS D 53 -9.97 -27.42 37.36
N HIS D 54 -10.28 -28.65 37.00
CA HIS D 54 -11.52 -28.92 36.24
C HIS D 54 -12.69 -28.72 37.20
N ASN D 55 -13.84 -28.35 36.69
CA ASN D 55 -15.00 -28.21 37.61
C ASN D 55 -15.07 -29.46 38.48
N ILE D 56 -15.83 -29.36 39.54
CA ILE D 56 -16.12 -30.45 40.50
C ILE D 56 -17.58 -30.28 40.87
N VAL D 57 -18.34 -31.33 40.90
CA VAL D 57 -19.79 -31.18 41.19
C VAL D 57 -20.02 -31.33 42.69
N GLU D 58 -20.64 -30.32 43.28
CA GLU D 58 -20.90 -30.30 44.75
C GLU D 58 -21.75 -31.50 45.16
N GLU D 59 -21.25 -32.17 46.20
CA GLU D 59 -21.80 -33.41 46.82
C GLU D 59 -23.30 -33.27 47.03
N ARG D 60 -23.78 -32.07 47.13
CA ARG D 60 -25.23 -31.92 47.35
C ARG D 60 -25.90 -32.02 45.99
N HIS D 61 -25.07 -32.00 44.99
CA HIS D 61 -25.49 -32.08 43.57
C HIS D 61 -25.29 -33.51 43.09
N LEU D 62 -24.23 -34.14 43.53
CA LEU D 62 -23.91 -35.53 43.12
C LEU D 62 -25.03 -36.43 43.60
N LYS D 63 -25.77 -36.01 44.62
CA LYS D 63 -26.82 -36.86 45.23
C LYS D 63 -28.20 -36.41 44.75
N LEU D 64 -28.35 -35.18 44.32
CA LEU D 64 -29.69 -34.76 43.81
C LEU D 64 -29.87 -35.35 42.42
N ALA D 65 -28.79 -35.78 41.81
CA ALA D 65 -28.88 -36.40 40.47
C ALA D 65 -29.17 -37.90 40.64
N GLU D 66 -29.17 -38.37 41.87
CA GLU D 66 -29.47 -39.79 42.12
C GLU D 66 -30.94 -39.88 42.50
N LYS D 67 -31.42 -38.87 43.20
CA LYS D 67 -32.83 -38.83 43.59
C LYS D 67 -33.66 -38.54 42.35
N LEU D 68 -33.03 -38.06 41.30
CA LEU D 68 -33.79 -37.72 40.07
C LEU D 68 -33.73 -38.89 39.10
N LYS D 69 -32.57 -39.51 38.99
CA LYS D 69 -32.41 -40.69 38.11
C LYS D 69 -33.56 -41.65 38.43
N GLY D 70 -33.75 -41.98 39.69
CA GLY D 70 -34.81 -42.91 40.09
C GLY D 70 -36.16 -42.28 39.86
N GLN D 71 -36.28 -41.00 40.10
CA GLN D 71 -37.57 -40.29 39.93
C GLN D 71 -37.96 -40.29 38.45
N VAL D 72 -36.99 -40.38 37.55
CA VAL D 72 -37.28 -40.35 36.09
C VAL D 72 -37.65 -41.77 35.65
N LYS D 73 -36.99 -42.75 36.25
CA LYS D 73 -37.25 -44.19 35.94
C LYS D 73 -38.67 -44.52 36.37
N PHE D 74 -39.22 -43.76 37.31
CA PHE D 74 -40.61 -43.97 37.80
C PHE D 74 -41.59 -43.22 36.91
N MET D 75 -41.11 -42.84 35.76
CA MET D 75 -41.98 -42.18 34.75
C MET D 75 -42.06 -43.16 33.59
N PHE D 76 -40.98 -43.88 33.38
CA PHE D 76 -40.89 -44.87 32.29
C PHE D 76 -41.79 -46.06 32.59
N GLY D 77 -42.03 -46.31 33.87
CA GLY D 77 -42.87 -47.46 34.27
C GLY D 77 -44.29 -47.04 34.55
N ALA D 78 -44.57 -45.74 34.50
CA ALA D 78 -45.93 -45.25 34.76
C ALA D 78 -46.83 -45.55 33.56
N PRO D 79 -48.13 -45.35 33.70
CA PRO D 79 -49.04 -45.64 32.61
C PRO D 79 -49.32 -44.37 31.80
N MET D 80 -49.13 -44.44 30.50
CA MET D 80 -49.38 -43.26 29.63
C MET D 80 -49.54 -43.78 28.21
N GLU D 81 -50.33 -43.11 27.40
CA GLU D 81 -50.53 -43.58 26.01
C GLU D 81 -49.15 -43.68 25.35
N PRO D 82 -48.99 -44.57 24.39
CA PRO D 82 -47.68 -44.77 23.78
C PRO D 82 -47.10 -43.49 23.16
N LEU D 83 -47.94 -42.61 22.62
CA LEU D 83 -47.40 -41.38 21.99
C LEU D 83 -46.62 -40.60 23.04
N ALA D 84 -47.17 -40.49 24.24
CA ALA D 84 -46.48 -39.75 25.32
C ALA D 84 -45.18 -40.48 25.65
N LYS D 85 -45.15 -41.79 25.54
CA LYS D 85 -43.91 -42.55 25.85
C LYS D 85 -42.86 -42.26 24.79
N LEU D 86 -43.27 -42.06 23.55
CA LEU D 86 -42.31 -41.77 22.47
C LEU D 86 -41.75 -40.36 22.72
N GLU D 87 -42.61 -39.43 23.05
CA GLU D 87 -42.20 -38.03 23.31
C GLU D 87 -41.21 -38.01 24.47
N LEU D 88 -41.38 -38.91 25.43
CA LEU D 88 -40.48 -38.94 26.61
C LEU D 88 -39.11 -39.46 26.19
N VAL D 89 -39.05 -40.52 25.41
CA VAL D 89 -37.73 -41.06 24.95
C VAL D 89 -37.05 -40.01 24.06
N ASP D 90 -37.82 -39.25 23.33
CA ASP D 90 -37.27 -38.25 22.46
C ASP D 90 -36.60 -37.19 23.28
N VAL D 91 -37.33 -36.65 24.23
CA VAL D 91 -36.79 -35.58 25.12
C VAL D 91 -35.54 -36.08 25.82
N VAL D 92 -35.60 -37.26 26.41
CA VAL D 92 -34.45 -37.81 27.17
C VAL D 92 -33.21 -37.86 26.28
N GLN D 93 -33.29 -38.39 25.08
CA GLN D 93 -32.07 -38.49 24.23
C GLN D 93 -31.66 -37.12 23.72
N ARG D 94 -32.57 -36.20 23.54
CA ARG D 94 -32.16 -34.87 23.05
C ARG D 94 -31.44 -34.15 24.18
N LEU D 95 -31.87 -34.39 25.40
CA LEU D 95 -31.28 -33.73 26.59
C LEU D 95 -29.94 -34.39 26.91
N GLY D 96 -29.53 -35.37 26.15
CA GLY D 96 -28.25 -36.06 26.41
C GLY D 96 -28.34 -37.00 27.59
N LEU D 97 -29.52 -37.29 28.06
CA LEU D 97 -29.70 -38.13 29.27
C LEU D 97 -29.84 -39.61 28.91
N ASN D 98 -29.85 -39.95 27.64
CA ASN D 98 -30.08 -41.36 27.23
C ASN D 98 -28.97 -42.28 27.74
N HIS D 99 -27.87 -41.76 28.24
CA HIS D 99 -26.80 -42.69 28.68
C HIS D 99 -27.15 -43.28 30.05
N LEU D 100 -28.13 -42.72 30.72
CA LEU D 100 -28.53 -43.19 32.06
C LEU D 100 -29.64 -44.24 31.96
N PHE D 101 -30.56 -44.10 31.03
CA PHE D 101 -31.69 -45.06 30.89
C PHE D 101 -31.53 -45.88 29.62
N GLU D 102 -30.40 -46.50 29.39
CA GLU D 102 -30.22 -47.26 28.14
C GLU D 102 -31.26 -48.37 28.07
N THR D 103 -31.42 -49.15 29.12
CA THR D 103 -32.38 -50.29 29.10
C THR D 103 -33.80 -49.74 29.22
N GLU D 104 -34.03 -48.70 29.99
CA GLU D 104 -35.40 -48.16 30.10
C GLU D 104 -35.87 -47.81 28.70
N ILE D 105 -35.04 -47.12 27.95
CA ILE D 105 -35.41 -46.67 26.59
C ILE D 105 -35.63 -47.90 25.72
N LYS D 106 -34.65 -48.78 25.66
CA LYS D 106 -34.69 -49.98 24.80
C LYS D 106 -36.00 -50.73 25.00
N GLU D 107 -36.55 -50.75 26.19
CA GLU D 107 -37.78 -51.56 26.42
C GLU D 107 -39.02 -50.78 25.99
N ALA D 108 -39.00 -49.47 26.07
CA ALA D 108 -40.18 -48.71 25.62
C ALA D 108 -40.28 -48.83 24.10
N LEU D 109 -39.20 -48.56 23.39
CA LEU D 109 -39.25 -48.64 21.92
C LEU D 109 -39.67 -50.04 21.51
N PHE D 110 -39.07 -51.06 22.09
CA PHE D 110 -39.42 -52.46 21.77
C PHE D 110 -40.90 -52.70 22.05
N SER D 111 -41.40 -52.18 23.16
CA SER D 111 -42.83 -52.38 23.48
C SER D 111 -43.68 -51.67 22.43
N ILE D 112 -43.24 -50.53 21.95
CA ILE D 112 -44.05 -49.77 20.95
C ILE D 112 -43.93 -50.46 19.60
N TYR D 113 -42.83 -51.13 19.35
CA TYR D 113 -42.64 -51.82 18.05
C TYR D 113 -43.56 -53.04 17.96
N LYS D 114 -43.96 -53.62 19.09
CA LYS D 114 -44.85 -54.81 19.06
C LYS D 114 -46.27 -54.42 19.47
N ASP D 115 -46.64 -53.16 19.34
CA ASP D 115 -47.95 -52.75 19.80
C ASP D 115 -49.13 -53.51 19.27
N GLY D 116 -49.32 -53.51 17.97
CA GLY D 116 -50.48 -54.20 17.40
C GLY D 116 -51.59 -53.22 17.08
N SER D 117 -51.94 -52.35 18.01
CA SER D 117 -52.94 -51.30 17.70
C SER D 117 -52.25 -50.20 16.90
N ASN D 118 -52.93 -49.57 15.96
CA ASN D 118 -52.29 -48.52 15.15
C ASN D 118 -53.15 -47.27 15.14
N GLY D 119 -54.27 -47.33 15.84
CA GLY D 119 -55.19 -46.19 15.86
C GLY D 119 -54.48 -44.92 16.31
N TRP D 120 -53.67 -45.02 17.34
CA TRP D 120 -52.99 -43.84 17.92
C TRP D 120 -52.02 -43.18 16.94
N TRP D 121 -51.49 -43.86 15.95
CA TRP D 121 -50.52 -43.16 15.09
C TRP D 121 -50.96 -43.15 13.62
N PHE D 122 -51.65 -44.18 13.18
CA PHE D 122 -52.09 -44.22 11.77
C PHE D 122 -52.91 -42.98 11.47
N GLY D 123 -52.45 -42.18 10.54
CA GLY D 123 -53.17 -40.96 10.15
C GLY D 123 -52.57 -39.74 10.81
N HIS D 124 -52.10 -39.85 12.04
CA HIS D 124 -51.50 -38.68 12.71
C HIS D 124 -50.06 -38.53 12.25
N LEU D 125 -49.75 -37.40 11.64
CA LEU D 125 -48.41 -37.13 11.07
C LEU D 125 -47.34 -37.18 12.15
N HIS D 126 -47.45 -36.34 13.15
CA HIS D 126 -46.45 -36.26 14.23
C HIS D 126 -46.16 -37.64 14.80
N ALA D 127 -47.18 -38.30 15.33
CA ALA D 127 -47.02 -39.63 15.94
C ALA D 127 -46.42 -40.57 14.90
N THR D 128 -46.88 -40.49 13.69
CA THR D 128 -46.38 -41.38 12.62
C THR D 128 -44.91 -41.09 12.34
N SER D 129 -44.49 -39.83 12.30
CA SER D 129 -43.08 -39.55 12.00
C SER D 129 -42.21 -39.83 13.23
N LEU D 130 -42.67 -39.46 14.40
CA LEU D 130 -41.87 -39.68 15.63
C LEU D 130 -41.62 -41.18 15.78
N ARG D 131 -42.67 -41.95 15.68
CA ARG D 131 -42.56 -43.42 15.83
C ARG D 131 -41.51 -43.93 14.86
N PHE D 132 -41.63 -43.51 13.61
CA PHE D 132 -40.72 -43.96 12.54
C PHE D 132 -39.28 -43.70 12.90
N ARG D 133 -38.91 -42.46 13.17
CA ARG D 133 -37.51 -42.09 13.47
C ARG D 133 -36.99 -42.78 14.73
N LEU D 134 -37.77 -42.84 15.78
CA LEU D 134 -37.31 -43.47 17.03
C LEU D 134 -37.11 -44.96 16.84
N LEU D 135 -38.02 -45.67 16.19
CA LEU D 135 -37.85 -47.13 16.00
C LEU D 135 -36.80 -47.38 14.93
N ARG D 136 -36.65 -46.52 13.94
CA ARG D 136 -35.64 -46.78 12.88
C ARG D 136 -34.23 -46.53 13.42
N GLN D 137 -34.07 -45.74 14.47
CA GLN D 137 -32.74 -45.52 15.08
C GLN D 137 -32.35 -46.78 15.86
N CYS D 138 -33.30 -47.58 16.32
CA CYS D 138 -32.98 -48.84 17.02
C CYS D 138 -32.65 -49.91 15.99
N GLY D 139 -32.87 -49.67 14.72
CA GLY D 139 -32.59 -50.71 13.72
C GLY D 139 -33.82 -51.58 13.53
N LEU D 140 -34.94 -51.15 14.05
CA LEU D 140 -36.19 -51.92 13.90
C LEU D 140 -36.76 -51.57 12.53
N PHE D 141 -37.17 -52.54 11.74
CA PHE D 141 -37.62 -52.15 10.38
C PHE D 141 -39.04 -51.58 10.38
N ILE D 142 -39.14 -50.42 9.80
CA ILE D 142 -40.42 -49.69 9.59
C ILE D 142 -40.33 -49.19 8.15
N PRO D 143 -41.30 -49.50 7.31
CA PRO D 143 -41.19 -49.13 5.90
C PRO D 143 -41.62 -47.68 5.62
N GLN D 144 -41.12 -47.12 4.53
CA GLN D 144 -41.44 -45.73 4.14
C GLN D 144 -42.92 -45.61 3.80
N ASP D 145 -43.55 -46.74 3.56
CA ASP D 145 -44.94 -46.83 3.17
C ASP D 145 -45.90 -46.39 4.23
N VAL D 146 -45.40 -46.10 5.41
CA VAL D 146 -46.33 -45.64 6.49
C VAL D 146 -46.67 -44.17 6.23
N PHE D 147 -46.00 -43.56 5.28
CA PHE D 147 -46.23 -42.12 4.99
C PHE D 147 -47.09 -41.97 3.74
N LYS D 148 -47.35 -43.07 3.05
CA LYS D 148 -48.20 -43.08 1.84
C LYS D 148 -49.58 -42.56 2.22
N THR D 149 -49.91 -42.71 3.48
CA THR D 149 -51.22 -42.28 4.03
C THR D 149 -51.35 -40.77 3.94
N PHE D 150 -50.27 -40.06 3.75
CA PHE D 150 -50.35 -38.58 3.73
C PHE D 150 -50.25 -38.06 2.30
N GLN D 151 -50.21 -38.94 1.33
CA GLN D 151 -50.13 -38.43 -0.06
C GLN D 151 -51.52 -38.45 -0.67
N ASN D 152 -51.80 -37.47 -1.51
CA ASN D 152 -53.12 -37.48 -2.19
C ASN D 152 -53.19 -38.74 -3.04
N LYS D 153 -54.23 -38.90 -3.82
CA LYS D 153 -54.19 -40.06 -4.75
C LYS D 153 -53.32 -39.65 -5.94
N THR D 154 -52.94 -38.39 -5.98
CA THR D 154 -52.08 -37.82 -7.04
C THR D 154 -50.63 -38.15 -6.70
N GLY D 155 -50.36 -38.68 -5.52
CA GLY D 155 -48.98 -39.02 -5.16
C GLY D 155 -48.24 -37.81 -4.59
N GLU D 156 -48.94 -36.74 -4.37
CA GLU D 156 -48.28 -35.54 -3.79
C GLU D 156 -48.59 -35.54 -2.29
N PHE D 157 -47.73 -34.97 -1.47
CA PHE D 157 -48.07 -34.95 -0.03
C PHE D 157 -49.26 -34.01 0.13
N ASP D 158 -50.24 -34.32 0.93
CA ASP D 158 -51.34 -33.42 1.00
C ASP D 158 -50.96 -32.08 1.52
N MET D 159 -51.47 -31.03 0.88
CA MET D 159 -51.14 -29.63 1.24
C MET D 159 -51.90 -29.19 2.50
N LYS D 160 -52.86 -29.97 3.01
CA LYS D 160 -53.63 -29.66 4.25
C LYS D 160 -52.71 -29.77 5.48
N LEU D 161 -51.59 -30.48 5.41
CA LEU D 161 -50.63 -30.54 6.54
C LEU D 161 -49.54 -29.49 6.32
N CYS D 162 -49.78 -28.43 5.58
CA CYS D 162 -48.72 -27.41 5.36
C CYS D 162 -48.90 -26.26 6.35
N ASP D 163 -49.78 -26.44 7.32
CA ASP D 163 -50.04 -25.52 8.38
C ASP D 163 -49.78 -26.19 9.72
N ASN D 164 -49.66 -27.52 9.72
CA ASN D 164 -49.44 -28.34 10.93
C ASN D 164 -47.95 -28.46 11.23
N VAL D 165 -47.30 -27.33 11.45
CA VAL D 165 -45.84 -27.19 11.67
C VAL D 165 -45.30 -28.27 12.60
N LYS D 166 -45.99 -28.64 13.65
CA LYS D 166 -45.37 -29.65 14.53
C LYS D 166 -45.21 -30.97 13.76
N GLY D 167 -46.23 -31.37 13.04
CA GLY D 167 -46.19 -32.62 12.26
C GLY D 167 -45.19 -32.54 11.13
N LEU D 168 -45.14 -31.44 10.41
CA LEU D 168 -44.20 -31.28 9.28
C LEU D 168 -42.77 -31.38 9.81
N LEU D 169 -42.53 -30.83 10.98
CA LEU D 169 -41.18 -30.86 11.57
C LEU D 169 -40.86 -32.31 11.92
N SER D 170 -41.78 -32.99 12.56
CA SER D 170 -41.52 -34.41 12.92
C SER D 170 -41.26 -35.19 11.64
N LEU D 171 -42.04 -34.93 10.61
CA LEU D 171 -41.86 -35.67 9.34
C LEU D 171 -40.52 -35.25 8.74
N TYR D 172 -40.16 -33.99 8.84
CA TYR D 172 -38.89 -33.52 8.28
C TYR D 172 -37.73 -34.21 8.98
N GLU D 173 -37.81 -34.42 10.27
CA GLU D 173 -36.70 -35.06 11.00
C GLU D 173 -36.59 -36.53 10.61
N ALA D 174 -37.72 -37.22 10.50
CA ALA D 174 -37.74 -38.65 10.17
C ALA D 174 -37.23 -38.89 8.75
N SER D 175 -37.53 -37.99 7.85
CA SER D 175 -37.17 -38.15 6.42
C SER D 175 -35.66 -38.21 6.23
N TYR D 176 -34.88 -37.84 7.23
CA TYR D 176 -33.41 -37.86 7.03
C TYR D 176 -32.84 -39.23 7.39
N LEU D 177 -33.66 -40.18 7.78
CA LEU D 177 -33.14 -41.54 8.09
C LEU D 177 -33.43 -42.47 6.92
N GLY D 178 -33.91 -41.97 5.81
CA GLY D 178 -34.26 -42.82 4.67
C GLY D 178 -33.05 -43.37 3.95
N TRP D 179 -33.22 -44.45 3.20
CA TRP D 179 -32.09 -45.07 2.46
C TRP D 179 -32.24 -44.81 0.96
N LYS D 180 -31.33 -45.34 0.17
CA LYS D 180 -31.36 -45.18 -1.31
C LYS D 180 -32.58 -45.94 -1.83
N GLY D 181 -33.54 -45.26 -2.43
CA GLY D 181 -34.72 -45.95 -2.96
C GLY D 181 -35.99 -45.47 -2.30
N GLU D 182 -35.95 -45.06 -1.05
CA GLU D 182 -37.18 -44.58 -0.38
C GLU D 182 -37.53 -43.21 -0.95
N ASN D 183 -38.29 -43.21 -2.03
CA ASN D 183 -38.70 -41.97 -2.72
C ASN D 183 -39.73 -41.23 -1.87
N ILE D 184 -40.49 -41.95 -1.07
CA ILE D 184 -41.51 -41.26 -0.23
C ILE D 184 -40.78 -40.39 0.78
N LEU D 185 -39.68 -40.86 1.33
CA LEU D 185 -38.93 -40.08 2.33
C LEU D 185 -38.23 -38.93 1.63
N ASP D 186 -37.77 -39.17 0.42
CA ASP D 186 -37.12 -38.16 -0.35
C ASP D 186 -38.12 -37.12 -0.71
N GLU D 187 -39.34 -37.55 -0.91
CA GLU D 187 -40.44 -36.64 -1.29
C GLU D 187 -40.86 -35.84 -0.06
N ALA D 188 -40.84 -36.44 1.10
CA ALA D 188 -41.25 -35.74 2.33
C ALA D 188 -40.20 -34.69 2.68
N LYS D 189 -38.95 -34.93 2.36
CA LYS D 189 -37.90 -33.95 2.69
C LYS D 189 -38.15 -32.65 1.95
N ALA D 190 -38.27 -32.74 0.63
CA ALA D 190 -38.49 -31.55 -0.21
C ALA D 190 -39.81 -30.88 0.18
N PHE D 191 -40.82 -31.67 0.44
CA PHE D 191 -42.15 -31.13 0.79
C PHE D 191 -42.06 -30.29 2.06
N THR D 192 -41.88 -30.95 3.18
CA THR D 192 -41.79 -30.30 4.51
C THR D 192 -40.80 -29.14 4.46
N THR D 193 -39.66 -29.33 3.85
CA THR D 193 -38.68 -28.22 3.78
C THR D 193 -39.33 -27.02 3.11
N LYS D 194 -40.04 -27.24 2.02
CA LYS D 194 -40.67 -26.09 1.33
C LYS D 194 -41.76 -25.51 2.23
N CYS D 195 -42.48 -26.36 2.93
CA CYS D 195 -43.60 -25.91 3.77
C CYS D 195 -43.09 -25.22 5.04
N LEU D 196 -42.07 -25.78 5.65
CA LEU D 196 -41.55 -25.22 6.92
C LEU D 196 -40.93 -23.86 6.66
N LYS D 197 -40.19 -23.71 5.58
CA LYS D 197 -39.56 -22.42 5.27
C LYS D 197 -40.65 -21.37 5.04
N SER D 198 -41.83 -21.80 4.67
CA SER D 198 -42.92 -20.82 4.38
C SER D 198 -43.72 -20.47 5.64
N ALA D 199 -43.80 -21.35 6.61
CA ALA D 199 -44.64 -21.05 7.79
C ALA D 199 -43.80 -20.46 8.93
N TRP D 200 -42.51 -20.29 8.73
CA TRP D 200 -41.63 -19.78 9.83
C TRP D 200 -42.02 -18.37 10.26
N GLU D 201 -42.47 -17.52 9.36
CA GLU D 201 -42.80 -16.13 9.74
C GLU D 201 -44.07 -16.13 10.60
N ASN D 202 -45.04 -16.97 10.25
CA ASN D 202 -46.33 -17.00 10.98
C ASN D 202 -46.28 -17.93 12.18
N ILE D 203 -45.16 -18.56 12.48
CA ILE D 203 -45.20 -19.45 13.68
C ILE D 203 -45.46 -18.59 14.92
N SER D 204 -46.61 -18.75 15.55
CA SER D 204 -46.93 -17.98 16.78
C SER D 204 -46.04 -18.48 17.92
N GLU D 205 -46.14 -19.77 18.22
CA GLU D 205 -45.32 -20.37 19.29
C GLU D 205 -43.85 -20.06 19.04
N LYS D 206 -43.24 -19.30 19.93
CA LYS D 206 -41.83 -18.87 19.81
C LYS D 206 -40.89 -20.07 19.96
N TRP D 207 -41.22 -21.00 20.83
CA TRP D 207 -40.30 -22.15 21.03
C TRP D 207 -40.37 -23.07 19.81
N LEU D 208 -41.52 -23.12 19.17
CA LEU D 208 -41.68 -23.99 17.98
C LEU D 208 -40.85 -23.42 16.84
N ALA D 209 -40.82 -22.10 16.72
CA ALA D 209 -40.07 -21.43 15.65
C ALA D 209 -38.58 -21.64 15.85
N LYS D 210 -38.15 -21.85 17.08
CA LYS D 210 -36.72 -22.06 17.37
C LYS D 210 -36.32 -23.43 16.84
N ARG D 211 -37.07 -24.46 17.19
CA ARG D 211 -36.77 -25.84 16.74
C ARG D 211 -36.69 -25.84 15.21
N VAL D 212 -37.64 -25.20 14.56
CA VAL D 212 -37.73 -25.15 13.09
C VAL D 212 -36.48 -24.52 12.49
N LYS D 213 -36.12 -23.33 12.93
CA LYS D 213 -34.91 -22.68 12.38
C LYS D 213 -33.72 -23.59 12.63
N HIS D 214 -33.75 -24.30 13.75
CA HIS D 214 -32.66 -25.23 14.12
C HIS D 214 -32.71 -26.44 13.20
N ALA D 215 -33.90 -26.94 12.93
CA ALA D 215 -34.06 -28.12 12.06
C ALA D 215 -33.67 -27.74 10.63
N LEU D 216 -34.11 -26.59 10.16
CA LEU D 216 -33.83 -26.16 8.76
C LEU D 216 -32.35 -25.89 8.58
N ALA D 217 -31.64 -25.55 9.64
CA ALA D 217 -30.20 -25.28 9.52
C ALA D 217 -29.46 -26.61 9.47
N LEU D 218 -29.87 -27.54 10.30
CA LEU D 218 -29.26 -28.88 10.34
C LEU D 218 -30.32 -29.85 10.87
N PRO D 219 -30.52 -30.95 10.19
CA PRO D 219 -31.53 -31.83 10.74
C PRO D 219 -30.93 -32.51 11.97
N LEU D 220 -31.77 -32.84 12.94
CA LEU D 220 -31.34 -33.46 14.20
C LEU D 220 -30.53 -34.71 13.93
N HIS D 221 -30.62 -35.27 12.76
CA HIS D 221 -29.88 -36.53 12.47
C HIS D 221 -28.45 -36.21 12.06
N TRP D 222 -28.15 -34.97 11.73
CA TRP D 222 -26.76 -34.62 11.33
C TRP D 222 -26.11 -33.83 12.46
N ARG D 223 -26.78 -33.70 13.58
CA ARG D 223 -26.21 -32.92 14.70
C ARG D 223 -25.45 -33.85 15.64
N VAL D 224 -24.51 -33.32 16.39
CA VAL D 224 -23.77 -34.17 17.35
C VAL D 224 -24.64 -34.25 18.60
N PRO D 225 -24.84 -35.43 19.14
CA PRO D 225 -25.70 -35.58 20.31
C PRO D 225 -25.21 -34.79 21.53
N ARG D 226 -23.93 -34.85 21.82
CA ARG D 226 -23.37 -34.14 23.00
C ARG D 226 -23.46 -32.63 22.79
N ILE D 227 -23.45 -32.16 21.56
CA ILE D 227 -23.54 -30.70 21.29
C ILE D 227 -25.01 -30.30 21.25
N GLU D 228 -25.87 -31.18 20.78
CA GLU D 228 -27.31 -30.87 20.70
C GLU D 228 -27.87 -30.84 22.11
N ALA D 229 -27.32 -31.64 22.98
CA ALA D 229 -27.75 -31.73 24.39
C ALA D 229 -27.68 -30.36 25.06
N ARG D 230 -26.55 -29.68 24.98
CA ARG D 230 -26.42 -28.36 25.63
C ARG D 230 -27.35 -27.37 24.91
N TRP D 231 -27.59 -27.53 23.63
CA TRP D 231 -28.48 -26.61 22.89
C TRP D 231 -29.91 -26.90 23.33
N PHE D 232 -30.25 -28.17 23.43
CA PHE D 232 -31.64 -28.55 23.79
C PHE D 232 -31.93 -28.22 25.25
N ILE D 233 -30.95 -28.35 26.13
CA ILE D 233 -31.23 -28.03 27.55
C ILE D 233 -31.72 -26.60 27.66
N GLU D 234 -31.09 -25.68 26.95
CA GLU D 234 -31.51 -24.26 27.06
C GLU D 234 -32.86 -24.04 26.37
N ALA D 235 -33.14 -24.76 25.31
CA ALA D 235 -34.41 -24.57 24.58
C ALA D 235 -35.55 -25.29 25.28
N TYR D 236 -35.29 -26.44 25.86
CA TYR D 236 -36.33 -27.25 26.54
C TYR D 236 -37.01 -26.39 27.61
N GLU D 237 -36.22 -25.64 28.34
CA GLU D 237 -36.70 -24.76 29.43
C GLU D 237 -37.73 -23.79 28.87
N GLN D 238 -37.64 -23.40 27.62
CA GLN D 238 -38.64 -22.43 27.09
C GLN D 238 -39.76 -23.20 26.40
N GLU D 239 -39.77 -24.51 26.51
CA GLU D 239 -40.82 -25.30 25.83
C GLU D 239 -42.06 -25.35 26.73
N ALA D 240 -43.23 -25.40 26.14
CA ALA D 240 -44.47 -25.47 26.92
C ALA D 240 -44.54 -26.83 27.62
N ASN D 241 -45.00 -26.85 28.86
CA ASN D 241 -45.16 -28.11 29.61
C ASN D 241 -43.87 -28.92 29.62
N MET D 242 -42.73 -28.30 29.86
CA MET D 242 -41.47 -29.08 29.93
C MET D 242 -41.40 -29.70 31.32
N ASN D 243 -40.71 -30.81 31.50
CA ASN D 243 -40.64 -31.43 32.84
C ASN D 243 -39.44 -30.84 33.58
N PRO D 244 -39.69 -30.03 34.60
CA PRO D 244 -38.62 -29.44 35.38
C PRO D 244 -37.70 -30.54 35.91
N THR D 245 -38.25 -31.69 36.18
CA THR D 245 -37.42 -32.78 36.72
C THR D 245 -36.50 -33.30 35.62
N LEU D 246 -36.93 -33.27 34.37
CA LEU D 246 -36.07 -33.75 33.27
C LEU D 246 -34.99 -32.71 32.99
N LEU D 247 -35.36 -31.45 33.09
CA LEU D 247 -34.43 -30.33 32.87
C LEU D 247 -33.31 -30.42 33.91
N LYS D 248 -33.69 -30.33 35.18
CA LYS D 248 -32.72 -30.37 36.32
C LYS D 248 -31.84 -31.61 36.23
N LEU D 249 -32.33 -32.76 35.82
CA LEU D 249 -31.40 -33.91 35.76
C LEU D 249 -30.48 -33.71 34.56
N ALA D 250 -30.95 -32.97 33.57
CA ALA D 250 -30.16 -32.72 32.36
C ALA D 250 -29.05 -31.73 32.72
N LYS D 251 -29.41 -30.69 33.45
CA LYS D 251 -28.39 -29.71 33.87
C LYS D 251 -27.36 -30.47 34.73
N LEU D 252 -27.83 -31.27 35.67
CA LEU D 252 -26.93 -32.03 36.58
C LEU D 252 -26.05 -33.00 35.80
N ASP D 253 -26.62 -33.93 35.06
CA ASP D 253 -25.77 -34.90 34.38
C ASP D 253 -24.79 -34.29 33.42
N PHE D 254 -25.17 -33.19 32.81
CA PHE D 254 -24.27 -32.53 31.83
C PHE D 254 -22.98 -32.13 32.52
N ASN D 255 -23.10 -31.42 33.63
CA ASN D 255 -21.93 -30.94 34.41
C ASN D 255 -21.13 -32.12 34.93
N MET D 256 -21.77 -33.23 35.25
CA MET D 256 -21.01 -34.37 35.78
C MET D 256 -20.16 -34.96 34.66
N VAL D 257 -20.66 -34.96 33.44
CA VAL D 257 -19.90 -35.56 32.32
C VAL D 257 -18.84 -34.57 31.85
N GLN D 258 -19.23 -33.32 31.73
CA GLN D 258 -18.27 -32.26 31.31
C GLN D 258 -17.09 -32.32 32.28
N SER D 259 -17.39 -32.51 33.54
CA SER D 259 -16.37 -32.62 34.61
C SER D 259 -15.41 -33.76 34.32
N ILE D 260 -15.86 -34.88 33.83
CA ILE D 260 -14.93 -35.99 33.52
C ILE D 260 -14.12 -35.59 32.27
N HIS D 261 -14.73 -34.88 31.35
CA HIS D 261 -14.01 -34.50 30.10
C HIS D 261 -12.84 -33.60 30.46
N GLN D 262 -13.12 -32.53 31.19
CA GLN D 262 -12.10 -31.54 31.60
C GLN D 262 -10.87 -32.24 32.18
N LYS D 263 -11.03 -33.21 33.05
CA LYS D 263 -9.83 -33.90 33.57
C LYS D 263 -9.17 -34.65 32.42
N GLU D 264 -9.96 -35.25 31.54
CA GLU D 264 -9.39 -35.99 30.39
C GLU D 264 -8.65 -35.00 29.50
N ILE D 265 -9.22 -33.83 29.28
CA ILE D 265 -8.56 -32.80 28.44
C ILE D 265 -7.21 -32.48 29.07
N GLY D 266 -7.19 -32.15 30.34
CA GLY D 266 -5.93 -31.81 31.03
C GLY D 266 -4.90 -32.91 30.94
N GLU D 267 -5.27 -34.15 31.10
CA GLU D 267 -4.23 -35.22 31.04
C GLU D 267 -3.69 -35.34 29.61
N LEU D 268 -4.52 -35.12 28.61
CA LEU D 268 -4.04 -35.20 27.22
C LEU D 268 -3.10 -34.02 26.99
N ALA D 269 -3.51 -32.83 27.40
CA ALA D 269 -2.68 -31.62 27.21
C ALA D 269 -1.32 -31.87 27.83
N ARG D 270 -1.32 -32.48 28.98
CA ARG D 270 -0.08 -32.77 29.73
C ARG D 270 0.74 -33.80 28.97
N TRP D 271 0.13 -34.79 28.35
CA TRP D 271 0.92 -35.82 27.63
C TRP D 271 1.48 -35.22 26.35
N TRP D 272 0.67 -34.44 25.68
CA TRP D 272 1.04 -33.80 24.39
C TRP D 272 2.28 -32.93 24.60
N VAL D 273 2.31 -32.16 25.65
CA VAL D 273 3.48 -31.25 25.88
C VAL D 273 4.66 -32.07 26.35
N THR D 274 4.41 -33.05 27.18
CA THR D 274 5.49 -33.84 27.79
C THR D 274 6.25 -34.64 26.73
N THR D 275 5.57 -35.17 25.73
CA THR D 275 6.29 -36.00 24.74
C THR D 275 6.90 -35.13 23.65
N GLY D 276 6.76 -33.83 23.71
CA GLY D 276 7.44 -32.99 22.72
C GLY D 276 6.64 -32.77 21.45
N LEU D 277 5.35 -32.99 21.49
CA LEU D 277 4.52 -32.77 20.27
C LEU D 277 4.37 -31.28 20.06
N ASP D 278 4.73 -30.48 21.04
CA ASP D 278 4.62 -29.06 20.88
C ASP D 278 5.73 -28.57 20.00
N LYS D 279 6.79 -29.32 19.90
CA LYS D 279 7.93 -28.86 19.07
C LYS D 279 7.70 -29.28 17.62
N LEU D 280 6.67 -30.04 17.35
CA LEU D 280 6.42 -30.49 15.95
C LEU D 280 5.14 -29.84 15.47
N ALA D 281 4.33 -29.34 16.36
CA ALA D 281 3.06 -28.73 15.93
C ALA D 281 3.05 -27.25 16.28
N PHE D 282 4.03 -26.50 15.84
CA PHE D 282 4.02 -25.04 16.11
C PHE D 282 3.25 -24.37 14.98
N ALA D 283 2.71 -23.20 15.27
CA ALA D 283 1.88 -22.44 14.31
C ALA D 283 0.77 -23.33 13.77
N ARG D 284 0.06 -23.99 14.67
CA ARG D 284 -1.09 -24.89 14.41
C ARG D 284 -1.61 -25.39 15.76
N ASN D 285 -2.68 -24.85 16.28
CA ASN D 285 -3.19 -25.36 17.57
C ASN D 285 -4.54 -26.03 17.32
N ASN D 286 -4.64 -27.35 17.42
CA ASN D 286 -5.95 -27.99 17.16
C ASN D 286 -6.19 -29.07 18.22
N LEU D 287 -5.57 -28.94 19.35
CA LEU D 287 -5.68 -29.94 20.44
C LEU D 287 -7.09 -29.93 21.04
N LEU D 288 -7.63 -28.81 21.42
CA LEU D 288 -8.98 -28.85 22.01
C LEU D 288 -9.98 -29.28 20.96
N GLN D 289 -9.81 -28.87 19.71
CA GLN D 289 -10.77 -29.29 18.67
C GLN D 289 -10.66 -30.80 18.51
N SER D 290 -9.45 -31.30 18.47
CA SER D 290 -9.22 -32.75 18.33
C SER D 290 -10.00 -33.48 19.42
N TYR D 291 -9.97 -32.99 20.65
CA TYR D 291 -10.69 -33.67 21.76
C TYR D 291 -12.19 -33.50 21.59
N MET D 292 -12.62 -32.35 21.13
CA MET D 292 -14.07 -32.11 20.93
C MET D 292 -14.58 -33.14 19.94
N TRP D 293 -13.76 -33.50 18.96
CA TRP D 293 -14.13 -34.48 17.92
C TRP D 293 -14.15 -35.87 18.52
N SER D 294 -13.11 -36.26 19.24
CA SER D 294 -13.12 -37.61 19.86
C SER D 294 -14.26 -37.66 20.86
N CYS D 295 -14.55 -36.57 21.52
CA CYS D 295 -15.67 -36.53 22.49
C CYS D 295 -16.98 -36.54 21.72
N ALA D 296 -17.02 -35.97 20.52
CA ALA D 296 -18.24 -35.96 19.71
C ALA D 296 -18.59 -37.38 19.26
N ILE D 297 -17.58 -38.17 18.99
CA ILE D 297 -17.78 -39.58 18.58
C ILE D 297 -18.26 -40.39 19.77
N ALA D 298 -17.72 -40.14 20.96
CA ALA D 298 -18.11 -40.91 22.14
C ALA D 298 -17.99 -40.04 23.41
N SER D 299 -19.06 -39.50 23.91
CA SER D 299 -18.94 -38.63 25.12
C SER D 299 -19.02 -39.47 26.39
N ASP D 300 -20.02 -40.33 26.50
CA ASP D 300 -20.27 -41.20 27.64
C ASP D 300 -19.08 -41.67 28.39
N PRO D 301 -19.12 -41.46 29.70
CA PRO D 301 -18.11 -41.78 30.68
C PRO D 301 -17.50 -43.15 30.40
N LYS D 302 -18.32 -44.17 30.31
CA LYS D 302 -17.81 -45.54 30.03
C LYS D 302 -16.99 -45.56 28.74
N PHE D 303 -16.98 -44.51 27.90
CA PHE D 303 -16.21 -44.60 26.65
C PHE D 303 -14.85 -43.93 26.81
N LYS D 304 -14.32 -43.95 28.12
CA LYS D 304 -13.03 -43.27 28.39
C LYS D 304 -11.95 -43.82 27.46
N LEU D 305 -11.76 -45.11 27.44
CA LEU D 305 -10.74 -45.77 26.58
C LEU D 305 -10.95 -45.39 25.11
N ALA D 306 -12.16 -45.43 24.62
CA ALA D 306 -12.37 -45.07 23.20
C ALA D 306 -12.01 -43.61 23.01
N ARG D 307 -12.64 -42.75 23.76
CA ARG D 307 -12.47 -41.28 23.65
C ARG D 307 -11.00 -40.88 23.84
N GLU D 308 -10.32 -41.37 24.85
CA GLU D 308 -8.91 -40.95 25.08
C GLU D 308 -8.02 -41.54 24.00
N THR D 309 -8.14 -42.84 23.63
CA THR D 309 -7.29 -43.46 22.60
C THR D 309 -7.51 -42.80 21.24
N ILE D 310 -8.71 -42.30 20.96
CA ILE D 310 -9.00 -41.66 19.65
C ILE D 310 -8.29 -40.31 19.61
N VAL D 311 -8.38 -39.49 20.64
CA VAL D 311 -7.69 -38.17 20.62
C VAL D 311 -6.17 -38.36 20.67
N GLU D 312 -5.66 -39.42 21.23
CA GLU D 312 -4.20 -39.66 21.22
C GLU D 312 -3.79 -40.06 19.81
N ILE D 313 -4.53 -40.93 19.15
CA ILE D 313 -4.09 -41.36 17.80
C ILE D 313 -4.30 -40.20 16.83
N GLY D 314 -5.29 -39.38 17.07
CA GLY D 314 -5.53 -38.22 16.20
C GLY D 314 -4.48 -37.16 16.40
N SER D 315 -4.01 -37.00 17.62
CA SER D 315 -2.97 -36.00 17.93
C SER D 315 -1.66 -36.42 17.27
N VAL D 316 -1.43 -37.69 17.17
CA VAL D 316 -0.17 -38.16 16.55
C VAL D 316 -0.38 -38.19 15.04
N LEU D 317 -1.61 -38.38 14.59
CA LEU D 317 -1.96 -38.45 13.15
C LEU D 317 -1.71 -37.10 12.50
N THR D 318 -2.19 -36.01 13.08
CA THR D 318 -2.02 -34.67 12.46
C THR D 318 -0.54 -34.40 12.23
N VAL D 319 0.31 -34.97 13.03
CA VAL D 319 1.75 -34.69 12.87
C VAL D 319 2.29 -35.56 11.74
N VAL D 320 1.68 -36.68 11.45
CA VAL D 320 2.20 -37.45 10.28
C VAL D 320 1.59 -36.81 9.03
N ASP D 321 0.46 -36.15 9.17
CA ASP D 321 -0.15 -35.46 8.09
C ASP D 321 0.88 -34.43 7.70
N ASP D 322 1.36 -33.67 8.66
CA ASP D 322 2.32 -32.63 8.37
C ASP D 322 3.56 -33.13 7.71
N GLY D 323 4.00 -34.30 8.06
CA GLY D 323 5.25 -34.82 7.50
C GLY D 323 5.12 -35.24 6.06
N TYR D 324 3.97 -35.74 5.70
CA TYR D 324 3.73 -36.18 4.31
C TYR D 324 3.34 -34.98 3.47
N ASP D 325 2.78 -34.00 4.11
CA ASP D 325 2.33 -32.84 3.43
C ASP D 325 3.44 -31.85 3.21
N VAL D 326 4.31 -31.65 4.17
CA VAL D 326 5.28 -30.55 3.95
C VAL D 326 6.69 -30.95 4.34
N TYR D 327 6.91 -31.70 5.39
CA TYR D 327 8.29 -32.03 5.80
C TYR D 327 8.83 -33.20 4.99
N GLY D 328 8.17 -33.70 3.98
CA GLY D 328 8.74 -34.93 3.39
C GLY D 328 9.09 -34.88 1.92
N SER D 329 10.29 -35.36 1.62
CA SER D 329 10.76 -35.51 0.22
C SER D 329 10.13 -36.78 -0.34
N ILE D 330 10.02 -36.93 -1.63
CA ILE D 330 9.32 -38.14 -2.16
C ILE D 330 10.08 -39.39 -1.72
N ASP D 331 11.39 -39.37 -1.66
CA ASP D 331 12.10 -40.54 -1.26
C ASP D 331 11.93 -40.83 0.20
N GLU D 332 12.02 -39.78 1.00
CA GLU D 332 11.90 -39.89 2.47
C GLU D 332 10.52 -40.45 2.81
N LEU D 333 9.50 -40.03 2.10
CA LEU D 333 8.13 -40.49 2.42
C LEU D 333 7.97 -41.93 1.97
N ASP D 334 8.82 -42.41 1.09
CA ASP D 334 8.71 -43.77 0.65
C ASP D 334 9.25 -44.67 1.71
N LEU D 335 10.34 -44.24 2.33
CA LEU D 335 10.95 -45.00 3.42
C LEU D 335 10.04 -44.92 4.65
N TYR D 336 9.46 -43.77 4.90
CA TYR D 336 8.56 -43.65 6.07
C TYR D 336 7.43 -44.67 5.91
N THR D 337 6.88 -44.75 4.71
CA THR D 337 5.76 -45.65 4.40
C THR D 337 6.25 -47.10 4.50
N SER D 338 7.48 -47.33 4.09
CA SER D 338 8.07 -48.69 4.11
C SER D 338 8.27 -49.12 5.55
N SER D 339 8.57 -48.20 6.44
CA SER D 339 8.75 -48.56 7.86
C SER D 339 7.38 -48.83 8.48
N VAL D 340 6.34 -48.19 8.00
CA VAL D 340 5.01 -48.44 8.59
C VAL D 340 4.55 -49.83 8.15
N GLU D 341 4.80 -50.16 6.90
CA GLU D 341 4.41 -51.49 6.38
C GLU D 341 5.10 -52.54 7.23
N ARG D 342 6.33 -52.28 7.61
CA ARG D 342 7.16 -53.21 8.41
C ARG D 342 6.99 -52.94 9.90
N TRP D 343 6.32 -51.87 10.28
CA TRP D 343 6.14 -51.51 11.71
C TRP D 343 7.47 -51.71 12.43
N SER D 344 8.51 -51.12 11.91
CA SER D 344 9.85 -51.27 12.51
C SER D 344 10.49 -49.90 12.67
N CYS D 345 11.13 -49.64 13.79
CA CYS D 345 11.86 -48.36 13.94
C CYS D 345 13.34 -48.66 13.80
N VAL D 346 13.67 -49.81 13.25
CA VAL D 346 15.08 -50.24 13.12
C VAL D 346 15.75 -49.56 11.92
N GLU D 347 15.09 -49.45 10.79
CA GLU D 347 15.77 -48.83 9.64
C GLU D 347 15.21 -47.43 9.37
N ILE D 348 15.35 -46.50 10.29
CA ILE D 348 14.81 -45.14 10.06
C ILE D 348 15.98 -44.17 10.05
N ASP D 349 17.18 -44.63 9.89
CA ASP D 349 18.27 -43.70 9.95
C ASP D 349 18.40 -42.84 8.75
N LYS D 350 17.68 -43.17 7.71
CA LYS D 350 17.78 -42.35 6.49
C LYS D 350 16.70 -41.27 6.54
N LEU D 351 15.86 -41.29 7.55
CA LEU D 351 14.84 -40.25 7.67
C LEU D 351 15.52 -39.03 8.27
N PRO D 352 15.15 -37.83 7.84
CA PRO D 352 15.72 -36.64 8.45
C PRO D 352 15.17 -36.51 9.89
N ASN D 353 15.86 -35.77 10.72
CA ASN D 353 15.50 -35.60 12.14
C ASN D 353 14.01 -35.31 12.34
N THR D 354 13.39 -34.50 11.52
CA THR D 354 11.96 -34.19 11.80
C THR D 354 11.09 -35.40 11.52
N LEU D 355 11.39 -36.17 10.50
CA LEU D 355 10.60 -37.36 10.18
C LEU D 355 10.89 -38.44 11.24
N LYS D 356 12.11 -38.51 11.73
CA LYS D 356 12.42 -39.49 12.80
C LYS D 356 11.58 -39.13 14.02
N LEU D 357 11.50 -37.86 14.37
CA LEU D 357 10.69 -37.43 15.52
C LEU D 357 9.24 -37.83 15.30
N ILE D 358 8.70 -37.57 14.12
CA ILE D 358 7.27 -37.84 13.80
C ILE D 358 7.04 -39.35 13.76
N PHE D 359 7.93 -40.07 13.11
CA PHE D 359 7.77 -41.53 13.02
C PHE D 359 7.70 -42.14 14.41
N MET D 360 8.63 -41.82 15.28
CA MET D 360 8.62 -42.41 16.63
C MET D 360 7.43 -41.87 17.42
N SER D 361 6.96 -40.68 17.20
CA SER D 361 5.78 -40.22 17.97
C SER D 361 4.57 -41.07 17.63
N MET D 362 4.37 -41.43 16.37
CA MET D 362 3.18 -42.24 16.01
C MET D 362 3.46 -43.72 16.26
N PHE D 363 4.72 -44.13 16.20
CA PHE D 363 5.09 -45.53 16.48
C PHE D 363 4.87 -45.79 17.96
N ASN D 364 5.47 -44.98 18.80
CA ASN D 364 5.37 -45.10 20.27
C ASN D 364 3.93 -44.90 20.74
N LYS D 365 3.20 -43.92 20.28
CA LYS D 365 1.85 -43.77 20.87
C LYS D 365 0.97 -44.93 20.43
N THR D 366 1.22 -45.50 19.27
CA THR D 366 0.39 -46.64 18.81
C THR D 366 0.68 -47.82 19.73
N ASN D 367 1.93 -48.22 19.77
CA ASN D 367 2.39 -49.35 20.63
C ASN D 367 1.91 -49.09 22.05
N GLU D 368 2.06 -47.87 22.53
CA GLU D 368 1.64 -47.53 23.91
C GLU D 368 0.14 -47.72 24.02
N VAL D 369 -0.60 -47.64 22.95
CA VAL D 369 -2.06 -47.82 23.07
C VAL D 369 -2.33 -49.31 22.95
N GLY D 370 -1.54 -50.00 22.19
CA GLY D 370 -1.72 -51.44 22.09
C GLY D 370 -1.55 -52.06 23.46
N LEU D 371 -0.46 -51.71 24.12
CA LEU D 371 -0.16 -52.25 25.47
C LEU D 371 -1.28 -51.89 26.42
N ARG D 372 -1.78 -50.68 26.39
CA ARG D 372 -2.87 -50.33 27.34
C ARG D 372 -4.06 -51.20 27.03
N VAL D 373 -4.20 -51.55 25.77
CA VAL D 373 -5.38 -52.31 25.29
C VAL D 373 -5.20 -53.77 25.67
N GLN D 374 -3.99 -54.27 25.57
CA GLN D 374 -3.71 -55.67 25.98
C GLN D 374 -3.77 -55.76 27.50
N HIS D 375 -4.11 -54.68 28.15
CA HIS D 375 -4.20 -54.67 29.62
C HIS D 375 -5.68 -54.71 30.00
N GLU D 376 -6.45 -53.68 29.67
CA GLU D 376 -7.88 -53.62 30.06
C GLU D 376 -8.74 -54.51 29.15
N ARG D 377 -8.19 -55.12 28.12
CA ARG D 377 -9.07 -55.94 27.25
C ARG D 377 -8.44 -57.29 26.96
N GLY D 378 -7.13 -57.42 27.05
CA GLY D 378 -6.50 -58.74 26.86
C GLY D 378 -6.19 -59.11 25.42
N TYR D 379 -6.65 -58.39 24.42
CA TYR D 379 -6.32 -58.82 23.02
C TYR D 379 -5.20 -57.95 22.44
N ASN D 380 -4.46 -58.46 21.46
CA ASN D 380 -3.37 -57.69 20.82
C ASN D 380 -3.94 -56.89 19.66
N SER D 381 -4.03 -55.58 19.75
CA SER D 381 -4.62 -54.76 18.67
C SER D 381 -3.52 -54.23 17.75
N ILE D 382 -2.27 -54.41 18.12
CA ILE D 382 -1.15 -53.88 17.31
C ILE D 382 -1.25 -54.38 15.88
N PRO D 383 -1.73 -55.58 15.66
CA PRO D 383 -1.82 -56.09 14.29
C PRO D 383 -2.81 -55.25 13.48
N THR D 384 -3.88 -54.85 14.13
CA THR D 384 -4.97 -54.07 13.48
C THR D 384 -4.50 -52.65 13.19
N PHE D 385 -3.82 -52.03 14.13
CA PHE D 385 -3.36 -50.64 13.94
C PHE D 385 -2.37 -50.60 12.77
N ILE D 386 -1.54 -51.61 12.63
CA ILE D 386 -0.55 -51.58 11.53
C ILE D 386 -1.32 -51.54 10.21
N LYS D 387 -2.35 -52.34 10.09
CA LYS D 387 -3.13 -52.38 8.84
C LYS D 387 -3.73 -50.99 8.60
N ALA D 388 -4.19 -50.35 9.64
CA ALA D 388 -4.85 -49.03 9.51
C ALA D 388 -3.82 -47.96 9.17
N TRP D 389 -2.67 -47.97 9.82
CA TRP D 389 -1.65 -46.93 9.54
C TRP D 389 -1.09 -47.15 8.14
N VAL D 390 -0.96 -48.38 7.72
CA VAL D 390 -0.38 -48.64 6.37
C VAL D 390 -1.31 -48.01 5.36
N GLU D 391 -2.59 -48.23 5.51
CA GLU D 391 -3.58 -47.65 4.56
C GLU D 391 -3.49 -46.13 4.67
N GLN D 392 -3.53 -45.62 5.87
CA GLN D 392 -3.47 -44.16 6.09
C GLN D 392 -2.23 -43.60 5.41
N CYS D 393 -1.09 -44.17 5.64
CA CYS D 393 0.15 -43.62 5.03
C CYS D 393 0.11 -43.83 3.53
N LYS D 394 -0.39 -44.95 3.06
CA LYS D 394 -0.42 -45.19 1.61
C LYS D 394 -1.26 -44.07 0.98
N SER D 395 -2.42 -43.83 1.54
CA SER D 395 -3.32 -42.79 0.99
C SER D 395 -2.57 -41.46 0.93
N TYR D 396 -1.92 -41.06 2.00
CA TYR D 396 -1.16 -39.79 1.99
C TYR D 396 -0.11 -39.87 0.89
N GLN D 397 0.59 -40.99 0.78
CA GLN D 397 1.63 -41.12 -0.26
C GLN D 397 0.99 -40.91 -1.63
N LYS D 398 -0.21 -41.39 -1.83
CA LYS D 398 -0.89 -41.24 -3.14
C LYS D 398 -1.15 -39.75 -3.41
N GLU D 399 -1.77 -39.06 -2.48
CA GLU D 399 -2.09 -37.63 -2.69
C GLU D 399 -0.81 -36.88 -3.02
N ALA D 400 0.18 -37.03 -2.17
CA ALA D 400 1.47 -36.33 -2.32
C ALA D 400 2.09 -36.63 -3.67
N ARG D 401 1.90 -37.83 -4.20
CA ARG D 401 2.48 -38.16 -5.52
C ARG D 401 1.64 -37.46 -6.58
N TRP D 402 0.41 -37.14 -6.27
CA TRP D 402 -0.45 -36.43 -7.24
C TRP D 402 -0.04 -34.95 -7.23
N PHE D 403 -0.07 -34.33 -6.07
CA PHE D 403 0.26 -32.89 -5.93
C PHE D 403 1.70 -32.62 -6.33
N HIS D 404 2.56 -33.63 -6.34
CA HIS D 404 3.98 -33.38 -6.73
C HIS D 404 4.16 -33.69 -8.21
N GLY D 405 3.22 -34.40 -8.80
CA GLY D 405 3.34 -34.68 -10.25
C GLY D 405 2.44 -33.75 -11.02
N GLY D 406 1.81 -32.82 -10.34
CA GLY D 406 0.87 -31.91 -11.01
C GLY D 406 -0.20 -32.71 -11.72
N HIS D 407 -1.10 -33.33 -10.97
CA HIS D 407 -2.12 -34.19 -11.61
C HIS D 407 -3.42 -34.17 -10.81
N THR D 408 -4.55 -34.16 -11.48
CA THR D 408 -5.85 -34.18 -10.79
C THR D 408 -6.62 -35.36 -11.38
N PRO D 409 -6.84 -36.43 -10.61
CA PRO D 409 -7.51 -37.58 -11.18
C PRO D 409 -9.03 -37.43 -11.08
N PRO D 410 -9.75 -38.40 -11.58
CA PRO D 410 -11.20 -38.39 -11.55
C PRO D 410 -11.69 -38.31 -10.11
N LEU D 411 -12.96 -38.01 -9.93
CA LEU D 411 -13.58 -37.87 -8.59
C LEU D 411 -13.62 -39.22 -7.88
N GLU D 412 -13.93 -40.29 -8.58
CA GLU D 412 -14.06 -41.60 -7.92
C GLU D 412 -12.69 -42.10 -7.47
N GLU D 413 -11.68 -41.92 -8.29
CA GLU D 413 -10.33 -42.42 -7.91
C GLU D 413 -9.84 -41.61 -6.71
N TYR D 414 -10.27 -40.38 -6.60
CA TYR D 414 -9.84 -39.51 -5.48
C TYR D 414 -10.77 -39.76 -4.31
N SER D 415 -12.02 -40.02 -4.58
CA SER D 415 -12.97 -40.25 -3.46
C SER D 415 -12.51 -41.47 -2.67
N LEU D 416 -12.15 -42.53 -3.38
CA LEU D 416 -11.74 -43.81 -2.75
C LEU D 416 -10.43 -43.63 -1.98
N ASN D 417 -9.56 -42.76 -2.41
CA ASN D 417 -8.29 -42.61 -1.65
C ASN D 417 -8.47 -41.53 -0.58
N GLY D 418 -9.42 -40.64 -0.76
CA GLY D 418 -9.65 -39.51 0.16
C GLY D 418 -10.51 -39.89 1.33
N LEU D 419 -11.19 -41.02 1.24
CA LEU D 419 -12.00 -41.48 2.39
C LEU D 419 -11.03 -42.16 3.38
N VAL D 420 -9.85 -42.49 2.92
CA VAL D 420 -8.87 -43.13 3.82
C VAL D 420 -7.95 -42.03 4.34
N SER D 421 -7.49 -41.18 3.45
CA SER D 421 -6.57 -40.07 3.79
C SER D 421 -7.24 -39.08 4.73
N ILE D 422 -8.54 -39.19 4.94
CA ILE D 422 -9.21 -38.25 5.88
C ILE D 422 -8.88 -38.69 7.31
N GLY D 423 -8.56 -39.96 7.50
CA GLY D 423 -8.13 -40.46 8.82
C GLY D 423 -9.23 -41.07 9.67
N PHE D 424 -10.48 -41.04 9.24
CA PHE D 424 -11.56 -41.60 10.09
C PHE D 424 -11.58 -43.13 10.09
N PRO D 425 -11.05 -43.76 9.06
CA PRO D 425 -11.05 -45.20 9.17
C PRO D 425 -10.13 -45.57 10.34
N LEU D 426 -8.93 -45.04 10.33
CA LEU D 426 -7.95 -45.30 11.41
C LEU D 426 -8.53 -44.83 12.74
N LEU D 427 -9.07 -43.65 12.77
CA LEU D 427 -9.65 -43.12 14.03
C LEU D 427 -10.82 -44.01 14.44
N LEU D 428 -11.64 -44.41 13.50
CA LEU D 428 -12.84 -45.23 13.80
C LEU D 428 -12.41 -46.66 14.12
N ILE D 429 -11.40 -47.16 13.45
CA ILE D 429 -10.89 -48.51 13.80
C ILE D 429 -10.31 -48.39 15.20
N THR D 430 -9.78 -47.23 15.51
CA THR D 430 -9.17 -47.00 16.84
C THR D 430 -10.27 -47.14 17.90
N GLY D 431 -11.42 -46.57 17.66
CA GLY D 431 -12.52 -46.70 18.62
C GLY D 431 -13.12 -48.09 18.56
N TYR D 432 -12.89 -48.83 17.50
CA TYR D 432 -13.47 -50.20 17.45
C TYR D 432 -12.67 -51.06 18.42
N VAL D 433 -11.38 -50.83 18.46
CA VAL D 433 -10.43 -51.57 19.33
C VAL D 433 -10.76 -51.35 20.80
N ALA D 434 -11.34 -50.24 21.21
CA ALA D 434 -11.68 -50.01 22.62
C ALA D 434 -13.04 -50.62 22.95
N ILE D 435 -13.77 -51.16 22.01
CA ILE D 435 -15.11 -51.71 22.39
C ILE D 435 -15.32 -53.08 21.74
N ALA D 436 -14.35 -53.60 21.03
CA ALA D 436 -14.51 -54.92 20.40
C ALA D 436 -14.55 -56.01 21.46
N GLU D 437 -15.33 -57.05 21.27
CA GLU D 437 -15.35 -58.16 22.26
C GLU D 437 -14.54 -59.30 21.65
N ASN D 438 -13.31 -59.49 22.10
CA ASN D 438 -12.32 -60.53 21.69
C ASN D 438 -11.54 -60.12 20.44
N GLU D 439 -10.31 -60.59 20.36
CA GLU D 439 -9.32 -60.32 19.29
C GLU D 439 -9.82 -60.82 17.93
N ALA D 440 -10.60 -61.87 17.87
CA ALA D 440 -11.04 -62.31 16.53
C ALA D 440 -12.01 -61.25 15.99
N ALA D 441 -12.69 -60.56 16.88
CA ALA D 441 -13.65 -59.54 16.42
C ALA D 441 -12.92 -58.44 15.65
N LEU D 442 -11.67 -58.23 15.94
CA LEU D 442 -10.86 -57.17 15.29
C LEU D 442 -10.78 -57.42 13.78
N ASP D 443 -10.83 -58.68 13.40
CA ASP D 443 -10.70 -59.13 12.02
C ASP D 443 -11.75 -58.61 11.13
N LYS D 444 -12.85 -58.19 11.73
CA LYS D 444 -14.03 -57.69 11.00
C LYS D 444 -13.75 -56.28 10.50
N VAL D 445 -12.56 -55.79 10.66
CA VAL D 445 -12.31 -54.37 10.27
C VAL D 445 -11.39 -54.33 9.06
N HIS D 446 -10.83 -55.45 8.68
CA HIS D 446 -10.01 -55.50 7.46
C HIS D 446 -10.61 -56.56 6.54
N PRO D 447 -10.78 -56.27 5.25
CA PRO D 447 -10.71 -54.97 4.61
C PRO D 447 -11.79 -54.06 5.19
N LEU D 448 -11.71 -52.78 4.92
CA LEU D 448 -12.65 -51.79 5.51
C LEU D 448 -14.10 -52.07 5.11
N PRO D 449 -14.94 -52.36 6.07
CA PRO D 449 -16.34 -52.65 5.80
C PRO D 449 -17.05 -51.41 5.24
N ASP D 450 -18.30 -51.56 4.89
CA ASP D 450 -19.05 -50.49 4.28
C ASP D 450 -19.42 -49.40 5.24
N LEU D 451 -19.63 -49.75 6.50
CA LEU D 451 -20.02 -48.72 7.49
C LEU D 451 -18.93 -47.68 7.63
N LEU D 452 -17.68 -48.06 7.64
CA LEU D 452 -16.59 -47.07 7.81
C LEU D 452 -16.35 -46.38 6.48
N HIS D 453 -16.46 -47.12 5.42
CA HIS D 453 -16.22 -46.63 4.04
C HIS D 453 -17.17 -45.48 3.74
N TYR D 454 -18.42 -45.57 4.14
CA TYR D 454 -19.36 -44.48 3.78
C TYR D 454 -19.27 -43.35 4.81
N SER D 455 -19.16 -43.67 6.07
CA SER D 455 -19.03 -42.58 7.06
C SER D 455 -17.70 -41.87 6.81
N SER D 456 -16.69 -42.59 6.41
CA SER D 456 -15.37 -41.94 6.16
C SER D 456 -15.44 -41.07 4.91
N LEU D 457 -16.18 -41.50 3.90
CA LEU D 457 -16.30 -40.74 2.64
C LEU D 457 -17.14 -39.50 2.91
N LEU D 458 -18.15 -39.62 3.74
CA LEU D 458 -18.99 -38.44 4.08
C LEU D 458 -18.11 -37.39 4.74
N SER D 459 -17.23 -37.81 5.61
CA SER D 459 -16.34 -36.87 6.34
C SER D 459 -15.35 -36.24 5.36
N ARG D 460 -14.88 -36.98 4.39
CA ARG D 460 -13.93 -36.45 3.39
C ARG D 460 -14.63 -35.38 2.57
N LEU D 461 -15.76 -35.70 1.99
CA LEU D 461 -16.51 -34.74 1.16
C LEU D 461 -16.97 -33.56 2.01
N ILE D 462 -17.50 -33.78 3.21
CA ILE D 462 -17.99 -32.63 4.02
C ILE D 462 -16.82 -31.68 4.30
N ASN D 463 -15.65 -32.22 4.51
CA ASN D 463 -14.45 -31.40 4.81
C ASN D 463 -14.02 -30.67 3.54
N ASP D 464 -14.19 -31.30 2.41
CA ASP D 464 -13.79 -30.69 1.18
C ASP D 464 -14.63 -29.46 0.95
N ILE D 465 -15.90 -29.57 1.29
CA ILE D 465 -16.87 -28.46 1.07
C ILE D 465 -16.61 -27.32 2.06
N GLY D 466 -16.12 -27.59 3.25
CA GLY D 466 -15.88 -26.53 4.25
C GLY D 466 -14.55 -25.86 4.01
N THR D 467 -13.73 -26.44 3.15
CA THR D 467 -12.40 -25.89 2.81
C THR D 467 -12.48 -25.21 1.43
N SER D 468 -12.63 -23.90 1.40
CA SER D 468 -12.71 -23.13 0.14
C SER D 468 -11.56 -23.53 -0.79
N ASP D 476 -2.71 -24.63 -4.95
CA ASP D 476 -3.37 -24.77 -3.66
C ASP D 476 -3.51 -26.24 -3.32
N ASN D 477 -4.68 -26.66 -2.85
CA ASN D 477 -4.85 -28.10 -2.51
C ASN D 477 -5.82 -28.75 -3.50
N LEU D 478 -5.73 -30.06 -3.63
CA LEU D 478 -6.58 -30.81 -4.59
C LEU D 478 -7.77 -31.44 -3.86
N LYS D 479 -8.96 -30.87 -3.98
CA LYS D 479 -10.15 -31.41 -3.28
C LYS D 479 -11.14 -32.00 -4.28
N SER D 480 -12.21 -32.60 -3.81
CA SER D 480 -13.19 -33.29 -4.67
C SER D 480 -13.82 -32.32 -5.66
N ILE D 481 -14.12 -31.11 -5.22
CA ILE D 481 -14.75 -30.11 -6.11
C ILE D 481 -13.90 -29.98 -7.36
N HIS D 482 -12.68 -29.53 -7.16
CA HIS D 482 -11.69 -29.36 -8.24
C HIS D 482 -11.64 -30.62 -9.10
N CYS D 483 -11.64 -31.78 -8.51
CA CYS D 483 -11.55 -33.05 -9.27
C CYS D 483 -12.75 -33.21 -10.20
N TYR D 484 -13.92 -32.87 -9.72
CA TYR D 484 -15.13 -33.02 -10.56
C TYR D 484 -15.09 -31.96 -11.65
N MET D 485 -14.67 -30.77 -11.29
CA MET D 485 -14.59 -29.62 -12.23
C MET D 485 -13.65 -29.95 -13.38
N ASN D 486 -12.53 -30.57 -13.08
CA ASN D 486 -11.52 -30.91 -14.12
C ASN D 486 -11.95 -32.20 -14.80
N GLU D 487 -13.04 -32.80 -14.38
CA GLU D 487 -13.44 -34.08 -15.02
C GLU D 487 -14.69 -33.84 -15.87
N THR D 488 -15.45 -32.81 -15.59
CA THR D 488 -16.66 -32.50 -16.38
C THR D 488 -16.60 -31.06 -16.85
N GLY D 489 -15.65 -30.29 -16.35
CA GLY D 489 -15.50 -28.88 -16.73
C GLY D 489 -16.60 -28.02 -16.17
N ALA D 490 -17.28 -28.46 -15.11
CA ALA D 490 -18.39 -27.69 -14.53
C ALA D 490 -17.86 -26.48 -13.77
N SER D 491 -18.73 -25.57 -13.40
CA SER D 491 -18.28 -24.37 -12.65
C SER D 491 -18.16 -24.76 -11.19
N GLU D 492 -17.22 -24.16 -10.49
CA GLU D 492 -16.98 -24.46 -9.07
C GLU D 492 -18.32 -24.43 -8.35
N GLU D 493 -19.15 -23.44 -8.65
CA GLU D 493 -20.47 -23.34 -7.98
C GLU D 493 -21.34 -24.53 -8.37
N VAL D 494 -21.17 -25.08 -9.56
CA VAL D 494 -22.05 -26.21 -9.97
C VAL D 494 -21.48 -27.53 -9.42
N ALA D 495 -20.18 -27.67 -9.39
CA ALA D 495 -19.56 -28.90 -8.84
C ALA D 495 -19.88 -28.96 -7.37
N ARG D 496 -19.71 -27.83 -6.70
CA ARG D 496 -19.97 -27.72 -5.25
C ARG D 496 -21.39 -28.19 -5.00
N GLU D 497 -22.33 -27.83 -5.85
CA GLU D 497 -23.71 -28.31 -5.61
C GLU D 497 -23.77 -29.81 -5.94
N HIS D 498 -22.98 -30.28 -6.88
CA HIS D 498 -22.98 -31.72 -7.20
C HIS D 498 -22.44 -32.50 -6.01
N ILE D 499 -21.35 -32.04 -5.42
CA ILE D 499 -20.76 -32.72 -4.23
C ILE D 499 -21.79 -32.76 -3.11
N LYS D 500 -22.52 -31.69 -2.88
CA LYS D 500 -23.59 -31.67 -1.85
C LYS D 500 -24.56 -32.83 -2.12
N GLY D 501 -24.99 -33.04 -3.36
CA GLY D 501 -25.89 -34.16 -3.68
C GLY D 501 -25.24 -35.48 -3.39
N VAL D 502 -23.95 -35.61 -3.65
CA VAL D 502 -23.18 -36.87 -3.39
C VAL D 502 -23.14 -37.11 -1.89
N ILE D 503 -23.03 -36.06 -1.09
CA ILE D 503 -23.04 -36.19 0.39
C ILE D 503 -24.45 -36.64 0.79
N GLU D 504 -25.49 -36.09 0.18
CA GLU D 504 -26.87 -36.47 0.53
C GLU D 504 -27.14 -37.92 0.12
N GLU D 505 -26.54 -38.38 -0.96
CA GLU D 505 -26.76 -39.76 -1.43
C GLU D 505 -25.98 -40.72 -0.53
N ASN D 506 -24.77 -40.36 -0.14
CA ASN D 506 -23.96 -41.28 0.70
C ASN D 506 -24.57 -41.41 2.09
N TRP D 507 -25.20 -40.36 2.59
CA TRP D 507 -25.87 -40.44 3.91
C TRP D 507 -26.92 -41.55 3.82
N LYS D 508 -27.72 -41.54 2.78
CA LYS D 508 -28.74 -42.58 2.55
C LYS D 508 -28.06 -43.95 2.59
N ILE D 509 -26.97 -44.14 1.89
CA ILE D 509 -26.28 -45.46 1.92
C ILE D 509 -25.91 -45.75 3.37
N LEU D 510 -25.18 -44.84 3.98
CA LEU D 510 -24.73 -44.97 5.38
C LEU D 510 -25.91 -45.30 6.29
N ASN D 511 -27.00 -44.58 6.18
CA ASN D 511 -28.20 -44.84 7.02
C ASN D 511 -28.57 -46.32 6.89
N GLN D 512 -28.36 -46.88 5.72
CA GLN D 512 -28.72 -48.30 5.47
C GLN D 512 -27.72 -49.21 6.17
N CYS D 513 -26.46 -48.85 6.17
CA CYS D 513 -25.46 -49.69 6.83
C CYS D 513 -25.70 -49.64 8.34
N CYS D 514 -26.42 -48.64 8.80
CA CYS D 514 -26.60 -48.49 10.26
C CYS D 514 -27.93 -49.05 10.73
N PHE D 515 -29.00 -48.94 9.97
CA PHE D 515 -30.31 -49.39 10.50
C PHE D 515 -30.92 -50.54 9.70
N ASP D 516 -30.29 -51.01 8.65
CA ASP D 516 -30.88 -52.10 7.92
C ASP D 516 -30.07 -53.34 8.06
N GLN D 517 -30.32 -54.08 9.12
CA GLN D 517 -29.59 -55.34 9.43
C GLN D 517 -28.10 -55.06 9.23
N SER D 518 -27.55 -54.15 9.99
CA SER D 518 -26.12 -53.80 9.82
C SER D 518 -25.25 -54.94 10.31
N GLN D 519 -23.98 -54.94 9.92
CA GLN D 519 -23.04 -55.99 10.35
C GLN D 519 -22.36 -55.55 11.65
N PHE D 520 -22.75 -54.41 12.17
CA PHE D 520 -22.15 -53.90 13.43
C PHE D 520 -23.27 -53.59 14.42
N GLN D 521 -22.93 -53.22 15.63
CA GLN D 521 -24.01 -52.90 16.59
C GLN D 521 -23.62 -51.67 17.39
N GLU D 522 -24.53 -51.16 18.17
CA GLU D 522 -24.18 -50.03 19.05
C GLU D 522 -23.14 -50.56 20.03
N PRO D 523 -22.21 -49.75 20.46
CA PRO D 523 -22.31 -48.33 20.21
C PRO D 523 -21.40 -47.90 19.06
N PHE D 524 -20.82 -48.83 18.33
CA PHE D 524 -19.92 -48.48 17.21
C PHE D 524 -20.72 -47.77 16.13
N ILE D 525 -21.92 -48.25 15.88
CA ILE D 525 -22.79 -47.65 14.84
C ILE D 525 -22.91 -46.15 15.11
N THR D 526 -23.15 -45.76 16.35
CA THR D 526 -23.31 -44.32 16.63
C THR D 526 -21.94 -43.65 16.63
N PHE D 527 -20.88 -44.40 16.86
CA PHE D 527 -19.55 -43.77 16.79
C PHE D 527 -19.39 -43.25 15.37
N ASN D 528 -19.71 -44.12 14.42
CA ASN D 528 -19.62 -43.84 12.97
C ASN D 528 -20.54 -42.70 12.60
N LEU D 529 -21.76 -42.71 13.09
CA LEU D 529 -22.73 -41.64 12.78
C LEU D 529 -22.21 -40.33 13.37
N ASN D 530 -21.65 -40.41 14.56
CA ASN D 530 -21.18 -39.22 15.30
C ASN D 530 -19.95 -38.64 14.64
N SER D 531 -19.08 -39.47 14.09
CA SER D 531 -17.87 -38.94 13.44
C SER D 531 -18.29 -38.10 12.25
N VAL D 532 -19.34 -38.47 11.57
CA VAL D 532 -19.78 -37.69 10.39
C VAL D 532 -20.58 -36.50 10.90
N ARG D 533 -21.17 -36.59 12.07
CA ARG D 533 -21.96 -35.45 12.58
C ARG D 533 -20.95 -34.42 13.07
N GLY D 534 -19.77 -34.87 13.44
CA GLY D 534 -18.71 -33.96 13.89
C GLY D 534 -18.25 -33.16 12.69
N SER D 535 -18.07 -33.84 11.58
CA SER D 535 -17.66 -33.21 10.30
C SER D 535 -18.67 -32.11 10.00
N HIS D 536 -19.94 -32.39 10.18
CA HIS D 536 -20.99 -31.37 9.92
C HIS D 536 -20.83 -30.22 10.90
N PHE D 537 -20.44 -30.47 12.13
CA PHE D 537 -20.32 -29.35 13.10
C PHE D 537 -19.13 -28.47 12.77
N PHE D 538 -17.99 -29.04 12.42
CA PHE D 538 -16.79 -28.22 12.17
C PHE D 538 -16.79 -27.62 10.76
N TYR D 539 -17.62 -28.06 9.83
CA TYR D 539 -17.54 -27.47 8.48
C TYR D 539 -18.89 -26.93 8.06
N GLU D 540 -19.71 -26.50 8.98
CA GLU D 540 -21.07 -26.02 8.65
C GLU D 540 -21.00 -24.66 7.95
N PHE D 541 -20.04 -23.81 8.29
CA PHE D 541 -19.96 -22.47 7.67
C PHE D 541 -18.53 -22.14 7.27
N GLY D 542 -17.72 -23.12 6.96
CA GLY D 542 -16.31 -22.84 6.59
C GLY D 542 -15.38 -23.78 7.33
N ASP D 543 -14.19 -23.34 7.66
CA ASP D 543 -13.27 -24.18 8.37
C ASP D 543 -13.26 -23.92 9.85
N GLY D 544 -14.11 -24.65 10.57
CA GLY D 544 -14.26 -24.52 12.03
C GLY D 544 -13.22 -25.31 12.77
N PHE D 545 -12.49 -26.12 12.05
CA PHE D 545 -11.38 -26.91 12.62
C PHE D 545 -10.13 -26.45 11.88
N GLY D 546 -9.02 -26.23 12.51
CA GLY D 546 -7.87 -25.75 11.72
C GLY D 546 -7.64 -24.28 11.96
N VAL D 547 -8.68 -23.60 12.41
CA VAL D 547 -8.56 -22.16 12.73
C VAL D 547 -9.07 -21.99 14.17
N THR D 548 -8.38 -21.31 15.03
CA THR D 548 -8.95 -21.09 16.38
C THR D 548 -9.86 -19.86 16.33
N ASP D 549 -10.72 -19.69 17.32
CA ASP D 549 -11.63 -18.56 17.37
C ASP D 549 -12.52 -18.46 16.14
N SER D 550 -13.02 -19.59 15.70
CA SER D 550 -13.99 -19.61 14.58
C SER D 550 -15.40 -19.60 15.15
N TRP D 551 -16.41 -19.73 14.34
CA TRP D 551 -17.78 -19.71 14.91
C TRP D 551 -17.95 -20.92 15.83
N THR D 552 -17.04 -21.88 15.80
CA THR D 552 -17.23 -23.11 16.60
C THR D 552 -16.75 -22.90 18.02
N LYS D 553 -16.09 -21.81 18.30
CA LYS D 553 -15.61 -21.61 19.68
C LYS D 553 -16.82 -21.50 20.61
N VAL D 554 -17.91 -20.93 20.16
CA VAL D 554 -19.08 -20.76 21.05
C VAL D 554 -19.54 -22.11 21.58
N ASP D 555 -19.66 -23.11 20.73
CA ASP D 555 -20.17 -24.39 21.14
C ASP D 555 -19.15 -25.23 21.82
N MET D 556 -17.90 -25.09 21.44
CA MET D 556 -16.87 -25.92 22.10
C MET D 556 -16.66 -25.39 23.51
N LYS D 557 -16.97 -24.14 23.73
CA LYS D 557 -16.76 -23.52 25.06
C LYS D 557 -17.87 -23.95 26.01
N SER D 558 -19.10 -23.93 25.57
CA SER D 558 -20.22 -24.29 26.46
C SER D 558 -20.32 -25.80 26.61
N VAL D 559 -19.71 -26.58 25.76
CA VAL D 559 -19.84 -28.05 25.89
C VAL D 559 -18.60 -28.59 26.61
N LEU D 560 -17.48 -27.93 26.49
CA LEU D 560 -16.26 -28.49 27.10
C LEU D 560 -15.74 -27.60 28.21
N ILE D 561 -16.09 -26.33 28.24
CA ILE D 561 -15.44 -25.47 29.28
C ILE D 561 -16.45 -24.93 30.28
N ASP D 562 -17.56 -24.38 29.86
CA ASP D 562 -18.48 -23.83 30.81
C ASP D 562 -19.49 -24.80 31.33
N PRO D 563 -19.62 -24.87 32.64
CA PRO D 563 -20.62 -25.71 33.32
C PRO D 563 -21.95 -24.95 33.31
N ILE D 564 -23.06 -25.64 33.39
CA ILE D 564 -24.36 -24.92 33.37
C ILE D 564 -24.63 -24.48 34.81
N PRO D 565 -25.00 -23.23 35.02
CA PRO D 565 -25.29 -22.78 36.36
C PRO D 565 -26.55 -23.47 36.90
N LEU D 566 -26.53 -23.88 38.15
CA LEU D 566 -27.69 -24.58 38.75
C LEU D 566 -28.36 -23.68 39.80
#